data_8XVF
#
_entry.id   8XVF
#
_cell.length_a   83.516
_cell.length_b   154.074
_cell.length_c   100.781
_cell.angle_alpha   90.000
_cell.angle_beta   108.320
_cell.angle_gamma   90.000
#
_symmetry.space_group_name_H-M   'P 1 21 1'
#
loop_
_entity.id
_entity.type
_entity.pdbx_description
1 polymer Calreticulin
2 non-polymer 'CALCIUM ION'
3 water water
#
_entity_poly.entity_id   1
_entity_poly.type   'polypeptide(L)'
_entity_poly.pdbx_seq_one_letter_code
;MGSSHHHHHHSSGENLYFQGGSEPTIYLKETFDDGDAWKERWVQSKHKDDYGEWQLSHGKLFADENDMGLKTMQDARFYS
LSRKFDKVVDNKDKPLVIVYTVKHEQDIDCGGGYIKLMLENTDLEDFNSDTPYRIMFGPDICGPEKRAVHSILWHDGKNY
EKRKNAIAMADIFTHAYKLIIFPNNSYEIWVNNDKEAYGRLEDDWTMTEPGSGPVPELYRYKGLGAIGFELWQVKSGTIF
DNILITDDPEYAKEFIDKQLEALRPIEKVESDK
;
_entity_poly.pdbx_strand_id   A,B,C,D,E,F,G,H
#
# COMPACT_ATOMS: atom_id res chain seq x y z
N SER A 22 35.95 31.17 3.20
CA SER A 22 34.84 30.51 2.53
C SER A 22 33.54 30.73 3.30
N GLU A 23 32.42 30.17 2.81
CA GLU A 23 31.34 30.63 3.69
C GLU A 23 31.05 29.57 4.75
N PRO A 24 30.88 30.01 5.98
CA PRO A 24 30.86 29.07 7.11
C PRO A 24 29.72 28.08 7.01
N THR A 25 30.05 26.80 7.24
CA THR A 25 29.03 25.77 7.35
C THR A 25 28.34 25.86 8.71
N ILE A 26 27.03 25.89 8.70
CA ILE A 26 26.22 25.96 9.92
C ILE A 26 25.53 24.60 10.05
N TYR A 27 26.09 23.74 10.88
CA TYR A 27 25.49 22.42 11.13
C TYR A 27 24.27 22.51 12.01
N LEU A 28 24.25 23.48 12.92
CA LEU A 28 23.13 23.65 13.84
C LEU A 28 23.18 25.08 14.33
N LYS A 29 22.03 25.73 14.36
CA LYS A 29 21.91 27.05 14.97
C LYS A 29 20.56 27.08 15.64
N GLU A 30 20.57 27.25 16.96
CA GLU A 30 19.34 27.23 17.73
C GLU A 30 19.37 28.37 18.75
N THR A 31 18.47 29.33 18.60
CA THR A 31 18.36 30.45 19.50
C THR A 31 16.97 30.59 20.10
N PHE A 32 16.05 29.66 19.81
CA PHE A 32 14.74 29.59 20.46
C PHE A 32 13.96 30.89 20.32
N ASP A 33 14.14 31.59 19.20
CA ASP A 33 13.56 32.91 19.06
C ASP A 33 12.50 32.99 17.95
N ASP A 34 12.13 31.87 17.35
CA ASP A 34 11.06 31.92 16.36
C ASP A 34 9.78 31.31 16.92
N GLY A 35 9.31 31.88 18.04
CA GLY A 35 8.02 31.47 18.60
C GLY A 35 7.99 30.02 19.06
N ASP A 36 6.90 29.34 18.75
CA ASP A 36 6.66 27.95 19.14
C ASP A 36 7.35 26.93 18.26
N ALA A 37 8.15 27.38 17.29
CA ALA A 37 8.68 26.45 16.30
C ALA A 37 9.65 25.44 16.91
N TRP A 38 10.30 25.78 18.03
CA TRP A 38 11.24 24.83 18.61
C TRP A 38 10.52 23.53 18.96
N LYS A 39 9.20 23.59 19.20
CA LYS A 39 8.48 22.38 19.57
C LYS A 39 8.34 21.40 18.41
N GLU A 40 8.65 21.80 17.17
CA GLU A 40 8.64 20.84 16.06
C GLU A 40 10.05 20.42 15.65
N ARG A 41 11.08 20.98 16.26
CA ARG A 41 12.45 20.53 16.04
C ARG A 41 12.91 19.58 17.12
N TRP A 42 12.61 19.92 18.37
CA TRP A 42 13.07 19.16 19.51
C TRP A 42 12.06 18.09 19.88
N VAL A 43 12.57 16.91 20.20
CA VAL A 43 11.77 15.75 20.59
C VAL A 43 11.93 15.55 22.07
N GLN A 44 10.82 15.42 22.80
CA GLN A 44 10.83 15.00 24.20
C GLN A 44 10.87 13.48 24.24
N SER A 45 11.91 12.91 24.85
CA SER A 45 12.05 11.46 24.89
C SER A 45 10.90 10.83 25.68
N LYS A 46 10.48 9.65 25.25
CA LYS A 46 9.44 8.93 25.96
C LYS A 46 9.99 7.73 26.70
N HIS A 47 11.31 7.69 26.89
CA HIS A 47 11.94 6.58 27.59
C HIS A 47 11.53 6.51 29.06
N LYS A 48 11.23 7.64 29.67
CA LYS A 48 10.78 7.64 31.04
C LYS A 48 9.47 8.41 31.06
N ASP A 49 8.61 8.02 31.99
CA ASP A 49 7.31 8.65 32.10
C ASP A 49 7.32 9.94 32.90
N ASP A 50 8.37 10.22 33.65
CA ASP A 50 8.38 11.39 34.53
C ASP A 50 9.52 12.33 34.16
N TYR A 51 9.79 12.46 32.87
CA TYR A 51 10.85 13.36 32.46
C TYR A 51 10.54 14.81 32.81
N GLY A 52 11.59 15.55 33.18
CA GLY A 52 11.40 16.94 33.49
C GLY A 52 10.85 17.66 32.29
N GLU A 53 10.25 18.81 32.57
CA GLU A 53 9.45 19.58 31.60
C GLU A 53 10.09 20.92 31.26
N TRP A 54 10.03 21.28 30.01
CA TRP A 54 10.75 22.42 29.47
C TRP A 54 9.86 23.57 29.06
N GLN A 55 10.48 24.75 29.01
CA GLN A 55 9.72 25.94 28.71
C GLN A 55 10.66 27.03 28.23
N LEU A 56 10.12 27.90 27.38
CA LEU A 56 10.83 29.08 26.94
C LEU A 56 10.71 30.18 27.99
N SER A 57 11.78 30.96 28.12
CA SER A 57 11.82 32.02 29.11
C SER A 57 12.94 32.99 28.72
N HIS A 58 12.73 34.27 29.02
CA HIS A 58 13.75 35.28 28.80
C HIS A 58 14.60 35.48 30.05
N GLY A 59 14.23 34.87 31.15
CA GLY A 59 15.04 34.90 32.35
C GLY A 59 14.70 36.07 33.26
N LYS A 60 15.30 36.04 34.44
CA LYS A 60 15.18 37.14 35.38
C LYS A 60 15.80 38.41 34.82
N LEU A 61 17.08 38.35 34.45
CA LEU A 61 17.79 39.45 33.82
C LEU A 61 17.75 39.27 32.32
N PHE A 62 17.19 40.24 31.61
CA PHE A 62 17.16 40.20 30.16
C PHE A 62 17.26 41.60 29.60
N ALA A 63 17.62 41.67 28.32
CA ALA A 63 17.67 42.89 27.53
C ALA A 63 16.41 43.06 26.71
N ASP A 64 16.01 41.99 26.07
CA ASP A 64 14.83 41.95 25.22
C ASP A 64 13.87 40.97 25.85
N GLU A 65 12.65 41.45 26.19
CA GLU A 65 11.65 40.50 26.69
C GLU A 65 11.24 39.49 25.62
N ASN A 66 11.85 39.58 24.44
CA ASN A 66 11.62 38.67 23.34
C ASN A 66 12.77 37.70 23.09
N ASP A 67 13.94 37.90 23.70
CA ASP A 67 15.02 36.91 23.64
C ASP A 67 14.72 35.78 24.63
N MET A 68 14.44 34.58 24.12
CA MET A 68 14.06 33.42 24.92
C MET A 68 15.14 32.35 24.90
N GLY A 69 15.24 31.64 26.02
CA GLY A 69 16.06 30.44 26.11
C GLY A 69 15.21 29.26 26.53
N LEU A 70 15.87 28.10 26.60
CA LEU A 70 15.22 26.85 27.02
C LEU A 70 15.42 26.63 28.53
N LYS A 71 14.32 26.37 29.23
CA LYS A 71 14.34 26.40 30.69
C LYS A 71 13.79 25.12 31.32
N THR A 72 14.50 24.62 32.32
CA THR A 72 14.02 23.48 33.11
C THR A 72 13.06 23.98 34.18
N MET A 73 11.91 23.33 34.29
CA MET A 73 10.83 23.87 35.11
C MET A 73 10.56 23.10 36.37
N GLN A 74 11.08 21.88 36.51
CA GLN A 74 10.72 21.01 37.63
C GLN A 74 11.96 20.58 38.42
N ASP A 75 11.85 20.63 39.75
CA ASP A 75 12.91 20.18 40.65
C ASP A 75 12.96 18.65 40.72
N ALA A 76 14.17 18.13 40.91
CA ALA A 76 14.44 16.69 41.12
C ALA A 76 13.90 15.81 39.99
N ARG A 77 14.34 16.11 38.78
CA ARG A 77 13.89 15.37 37.61
C ARG A 77 15.03 15.12 36.64
N PHE A 78 14.87 14.07 35.86
CA PHE A 78 15.68 13.84 34.67
C PHE A 78 15.10 14.59 33.49
N TYR A 79 15.97 15.07 32.64
CA TYR A 79 15.56 15.71 31.41
C TYR A 79 16.15 14.95 30.22
N SER A 80 15.41 14.96 29.10
CA SER A 80 15.85 14.25 27.91
C SER A 80 15.12 14.83 26.71
N LEU A 81 15.76 15.78 26.02
CA LEU A 81 15.18 16.46 24.88
C LEU A 81 16.27 16.64 23.83
N SER A 82 16.00 16.22 22.59
CA SER A 82 17.02 16.15 21.57
C SER A 82 16.45 16.64 20.26
N ARG A 83 17.32 16.73 19.26
CA ARG A 83 17.01 17.40 18.00
C ARG A 83 18.07 17.06 16.98
N LYS A 84 17.70 17.04 15.70
CA LYS A 84 18.65 16.75 14.63
C LYS A 84 19.43 18.01 14.22
N PHE A 85 20.63 17.79 13.70
CA PHE A 85 21.34 18.91 13.11
C PHE A 85 20.58 19.40 11.88
N ASP A 86 20.83 20.66 11.51
CA ASP A 86 20.36 21.13 10.21
C ASP A 86 21.03 20.36 9.09
N LYS A 87 22.31 20.06 9.27
CA LYS A 87 23.19 19.35 8.34
C LYS A 87 24.07 18.38 9.09
N VAL A 88 24.27 17.19 8.54
CA VAL A 88 25.15 16.25 9.22
C VAL A 88 26.62 16.69 9.09
N VAL A 89 27.41 16.40 10.13
CA VAL A 89 28.81 16.82 10.25
C VAL A 89 29.73 15.78 9.62
N ASP A 90 30.75 16.26 8.91
CA ASP A 90 31.96 15.48 8.61
C ASP A 90 33.12 16.47 8.70
N ASN A 91 33.87 16.44 9.80
CA ASN A 91 34.88 17.45 10.01
C ASN A 91 36.27 17.05 9.45
N LYS A 92 36.33 16.03 8.58
CA LYS A 92 37.58 15.68 7.89
C LYS A 92 38.19 16.90 7.22
N ASP A 93 39.39 17.27 7.65
CA ASP A 93 40.16 18.40 7.11
C ASP A 93 39.49 19.76 7.35
N LYS A 94 38.60 19.87 8.32
CA LYS A 94 38.01 21.15 8.70
C LYS A 94 37.95 21.20 10.19
N PRO A 95 37.90 22.40 10.79
CA PRO A 95 37.63 22.48 12.22
C PRO A 95 36.19 22.10 12.49
N LEU A 96 35.94 21.78 13.76
CA LEU A 96 34.59 21.57 14.28
C LEU A 96 34.48 22.43 15.51
N VAL A 97 33.50 23.34 15.51
CA VAL A 97 33.28 24.31 16.59
C VAL A 97 31.91 24.04 17.19
N ILE A 98 31.85 23.84 18.51
CA ILE A 98 30.60 23.60 19.24
C ILE A 98 30.48 24.67 20.32
N VAL A 99 29.38 25.42 20.31
CA VAL A 99 29.26 26.47 21.31
C VAL A 99 27.81 26.71 21.71
N TYR A 100 27.60 27.09 22.97
CA TYR A 100 26.28 27.43 23.46
C TYR A 100 26.43 28.15 24.79
N THR A 101 25.30 28.65 25.30
CA THR A 101 25.28 29.42 26.55
C THR A 101 24.44 28.72 27.60
N VAL A 102 24.91 28.79 28.86
CA VAL A 102 24.24 28.25 30.03
C VAL A 102 24.05 29.38 31.02
N LYS A 103 22.85 29.50 31.56
CA LYS A 103 22.58 30.46 32.61
C LYS A 103 21.90 29.74 33.77
N HIS A 104 22.64 29.53 34.85
CA HIS A 104 22.08 28.94 36.07
C HIS A 104 21.50 30.06 36.95
N GLU A 105 20.45 30.70 36.43
CA GLU A 105 19.90 31.88 37.09
C GLU A 105 19.26 31.55 38.41
N GLN A 106 18.91 30.29 38.65
CA GLN A 106 18.30 29.82 39.89
C GLN A 106 19.29 29.69 41.05
N ASP A 107 20.58 29.91 40.81
CA ASP A 107 21.62 29.56 41.78
C ASP A 107 21.67 28.06 42.06
N ILE A 108 22.22 27.30 41.12
CA ILE A 108 22.08 25.85 41.13
C ILE A 108 22.90 25.25 42.27
N ASP A 109 22.32 24.26 42.93
CA ASP A 109 23.05 23.49 43.93
C ASP A 109 23.69 22.26 43.30
N CYS A 110 22.89 21.46 42.61
CA CYS A 110 23.38 20.24 41.97
C CYS A 110 22.59 20.03 40.68
N GLY A 111 23.27 19.99 39.55
CA GLY A 111 22.58 19.74 38.29
C GLY A 111 23.54 19.81 37.12
N GLY A 112 23.17 19.12 36.06
CA GLY A 112 23.94 19.20 34.85
C GLY A 112 23.59 20.44 34.03
N GLY A 113 24.53 20.82 33.15
CA GLY A 113 24.29 21.92 32.24
C GLY A 113 24.95 21.66 30.91
N TYR A 114 25.22 20.38 30.66
CA TYR A 114 26.00 19.94 29.51
C TYR A 114 25.09 19.34 28.45
N ILE A 115 25.63 19.28 27.23
CA ILE A 115 24.91 18.74 26.08
C ILE A 115 25.56 17.43 25.62
N LYS A 116 24.77 16.64 24.91
CA LYS A 116 25.25 15.41 24.31
C LYS A 116 25.12 15.47 22.78
N LEU A 117 26.20 15.14 22.08
CA LEU A 117 26.26 15.13 20.62
C LEU A 117 26.33 13.69 20.11
N MET A 118 25.40 13.31 19.21
CA MET A 118 25.25 11.92 18.77
C MET A 118 25.25 11.78 17.26
N LEU A 119 25.33 10.52 16.80
CA LEU A 119 25.24 10.19 15.39
C LEU A 119 23.85 10.47 14.83
N GLU A 120 23.79 10.74 13.53
CA GLU A 120 22.61 11.30 12.88
C GLU A 120 21.39 10.38 12.92
N ASN A 121 21.56 9.06 13.03
CA ASN A 121 20.39 8.19 12.99
C ASN A 121 19.97 7.72 14.38
N THR A 122 20.17 8.56 15.38
CA THR A 122 19.72 8.26 16.73
C THR A 122 18.22 8.41 16.83
N ASP A 123 17.61 7.47 17.52
CA ASP A 123 16.18 7.49 17.79
C ASP A 123 15.91 8.46 18.93
N LEU A 124 15.45 9.67 18.59
CA LEU A 124 15.28 10.70 19.61
C LEU A 124 14.10 10.42 20.52
N GLU A 125 13.14 9.60 20.07
CA GLU A 125 11.99 9.34 20.93
C GLU A 125 12.36 8.45 22.10
N ASP A 126 13.53 7.81 22.06
CA ASP A 126 14.04 7.00 23.15
C ASP A 126 15.36 7.51 23.74
N PHE A 127 15.79 8.72 23.40
CA PHE A 127 17.06 9.25 23.92
C PHE A 127 17.08 9.25 25.44
N ASN A 128 18.20 8.82 26.01
CA ASN A 128 18.35 8.77 27.48
C ASN A 128 19.83 8.58 27.81
N SER A 129 20.12 8.47 29.12
CA SER A 129 21.48 8.32 29.62
C SER A 129 22.23 7.15 29.00
N ASP A 130 21.52 6.11 28.60
CA ASP A 130 22.19 4.93 28.06
C ASP A 130 22.33 4.97 26.56
N THR A 131 21.68 5.92 25.90
CA THR A 131 21.86 6.08 24.46
C THR A 131 23.33 6.31 24.15
N PRO A 132 23.88 5.65 23.15
CA PRO A 132 25.24 5.99 22.73
C PRO A 132 25.29 7.46 22.32
N TYR A 133 26.41 8.09 22.65
CA TYR A 133 26.72 9.47 22.24
C TYR A 133 28.20 9.55 21.85
N ARG A 134 28.55 10.58 21.07
CA ARG A 134 29.94 10.82 20.68
C ARG A 134 30.67 11.82 21.58
N ILE A 135 30.05 12.97 21.88
CA ILE A 135 30.66 13.96 22.75
C ILE A 135 29.69 14.32 23.87
N MET A 136 30.22 14.44 25.08
CA MET A 136 29.50 15.06 26.19
C MET A 136 30.31 16.28 26.59
N PHE A 137 29.68 17.46 26.54
CA PHE A 137 30.45 18.67 26.75
C PHE A 137 29.59 19.71 27.46
N GLY A 138 30.15 20.31 28.51
CA GLY A 138 29.47 21.38 29.20
C GLY A 138 29.58 21.25 30.72
N PRO A 139 29.08 22.26 31.44
CA PRO A 139 29.29 22.33 32.89
C PRO A 139 28.46 21.32 33.68
N ASP A 140 29.03 20.93 34.83
CA ASP A 140 28.40 20.02 35.79
C ASP A 140 28.73 20.53 37.18
N ILE A 141 27.70 20.93 37.93
CA ILE A 141 27.88 21.48 39.27
C ILE A 141 27.12 20.62 40.28
N CYS A 142 27.80 20.29 41.39
CA CYS A 142 27.15 19.63 42.52
C CYS A 142 28.02 19.92 43.74
N GLY A 143 27.66 20.97 44.45
CA GLY A 143 28.41 21.48 45.57
C GLY A 143 29.56 22.36 45.12
N PRO A 144 30.22 23.02 46.07
CA PRO A 144 31.36 23.91 45.70
C PRO A 144 32.65 23.16 45.34
N GLU A 145 32.81 21.86 45.64
CA GLU A 145 33.92 21.15 44.98
C GLU A 145 33.74 20.77 43.52
N LYS A 146 32.60 20.23 43.10
CA LYS A 146 32.49 19.73 41.74
C LYS A 146 32.25 20.99 40.91
N ARG A 147 33.22 21.40 40.09
CA ARG A 147 32.86 22.56 39.24
C ARG A 147 33.59 22.28 37.93
N ALA A 148 33.15 21.26 37.22
CA ALA A 148 33.92 20.78 36.10
C ALA A 148 33.15 21.00 34.81
N VAL A 149 33.90 21.22 33.75
CA VAL A 149 33.36 21.25 32.40
C VAL A 149 33.65 19.89 31.80
N HIS A 150 32.62 19.07 31.66
CA HIS A 150 32.79 17.83 30.92
C HIS A 150 33.28 18.11 29.50
N SER A 151 34.04 17.15 28.99
CA SER A 151 34.75 17.28 27.74
C SER A 151 35.04 15.87 27.23
N ILE A 152 33.98 15.10 27.05
CA ILE A 152 34.09 13.65 26.83
C ILE A 152 34.07 13.39 25.34
N LEU A 153 35.09 12.70 24.86
CA LEU A 153 35.21 12.47 23.42
C LEU A 153 35.04 10.99 23.14
N TRP A 154 35.10 10.64 21.87
CA TRP A 154 34.82 9.30 21.45
C TRP A 154 35.99 8.76 20.64
N HIS A 155 36.30 7.48 20.87
CA HIS A 155 37.31 6.78 20.08
C HIS A 155 37.06 5.29 20.14
N ASP A 156 36.91 4.66 18.99
CA ASP A 156 36.93 3.21 18.86
C ASP A 156 35.91 2.54 19.79
N GLY A 157 34.70 3.07 19.84
CA GLY A 157 33.60 2.43 20.53
C GLY A 157 33.43 2.75 21.98
N LYS A 158 34.15 3.74 22.51
CA LYS A 158 34.12 4.09 23.92
C LYS A 158 34.25 5.58 24.08
N ASN A 159 33.67 6.09 25.17
CA ASN A 159 33.81 7.47 25.56
C ASN A 159 34.96 7.58 26.53
N TYR A 160 35.60 8.75 26.55
CA TYR A 160 36.79 8.97 27.36
C TYR A 160 36.73 10.35 27.97
N GLU A 161 36.86 10.43 29.29
CA GLU A 161 36.89 11.71 29.95
C GLU A 161 38.27 12.36 29.79
N LYS A 162 38.28 13.68 29.63
CA LYS A 162 39.53 14.44 29.64
C LYS A 162 40.30 14.19 30.94
N ARG A 163 41.62 14.34 30.88
CA ARG A 163 42.45 14.03 32.04
C ARG A 163 42.25 15.04 33.13
N LYS A 164 42.25 16.32 32.76
CA LYS A 164 42.03 17.45 33.66
C LYS A 164 40.90 18.26 33.06
N ASN A 165 39.73 18.25 33.68
CA ASN A 165 38.62 18.98 33.10
C ASN A 165 38.78 20.48 33.31
N ALA A 166 38.26 21.26 32.36
CA ALA A 166 38.20 22.70 32.56
C ALA A 166 37.25 23.02 33.72
N ILE A 167 37.43 24.17 34.32
CA ILE A 167 36.66 24.52 35.52
C ILE A 167 35.41 25.28 35.09
N ALA A 168 34.28 24.91 35.65
CA ALA A 168 32.97 25.45 35.31
C ALA A 168 32.62 26.67 36.17
N MET A 169 31.73 27.50 35.62
CA MET A 169 31.23 28.66 36.31
C MET A 169 29.99 28.29 37.12
N ALA A 170 29.93 28.79 38.35
CA ALA A 170 28.82 28.45 39.25
C ALA A 170 27.98 29.67 39.63
N ASP A 171 28.22 30.83 39.02
CA ASP A 171 27.43 31.99 39.38
C ASP A 171 26.06 31.90 38.71
N ILE A 172 25.32 33.01 38.72
CA ILE A 172 23.95 33.03 38.24
C ILE A 172 23.80 33.72 36.89
N PHE A 173 24.88 33.89 36.14
CA PHE A 173 24.83 34.66 34.89
C PHE A 173 25.17 33.80 33.66
N THR A 174 25.11 34.42 32.48
CA THR A 174 25.26 33.70 31.21
C THR A 174 26.72 33.39 30.95
N HIS A 175 26.99 32.14 30.54
CA HIS A 175 28.34 31.71 30.23
C HIS A 175 28.32 30.94 28.93
N ALA A 176 29.23 31.30 28.02
CA ALA A 176 29.36 30.65 26.74
C ALA A 176 30.42 29.57 26.85
N TYR A 177 30.04 28.31 26.62
CA TYR A 177 31.00 27.21 26.65
C TYR A 177 31.26 26.75 25.22
N LYS A 178 32.53 26.62 24.85
CA LYS A 178 32.89 26.35 23.47
C LYS A 178 33.97 25.28 23.40
N LEU A 179 33.77 24.32 22.51
CA LEU A 179 34.74 23.28 22.21
C LEU A 179 35.13 23.35 20.73
N ILE A 180 36.43 23.42 20.45
CA ILE A 180 36.94 23.44 19.09
C ILE A 180 37.86 22.24 18.88
N ILE A 181 37.62 21.49 17.81
CA ILE A 181 38.46 20.35 17.46
C ILE A 181 39.08 20.61 16.09
N PHE A 182 40.45 20.55 16.01
CA PHE A 182 41.15 20.85 14.77
C PHE A 182 41.65 19.58 14.07
N PRO A 183 41.83 19.61 12.73
CA PRO A 183 42.21 18.38 12.01
C PRO A 183 43.66 17.98 12.19
N ASN A 184 44.44 18.74 12.95
CA ASN A 184 45.77 18.30 13.34
C ASN A 184 45.74 17.60 14.69
N ASN A 185 44.55 17.14 15.11
CA ASN A 185 44.34 16.38 16.34
C ASN A 185 44.61 17.25 17.57
N SER A 186 44.22 18.52 17.48
CA SER A 186 44.35 19.44 18.60
C SER A 186 43.00 20.08 18.88
N TYR A 187 42.88 20.71 20.05
CA TYR A 187 41.61 21.22 20.53
C TYR A 187 41.82 22.50 21.38
N GLU A 188 40.76 23.26 21.54
CA GLU A 188 40.67 24.33 22.52
C GLU A 188 39.34 24.19 23.26
N ILE A 189 39.32 24.64 24.53
CA ILE A 189 38.10 24.78 25.32
C ILE A 189 38.04 26.22 25.83
N TRP A 190 36.92 26.89 25.57
CA TRP A 190 36.70 28.27 26.00
C TRP A 190 35.51 28.38 26.95
N VAL A 191 35.65 29.20 27.97
CA VAL A 191 34.53 29.69 28.75
C VAL A 191 34.52 31.20 28.53
N ASN A 192 33.51 31.69 27.82
CA ASN A 192 33.45 33.08 27.35
C ASN A 192 34.70 33.35 26.50
N ASN A 193 35.43 34.44 26.72
CA ASN A 193 36.57 34.74 25.87
C ASN A 193 37.88 34.37 26.54
N ASP A 194 37.84 33.43 27.49
CA ASP A 194 39.02 32.91 28.18
C ASP A 194 39.23 31.48 27.70
N LYS A 195 40.41 31.19 27.16
CA LYS A 195 40.73 29.84 26.69
C LYS A 195 41.28 29.00 27.84
N GLU A 196 40.43 28.16 28.43
CA GLU A 196 40.83 27.44 29.64
C GLU A 196 41.69 26.22 29.39
N ALA A 197 41.69 25.66 28.18
CA ALA A 197 42.42 24.44 27.92
C ALA A 197 42.68 24.34 26.42
N TYR A 198 43.76 23.65 26.07
CA TYR A 198 44.11 23.45 24.67
C TYR A 198 45.30 22.51 24.60
N GLY A 199 45.46 21.88 23.46
CA GLY A 199 46.54 20.93 23.33
C GLY A 199 46.16 19.83 22.38
N ARG A 200 46.84 18.71 22.53
CA ARG A 200 46.65 17.59 21.62
C ARG A 200 45.69 16.59 22.21
N LEU A 201 44.85 16.02 21.35
CA LEU A 201 43.92 14.99 21.79
C LEU A 201 44.64 13.81 22.43
N GLU A 202 45.78 13.40 21.86
CA GLU A 202 46.46 12.19 22.34
C GLU A 202 47.02 12.35 23.74
N ASP A 203 47.37 13.57 24.13
CA ASP A 203 48.00 13.78 25.44
C ASP A 203 46.98 14.10 26.52
N ASP A 204 46.01 14.96 26.24
CA ASP A 204 45.15 15.47 27.30
C ASP A 204 43.96 14.57 27.61
N TRP A 205 43.78 13.51 26.84
CA TRP A 205 42.90 12.38 27.12
C TRP A 205 43.73 11.11 27.17
N THR A 206 43.06 10.01 27.46
CA THR A 206 43.65 8.68 27.43
C THR A 206 42.97 7.80 26.39
N MET A 207 42.64 8.37 25.24
CA MET A 207 42.03 7.60 24.16
C MET A 207 43.04 6.67 23.52
N THR A 208 44.33 6.98 23.68
CA THR A 208 45.42 6.28 23.03
C THR A 208 46.34 5.59 24.04
N GLU A 209 47.25 4.77 23.52
CA GLU A 209 48.29 4.21 24.37
C GLU A 209 49.18 5.35 24.86
N PRO A 210 49.68 5.28 26.10
CA PRO A 210 50.31 6.47 26.72
C PRO A 210 51.50 7.01 25.95
N GLY A 211 52.36 6.14 25.40
CA GLY A 211 53.49 6.60 24.61
C GLY A 211 53.07 7.31 23.33
N SER A 212 53.93 8.20 22.85
CA SER A 212 53.50 9.07 21.75
C SER A 212 53.46 8.30 20.44
N GLY A 213 52.42 8.57 19.66
CA GLY A 213 52.16 7.92 18.39
C GLY A 213 50.95 8.55 17.73
N PRO A 214 50.81 8.32 16.43
CA PRO A 214 49.76 8.99 15.67
C PRO A 214 48.48 8.17 15.64
N VAL A 215 47.37 8.86 15.86
CA VAL A 215 46.04 8.31 15.58
C VAL A 215 45.36 9.30 14.64
N PRO A 216 45.59 9.15 13.33
CA PRO A 216 45.33 10.26 12.39
C PRO A 216 43.89 10.81 12.40
N GLU A 217 42.86 9.99 12.58
CA GLU A 217 41.50 10.49 12.52
C GLU A 217 40.85 10.56 13.91
N LEU A 218 41.66 10.68 14.96
CA LEU A 218 41.11 10.81 16.32
C LEU A 218 40.15 11.99 16.41
N TYR A 219 40.49 13.09 15.73
CA TYR A 219 39.67 14.30 15.75
C TYR A 219 38.34 14.14 15.01
N ARG A 220 38.15 13.06 14.27
CA ARG A 220 37.09 13.03 13.28
C ARG A 220 35.78 12.52 13.87
N TYR A 221 34.68 13.23 13.60
CA TYR A 221 33.33 12.89 14.03
C TYR A 221 32.37 12.86 12.84
N LYS A 222 32.65 11.95 11.90
CA LYS A 222 31.82 11.86 10.71
C LYS A 222 30.45 11.27 11.05
N GLY A 223 29.39 11.92 10.61
CA GLY A 223 28.04 11.44 10.88
C GLY A 223 27.40 12.04 12.10
N LEU A 224 28.09 12.91 12.81
CA LEU A 224 27.49 13.62 13.94
C LEU A 224 26.31 14.46 13.47
N GLY A 225 25.15 14.26 14.09
CA GLY A 225 23.95 14.90 13.59
C GLY A 225 22.84 15.20 14.58
N ALA A 226 23.09 14.99 15.88
CA ALA A 226 22.03 15.22 16.85
C ALA A 226 22.62 15.81 18.12
N ILE A 227 21.87 16.71 18.74
CA ILE A 227 22.21 17.29 20.03
C ILE A 227 21.08 16.99 21.01
N GLY A 228 21.44 16.70 22.25
CA GLY A 228 20.45 16.40 23.25
C GLY A 228 20.88 16.93 24.60
N PHE A 229 19.88 17.27 25.41
CA PHE A 229 20.08 17.59 26.81
C PHE A 229 19.59 16.37 27.58
N GLU A 230 20.53 15.67 28.20
CA GLU A 230 20.26 14.46 28.97
C GLU A 230 20.81 14.78 30.35
N LEU A 231 19.93 15.21 31.25
CA LEU A 231 20.35 15.91 32.45
C LEU A 231 19.56 15.46 33.67
N TRP A 232 20.21 15.59 34.82
CA TRP A 232 19.52 15.57 36.10
C TRP A 232 19.67 16.94 36.75
N GLN A 233 18.60 17.44 37.32
CA GLN A 233 18.70 18.66 38.10
C GLN A 233 17.94 18.52 39.41
N VAL A 234 18.54 19.03 40.49
CA VAL A 234 17.87 19.17 41.77
C VAL A 234 17.10 20.48 41.73
N LYS A 235 17.76 21.60 41.98
CA LYS A 235 17.12 22.90 41.83
C LYS A 235 17.13 23.31 40.35
N SER A 236 15.97 23.29 39.70
CA SER A 236 15.91 23.54 38.29
C SER A 236 15.84 25.03 38.00
N GLY A 237 15.73 25.39 36.72
CA GLY A 237 15.61 26.79 36.33
C GLY A 237 16.72 27.33 35.45
N THR A 238 17.59 26.42 34.98
CA THR A 238 18.69 26.77 34.09
C THR A 238 18.16 27.15 32.70
N ILE A 239 18.78 28.14 32.07
CA ILE A 239 18.41 28.58 30.72
C ILE A 239 19.55 28.29 29.75
N PHE A 240 19.25 27.53 28.67
CA PHE A 240 20.18 27.31 27.56
C PHE A 240 19.80 28.12 26.33
N ASP A 241 20.82 28.58 25.60
CA ASP A 241 20.60 29.41 24.42
C ASP A 241 21.82 29.33 23.49
N ASN A 242 21.65 29.94 22.32
CA ASN A 242 22.73 30.33 21.42
C ASN A 242 23.61 29.13 21.05
N ILE A 243 22.95 28.08 20.57
CA ILE A 243 23.61 26.83 20.21
C ILE A 243 24.06 26.92 18.75
N LEU A 244 25.37 26.83 18.54
CA LEU A 244 25.94 26.87 17.22
C LEU A 244 26.88 25.69 17.03
N ILE A 245 26.75 24.99 15.93
CA ILE A 245 27.76 24.02 15.53
C ILE A 245 28.20 24.38 14.11
N THR A 246 29.49 24.71 13.95
CA THR A 246 29.98 25.24 12.70
C THR A 246 31.41 24.73 12.44
N ASP A 247 31.91 25.03 11.24
CA ASP A 247 33.31 24.78 10.92
C ASP A 247 34.16 26.04 11.00
N ASP A 248 33.60 27.17 11.44
CA ASP A 248 34.27 28.46 11.40
C ASP A 248 34.50 29.04 12.79
N PRO A 249 35.70 28.93 13.36
CA PRO A 249 35.92 29.51 14.69
C PRO A 249 35.68 30.99 14.74
N GLU A 250 35.94 31.72 13.66
CA GLU A 250 35.74 33.17 13.71
C GLU A 250 34.25 33.53 13.66
N TYR A 251 33.48 32.81 12.84
CA TYR A 251 32.05 33.04 12.85
C TYR A 251 31.44 32.71 14.22
N ALA A 252 31.97 31.69 14.90
CA ALA A 252 31.48 31.32 16.23
C ALA A 252 31.74 32.41 17.27
N LYS A 253 32.93 33.03 17.24
CA LYS A 253 33.18 34.12 18.18
C LYS A 253 32.30 35.30 17.82
N GLU A 254 32.14 35.56 16.53
CA GLU A 254 31.29 36.65 16.12
C GLU A 254 29.83 36.39 16.50
N PHE A 255 29.36 35.15 16.29
CA PHE A 255 27.95 34.84 16.52
C PHE A 255 27.58 35.00 17.99
N ILE A 256 28.43 34.47 18.88
CA ILE A 256 28.17 34.59 20.30
C ILE A 256 28.30 36.05 20.74
N ASP A 257 29.33 36.73 20.27
CA ASP A 257 29.52 38.13 20.67
C ASP A 257 28.29 38.96 20.32
N LYS A 258 27.72 38.73 19.15
CA LYS A 258 26.52 39.46 18.77
C LYS A 258 25.32 39.03 19.62
N GLN A 259 25.14 37.72 19.84
CA GLN A 259 23.97 37.24 20.57
C GLN A 259 23.94 37.74 22.02
N LEU A 260 25.11 37.90 22.65
CA LEU A 260 25.17 38.35 24.04
C LEU A 260 25.43 39.84 24.17
N GLU A 261 25.47 40.56 23.04
CA GLU A 261 25.87 41.97 22.99
C GLU A 261 25.08 42.82 23.95
N ALA A 262 23.75 42.64 23.95
CA ALA A 262 22.84 43.37 24.83
C ALA A 262 22.86 42.81 26.25
N LEU A 263 22.97 41.49 26.40
CA LEU A 263 22.80 40.88 27.72
C LEU A 263 23.99 41.15 28.62
N ARG A 264 25.20 41.01 28.10
CA ARG A 264 26.42 41.18 28.88
C ARG A 264 26.44 42.41 29.80
N PRO A 265 26.15 43.62 29.32
CA PRO A 265 26.18 44.78 30.24
C PRO A 265 25.13 44.70 31.32
N ILE A 266 23.92 44.26 30.97
CA ILE A 266 22.86 44.07 31.97
C ILE A 266 23.34 43.16 33.10
N GLU A 267 23.96 42.04 32.75
CA GLU A 267 24.43 41.15 33.82
C GLU A 267 25.63 41.76 34.54
N LYS A 268 26.54 42.43 33.81
CA LYS A 268 27.70 43.01 34.47
C LYS A 268 27.30 44.03 35.53
N VAL A 269 26.23 44.77 35.27
CA VAL A 269 25.74 45.73 36.25
C VAL A 269 25.34 45.00 37.52
N GLU A 270 24.68 43.85 37.36
CA GLU A 270 24.20 43.09 38.50
C GLU A 270 25.33 42.45 39.29
N SER A 271 26.38 41.97 38.61
CA SER A 271 27.49 41.36 39.37
C SER A 271 28.24 42.36 40.21
N ASP A 272 28.20 43.65 39.84
CA ASP A 272 29.07 44.63 40.50
C ASP A 272 28.28 45.47 41.51
N SER B 22 15.36 -11.27 -0.25
CA SER B 22 14.90 -10.10 0.50
C SER B 22 15.19 -9.98 2.04
N GLU B 23 14.68 -8.86 2.61
CA GLU B 23 15.11 -8.32 3.91
C GLU B 23 13.92 -8.70 4.79
N PRO B 24 13.94 -9.31 6.01
CA PRO B 24 12.64 -9.66 6.67
C PRO B 24 11.85 -8.37 7.01
N THR B 25 10.54 -8.39 6.67
CA THR B 25 9.63 -7.30 7.03
C THR B 25 9.15 -7.45 8.46
N ILE B 26 9.23 -6.37 9.24
CA ILE B 26 8.85 -6.34 10.65
C ILE B 26 7.59 -5.47 10.77
N TYR B 27 6.41 -6.11 10.78
CA TYR B 27 5.17 -5.36 10.92
C TYR B 27 4.97 -4.86 12.34
N LEU B 28 5.48 -5.61 13.31
CA LEU B 28 5.36 -5.25 14.72
C LEU B 28 6.44 -6.02 15.48
N LYS B 29 7.10 -5.31 16.38
CA LYS B 29 8.02 -5.92 17.35
C LYS B 29 7.85 -5.17 18.67
N GLU B 30 7.41 -5.87 19.71
CA GLU B 30 7.15 -5.26 21.02
C GLU B 30 7.77 -6.15 22.09
N THR B 31 8.80 -5.62 22.76
CA THR B 31 9.50 -6.37 23.79
C THR B 31 9.58 -5.65 25.13
N PHE B 32 8.99 -4.46 25.26
CA PHE B 32 8.82 -3.75 26.55
C PHE B 32 10.15 -3.47 27.26
N ASP B 33 11.22 -3.23 26.51
CA ASP B 33 12.56 -3.12 27.09
C ASP B 33 13.19 -1.74 26.95
N ASP B 34 12.47 -0.76 26.42
CA ASP B 34 12.99 0.61 26.34
C ASP B 34 12.32 1.48 27.39
N GLY B 35 12.49 1.09 28.66
CA GLY B 35 11.98 1.88 29.75
C GLY B 35 10.46 2.01 29.69
N ASP B 36 9.99 3.19 30.00
CA ASP B 36 8.56 3.49 30.04
C ASP B 36 7.98 3.83 28.66
N ALA B 37 8.72 3.60 27.56
CA ALA B 37 8.27 4.05 26.26
C ALA B 37 7.01 3.33 25.79
N TRP B 38 6.79 2.10 26.26
CA TRP B 38 5.60 1.36 25.84
C TRP B 38 4.33 2.13 26.17
N LYS B 39 4.38 2.98 27.20
CA LYS B 39 3.18 3.71 27.60
C LYS B 39 2.77 4.76 26.57
N GLU B 40 3.62 5.06 25.60
CA GLU B 40 3.22 5.97 24.54
C GLU B 40 2.91 5.25 23.23
N ARG B 41 3.13 3.94 23.19
CA ARG B 41 2.71 3.12 22.07
C ARG B 41 1.34 2.53 22.34
N TRP B 42 1.15 1.97 23.54
CA TRP B 42 -0.07 1.27 23.89
C TRP B 42 -1.07 2.26 24.47
N VAL B 43 -2.32 2.11 24.05
CA VAL B 43 -3.42 2.99 24.46
C VAL B 43 -4.32 2.22 25.42
N GLN B 44 -4.53 2.78 26.61
CA GLN B 44 -5.50 2.23 27.53
C GLN B 44 -6.89 2.70 27.11
N SER B 45 -7.78 1.75 26.82
CA SER B 45 -9.11 2.11 26.34
C SER B 45 -9.85 2.92 27.40
N LYS B 46 -10.69 3.84 26.94
CA LYS B 46 -11.54 4.65 27.81
C LYS B 46 -13.01 4.24 27.75
N HIS B 47 -13.28 3.08 27.17
CA HIS B 47 -14.66 2.64 27.03
C HIS B 47 -15.27 2.41 28.40
N LYS B 48 -14.43 1.98 29.36
CA LYS B 48 -14.82 1.74 30.74
C LYS B 48 -13.84 2.31 31.73
N ASP B 49 -14.24 2.19 32.98
CA ASP B 49 -14.00 3.13 34.05
C ASP B 49 -12.75 2.49 34.55
N ASP B 50 -12.94 1.17 34.55
CA ASP B 50 -12.39 0.26 35.51
C ASP B 50 -11.62 -0.83 34.81
N TYR B 51 -10.98 -0.55 33.68
CA TYR B 51 -10.16 -1.56 33.06
C TYR B 51 -8.99 -1.85 34.01
N GLY B 52 -8.55 -3.11 34.04
CA GLY B 52 -7.48 -3.51 34.96
C GLY B 52 -6.16 -2.81 34.71
N GLU B 53 -5.23 -2.91 35.68
CA GLU B 53 -3.94 -2.23 35.58
C GLU B 53 -2.96 -3.05 34.77
N TRP B 54 -2.10 -2.36 34.02
CA TRP B 54 -0.95 -3.01 33.43
C TRP B 54 0.33 -2.46 34.08
N GLN B 55 1.40 -3.23 34.01
CA GLN B 55 2.69 -2.88 34.58
C GLN B 55 3.74 -3.78 33.95
N LEU B 56 4.92 -3.25 33.75
CA LEU B 56 6.03 -4.05 33.26
C LEU B 56 6.64 -4.84 34.40
N SER B 57 7.15 -6.03 34.10
CA SER B 57 7.71 -6.86 35.15
C SER B 57 8.63 -7.90 34.54
N HIS B 58 9.66 -8.29 35.30
CA HIS B 58 10.56 -9.34 34.83
C HIS B 58 10.13 -10.71 35.32
N GLY B 59 9.12 -10.77 36.18
CA GLY B 59 8.57 -12.00 36.68
C GLY B 59 9.33 -12.51 37.89
N LYS B 60 8.71 -13.48 38.56
CA LYS B 60 9.38 -14.18 39.65
C LYS B 60 10.64 -14.87 39.13
N LEU B 61 10.50 -15.61 38.05
CA LEU B 61 11.62 -16.26 37.39
C LEU B 61 12.19 -15.32 36.32
N PHE B 62 13.46 -14.94 36.43
CA PHE B 62 14.00 -14.10 35.37
C PHE B 62 15.49 -14.34 35.16
N ALA B 63 15.95 -13.98 33.97
CA ALA B 63 17.35 -14.02 33.57
C ALA B 63 18.01 -12.65 33.65
N ASP B 64 17.37 -11.65 33.10
CA ASP B 64 17.85 -10.28 33.12
C ASP B 64 16.85 -9.49 33.93
N GLU B 65 17.29 -8.88 35.01
CA GLU B 65 16.39 -8.07 35.83
C GLU B 65 15.89 -6.88 35.04
N ASN B 66 16.40 -6.71 33.82
CA ASN B 66 16.05 -5.62 32.93
C ASN B 66 15.19 -6.07 31.75
N ASP B 67 14.99 -7.38 31.56
CA ASP B 67 14.05 -7.90 30.58
C ASP B 67 12.64 -7.82 31.15
N MET B 68 11.80 -6.99 30.56
CA MET B 68 10.45 -6.80 31.06
C MET B 68 9.42 -7.34 30.07
N GLY B 69 8.31 -7.83 30.64
CA GLY B 69 7.13 -8.19 29.89
C GLY B 69 5.96 -7.37 30.37
N LEU B 70 4.82 -7.56 29.72
CA LEU B 70 3.60 -6.83 30.08
C LEU B 70 2.78 -7.70 31.03
N LYS B 71 2.37 -7.11 32.15
CA LYS B 71 1.81 -7.85 33.28
C LYS B 71 0.46 -7.27 33.71
N THR B 72 -0.48 -8.18 33.98
CA THR B 72 -1.77 -7.80 34.53
C THR B 72 -1.66 -7.67 36.06
N MET B 73 -2.20 -6.59 36.59
CA MET B 73 -1.97 -6.25 37.99
C MET B 73 -3.16 -6.42 38.90
N GLN B 74 -4.37 -6.50 38.35
CA GLN B 74 -5.58 -6.48 39.16
C GLN B 74 -6.45 -7.73 38.93
N ASP B 75 -6.87 -8.36 40.04
CA ASP B 75 -7.71 -9.56 40.00
C ASP B 75 -9.15 -9.24 39.61
N ALA B 76 -9.77 -10.16 38.89
CA ALA B 76 -11.18 -10.08 38.51
C ALA B 76 -11.51 -8.78 37.79
N ARG B 77 -10.85 -8.56 36.65
CA ARG B 77 -11.02 -7.34 35.86
C ARG B 77 -11.00 -7.66 34.38
N PHE B 78 -11.57 -6.76 33.59
CA PHE B 78 -11.36 -6.72 32.14
C PHE B 78 -10.15 -5.87 31.79
N TYR B 79 -9.48 -6.26 30.71
CA TYR B 79 -8.36 -5.51 30.19
C TYR B 79 -8.63 -5.05 28.77
N SER B 80 -8.05 -3.92 28.40
CA SER B 80 -8.26 -3.34 27.07
C SER B 80 -7.07 -2.44 26.78
N LEU B 81 -6.07 -2.99 26.11
CA LEU B 81 -4.85 -2.28 25.79
C LEU B 81 -4.48 -2.59 24.35
N SER B 82 -4.24 -1.56 23.56
CA SER B 82 -4.04 -1.76 22.13
C SER B 82 -2.93 -0.85 21.66
N ARG B 83 -2.54 -1.05 20.40
CA ARG B 83 -1.30 -0.46 19.91
C ARG B 83 -1.30 -0.58 18.39
N LYS B 84 -0.67 0.39 17.71
CA LYS B 84 -0.55 0.32 16.25
C LYS B 84 0.65 -0.52 15.85
N PHE B 85 0.54 -1.19 14.70
CA PHE B 85 1.68 -1.90 14.13
C PHE B 85 2.76 -0.90 13.76
N ASP B 86 4.01 -1.37 13.68
CA ASP B 86 5.04 -0.53 13.10
C ASP B 86 4.76 -0.24 11.62
N LYS B 87 4.31 -1.26 10.88
CA LYS B 87 3.93 -1.16 9.47
C LYS B 87 2.68 -2.00 9.23
N VAL B 88 1.78 -1.48 8.40
CA VAL B 88 0.54 -2.20 8.10
C VAL B 88 0.81 -3.44 7.24
N VAL B 89 0.00 -4.47 7.45
CA VAL B 89 0.19 -5.75 6.81
C VAL B 89 -0.60 -5.79 5.52
N ASP B 90 0.06 -6.29 4.48
CA ASP B 90 -0.59 -6.78 3.26
C ASP B 90 0.21 -8.01 2.88
N ASN B 91 -0.33 -9.20 3.18
CA ASN B 91 0.38 -10.45 2.97
C ASN B 91 0.08 -11.12 1.63
N LYS B 92 -0.42 -10.37 0.63
CA LYS B 92 -0.62 -10.93 -0.70
C LYS B 92 0.67 -11.57 -1.22
N ASP B 93 0.60 -12.86 -1.52
CA ASP B 93 1.71 -13.63 -2.09
C ASP B 93 2.90 -13.72 -1.14
N LYS B 94 2.68 -13.52 0.15
CA LYS B 94 3.72 -13.66 1.16
C LYS B 94 3.16 -14.41 2.36
N PRO B 95 4.03 -15.05 3.14
CA PRO B 95 3.61 -15.59 4.43
C PRO B 95 3.38 -14.48 5.44
N LEU B 96 2.58 -14.82 6.45
CA LEU B 96 2.33 -13.93 7.58
C LEU B 96 2.54 -14.71 8.88
N VAL B 97 3.45 -14.22 9.72
CA VAL B 97 3.80 -14.87 10.99
C VAL B 97 3.42 -13.96 12.15
N ILE B 98 2.72 -14.54 13.13
CA ILE B 98 2.37 -13.89 14.39
C ILE B 98 2.90 -14.76 15.51
N VAL B 99 3.71 -14.19 16.40
CA VAL B 99 4.22 -14.96 17.54
C VAL B 99 4.40 -14.04 18.75
N TYR B 100 4.21 -14.60 19.93
CA TYR B 100 4.42 -13.88 21.17
C TYR B 100 4.54 -14.88 22.30
N THR B 101 4.90 -14.38 23.46
CA THR B 101 5.11 -15.28 24.59
C THR B 101 4.13 -14.95 25.70
N VAL B 102 3.69 -16.01 26.38
CA VAL B 102 2.80 -15.93 27.53
C VAL B 102 3.45 -16.67 28.69
N LYS B 103 3.40 -16.05 29.87
CA LYS B 103 3.80 -16.68 31.12
C LYS B 103 2.65 -16.50 32.11
N HIS B 104 1.95 -17.59 32.43
CA HIS B 104 0.92 -17.58 33.47
C HIS B 104 1.54 -17.90 34.82
N GLU B 105 2.44 -17.03 35.27
CA GLU B 105 3.24 -17.27 36.46
C GLU B 105 2.42 -17.26 37.74
N GLN B 106 1.21 -16.72 37.73
CA GLN B 106 0.36 -16.71 38.92
C GLN B 106 -0.28 -18.06 39.21
N ASP B 107 -0.08 -19.05 38.33
CA ASP B 107 -0.84 -20.30 38.36
C ASP B 107 -2.33 -20.00 38.19
N ILE B 108 -2.66 -19.61 36.96
CA ILE B 108 -3.95 -19.02 36.65
C ILE B 108 -5.05 -20.06 36.79
N ASP B 109 -6.19 -19.64 37.34
CA ASP B 109 -7.36 -20.50 37.38
C ASP B 109 -8.26 -20.27 36.16
N CYS B 110 -8.61 -19.01 35.90
CA CYS B 110 -9.43 -18.70 34.74
C CYS B 110 -9.02 -17.32 34.21
N GLY B 111 -8.56 -17.28 32.98
CA GLY B 111 -8.15 -16.01 32.41
C GLY B 111 -7.71 -16.19 30.98
N GLY B 112 -7.82 -15.11 30.23
CA GLY B 112 -7.36 -15.09 28.87
C GLY B 112 -5.88 -14.77 28.77
N GLY B 113 -5.29 -15.20 27.65
CA GLY B 113 -3.90 -14.93 27.33
C GLY B 113 -3.73 -14.76 25.84
N TYR B 114 -4.80 -14.35 25.17
CA TYR B 114 -4.85 -14.27 23.72
C TYR B 114 -4.78 -12.81 23.27
N ILE B 115 -4.39 -12.59 22.00
CA ILE B 115 -4.31 -11.25 21.43
C ILE B 115 -5.39 -11.08 20.37
N LYS B 116 -5.69 -9.82 20.05
CA LYS B 116 -6.60 -9.48 18.97
C LYS B 116 -5.86 -8.61 17.97
N LEU B 117 -5.93 -8.98 16.69
CA LEU B 117 -5.33 -8.22 15.60
C LEU B 117 -6.44 -7.54 14.82
N MET B 118 -6.30 -6.24 14.60
CA MET B 118 -7.37 -5.41 14.07
C MET B 118 -6.92 -4.68 12.80
N LEU B 119 -7.89 -4.10 12.09
CA LEU B 119 -7.59 -3.25 10.97
C LEU B 119 -6.96 -1.94 11.44
N GLU B 120 -6.20 -1.31 10.55
CA GLU B 120 -5.32 -0.21 10.93
C GLU B 120 -6.07 1.04 11.39
N ASN B 121 -7.30 1.28 10.98
CA ASN B 121 -7.92 2.52 11.40
C ASN B 121 -8.85 2.31 12.59
N THR B 122 -8.51 1.33 13.43
CA THR B 122 -9.29 1.04 14.61
C THR B 122 -9.08 2.13 15.66
N ASP B 123 -10.17 2.53 16.28
CA ASP B 123 -10.15 3.54 17.31
C ASP B 123 -9.69 2.93 18.61
N LEU B 124 -8.43 3.18 18.94
CA LEU B 124 -7.90 2.60 20.15
C LEU B 124 -8.48 3.30 21.38
N GLU B 125 -9.03 4.55 21.28
CA GLU B 125 -9.34 5.20 22.53
C GLU B 125 -10.56 4.52 23.12
N ASP B 126 -11.30 3.79 22.26
CA ASP B 126 -12.56 3.10 22.57
C ASP B 126 -12.50 1.58 22.39
N PHE B 127 -11.30 1.00 22.24
CA PHE B 127 -11.16 -0.46 22.07
C PHE B 127 -11.85 -1.22 23.21
N ASN B 128 -12.59 -2.27 22.86
CA ASN B 128 -13.31 -3.09 23.83
C ASN B 128 -13.76 -4.39 23.14
N SER B 129 -14.46 -5.23 23.91
CA SER B 129 -14.91 -6.54 23.43
C SER B 129 -15.65 -6.49 22.09
N ASP B 130 -16.39 -5.42 21.81
CA ASP B 130 -17.21 -5.38 20.60
C ASP B 130 -16.52 -4.72 19.43
N THR B 131 -15.34 -4.12 19.65
CA THR B 131 -14.58 -3.61 18.52
C THR B 131 -14.40 -4.74 17.52
N PRO B 132 -14.60 -4.50 16.23
CA PRO B 132 -14.31 -5.53 15.25
C PRO B 132 -12.84 -5.92 15.28
N TYR B 133 -12.58 -7.21 15.11
CA TYR B 133 -11.22 -7.70 15.06
C TYR B 133 -11.09 -8.68 13.89
N ARG B 134 -9.87 -8.86 13.40
CA ARG B 134 -9.63 -9.79 12.29
C ARG B 134 -9.18 -11.17 12.74
N ILE B 135 -8.22 -11.25 13.65
CA ILE B 135 -7.74 -12.53 14.15
C ILE B 135 -7.78 -12.50 15.66
N MET B 136 -8.20 -13.61 16.26
CA MET B 136 -8.07 -13.79 17.70
C MET B 136 -7.21 -15.03 17.91
N PHE B 137 -6.08 -14.87 18.59
CA PHE B 137 -5.13 -15.96 18.67
C PHE B 137 -4.49 -15.97 20.06
N GLY B 138 -4.48 -17.15 20.69
CA GLY B 138 -3.79 -17.33 21.94
C GLY B 138 -4.56 -18.15 22.94
N PRO B 139 -3.90 -18.50 24.04
CA PRO B 139 -4.48 -19.46 24.99
C PRO B 139 -5.65 -18.90 25.77
N ASP B 140 -6.57 -19.80 26.12
CA ASP B 140 -7.74 -19.45 26.91
C ASP B 140 -7.92 -20.56 27.93
N ILE B 141 -7.71 -20.23 29.20
CA ILE B 141 -7.74 -21.24 30.26
C ILE B 141 -8.85 -20.87 31.21
N CYS B 142 -9.67 -21.87 31.56
CA CYS B 142 -10.69 -21.69 32.60
C CYS B 142 -11.01 -23.07 33.17
N GLY B 143 -10.49 -23.36 34.35
CA GLY B 143 -10.70 -24.62 34.99
C GLY B 143 -9.83 -25.69 34.36
N PRO B 144 -9.93 -26.92 34.88
CA PRO B 144 -9.12 -28.02 34.35
C PRO B 144 -9.56 -28.55 32.97
N GLU B 145 -10.65 -28.06 32.39
CA GLU B 145 -11.31 -28.81 31.32
C GLU B 145 -11.20 -28.16 29.94
N LYS B 146 -11.19 -26.84 29.84
CA LYS B 146 -10.76 -26.13 28.64
C LYS B 146 -9.28 -25.73 28.74
N ARG B 147 -8.49 -26.00 27.65
CA ARG B 147 -7.12 -25.51 27.53
C ARG B 147 -7.01 -25.18 26.06
N ALA B 148 -7.70 -24.14 25.66
CA ALA B 148 -7.78 -24.02 24.23
C ALA B 148 -6.90 -22.87 23.78
N VAL B 149 -6.37 -23.03 22.58
CA VAL B 149 -5.71 -21.96 21.88
C VAL B 149 -6.72 -21.39 20.91
N HIS B 150 -7.22 -20.19 21.18
CA HIS B 150 -8.06 -19.52 20.21
C HIS B 150 -7.30 -19.32 18.91
N SER B 151 -8.04 -19.40 17.82
CA SER B 151 -7.43 -19.36 16.51
C SER B 151 -8.50 -18.87 15.55
N ILE B 152 -9.03 -17.68 15.83
CA ILE B 152 -10.24 -17.17 15.22
C ILE B 152 -9.85 -16.28 14.04
N LEU B 153 -10.40 -16.57 12.87
CA LEU B 153 -10.08 -15.90 11.63
C LEU B 153 -11.26 -15.08 11.13
N TRP B 154 -11.09 -14.47 9.96
CA TRP B 154 -12.08 -13.55 9.43
C TRP B 154 -12.41 -13.91 7.99
N HIS B 155 -13.69 -13.80 7.63
CA HIS B 155 -14.07 -13.94 6.23
C HIS B 155 -15.41 -13.28 5.99
N ASP B 156 -15.45 -12.37 5.01
CA ASP B 156 -16.70 -11.81 4.51
C ASP B 156 -17.54 -11.22 5.63
N GLY B 157 -16.89 -10.50 6.54
CA GLY B 157 -17.61 -9.74 7.55
C GLY B 157 -17.94 -10.48 8.83
N LYS B 158 -17.39 -11.69 9.01
CA LYS B 158 -17.73 -12.52 10.16
C LYS B 158 -16.45 -13.19 10.64
N ASN B 159 -16.39 -13.46 11.94
CA ASN B 159 -15.29 -14.18 12.54
C ASN B 159 -15.61 -15.68 12.61
N TYR B 160 -14.58 -16.52 12.58
CA TYR B 160 -14.79 -17.95 12.53
C TYR B 160 -13.80 -18.69 13.41
N GLU B 161 -14.28 -19.48 14.36
CA GLU B 161 -13.39 -20.28 15.17
C GLU B 161 -12.92 -21.50 14.40
N LYS B 162 -11.65 -21.88 14.60
CA LYS B 162 -11.13 -23.12 14.08
C LYS B 162 -11.98 -24.28 14.58
N ARG B 163 -12.02 -25.37 13.81
CA ARG B 163 -12.93 -26.46 14.14
C ARG B 163 -12.47 -27.18 15.40
N LYS B 164 -11.18 -27.46 15.50
CA LYS B 164 -10.56 -28.10 16.66
C LYS B 164 -9.36 -27.26 17.07
N ASN B 165 -9.47 -26.61 18.22
CA ASN B 165 -8.39 -25.73 18.65
C ASN B 165 -7.19 -26.51 19.15
N ALA B 166 -6.02 -25.91 19.00
CA ALA B 166 -4.81 -26.42 19.63
C ALA B 166 -4.94 -26.34 21.16
N ILE B 167 -4.12 -27.12 21.85
CA ILE B 167 -4.20 -27.22 23.31
C ILE B 167 -3.27 -26.19 23.93
N ALA B 168 -3.79 -25.45 24.90
CA ALA B 168 -3.00 -24.42 25.54
C ALA B 168 -2.24 -25.00 26.71
N MET B 169 -1.13 -24.34 27.05
CA MET B 169 -0.26 -24.75 28.15
C MET B 169 -0.76 -24.10 29.44
N ALA B 170 -0.73 -24.87 30.53
CA ALA B 170 -1.32 -24.39 31.78
C ALA B 170 -0.34 -24.27 32.95
N ASP B 171 0.98 -24.43 32.73
CA ASP B 171 1.92 -24.25 33.83
C ASP B 171 2.27 -22.77 34.02
N ILE B 172 3.30 -22.50 34.82
CA ILE B 172 3.63 -21.16 35.28
C ILE B 172 4.80 -20.58 34.49
N PHE B 173 5.14 -21.15 33.36
CA PHE B 173 6.34 -20.81 32.62
C PHE B 173 6.00 -20.13 31.31
N THR B 174 7.06 -19.75 30.58
CA THR B 174 6.93 -18.99 29.34
C THR B 174 6.63 -19.92 28.18
N HIS B 175 5.63 -19.57 27.38
CA HIS B 175 5.28 -20.36 26.21
C HIS B 175 5.05 -19.42 25.05
N ALA B 176 5.67 -19.72 23.92
CA ALA B 176 5.57 -18.93 22.69
C ALA B 176 4.50 -19.53 21.79
N TYR B 177 3.49 -18.74 21.50
CA TYR B 177 2.40 -19.14 20.62
C TYR B 177 2.56 -18.45 19.28
N LYS B 178 2.47 -19.23 18.21
CA LYS B 178 2.73 -18.71 16.87
C LYS B 178 1.71 -19.22 15.88
N LEU B 179 1.19 -18.32 15.05
CA LEU B 179 0.27 -18.63 13.98
C LEU B 179 0.92 -18.22 12.67
N ILE B 180 0.98 -19.12 11.70
CA ILE B 180 1.56 -18.82 10.40
C ILE B 180 0.52 -19.05 9.30
N ILE B 181 0.30 -18.04 8.49
CA ILE B 181 -0.65 -18.11 7.38
C ILE B 181 0.12 -17.93 6.09
N PHE B 182 -0.03 -18.91 5.13
CA PHE B 182 0.68 -18.97 3.86
C PHE B 182 -0.21 -18.56 2.70
N PRO B 183 0.35 -18.02 1.61
CA PRO B 183 -0.50 -17.53 0.51
C PRO B 183 -1.13 -18.63 -0.32
N ASN B 184 -0.89 -19.90 -0.02
CA ASN B 184 -1.66 -20.97 -0.67
C ASN B 184 -2.84 -21.44 0.17
N ASN B 185 -3.30 -20.61 1.10
CA ASN B 185 -4.46 -20.89 1.98
C ASN B 185 -4.16 -22.00 2.98
N SER B 186 -2.95 -22.08 3.47
CA SER B 186 -2.58 -23.07 4.47
C SER B 186 -2.01 -22.36 5.69
N TYR B 187 -1.95 -23.10 6.78
CA TYR B 187 -1.55 -22.53 8.05
C TYR B 187 -0.75 -23.57 8.83
N GLU B 188 0.01 -23.06 9.80
CA GLU B 188 0.58 -23.85 10.88
C GLU B 188 0.32 -23.10 12.18
N ILE B 189 0.21 -23.85 13.27
CA ILE B 189 0.19 -23.29 14.62
C ILE B 189 1.26 -24.00 15.45
N TRP B 190 2.15 -23.23 16.06
CA TRP B 190 3.21 -23.77 16.90
C TRP B 190 3.03 -23.30 18.34
N VAL B 191 3.32 -24.20 19.28
CA VAL B 191 3.48 -23.87 20.68
C VAL B 191 4.92 -24.22 21.05
N ASN B 192 5.73 -23.20 21.33
CA ASN B 192 7.19 -23.37 21.45
C ASN B 192 7.67 -23.94 20.11
N ASN B 193 8.41 -25.05 20.09
CA ASN B 193 8.87 -25.56 18.81
C ASN B 193 8.09 -26.78 18.36
N ASP B 194 6.87 -26.93 18.85
CA ASP B 194 6.00 -28.03 18.51
C ASP B 194 4.88 -27.51 17.62
N LYS B 195 4.76 -28.10 16.44
CA LYS B 195 3.76 -27.70 15.45
C LYS B 195 2.47 -28.42 15.80
N GLU B 196 1.60 -27.74 16.52
CA GLU B 196 0.42 -28.38 17.06
C GLU B 196 -0.70 -28.58 16.06
N ALA B 197 -0.69 -27.84 14.95
CA ALA B 197 -1.78 -27.92 14.00
C ALA B 197 -1.26 -27.40 12.66
N TYR B 198 -1.86 -27.90 11.59
CA TYR B 198 -1.51 -27.46 10.25
C TYR B 198 -2.51 -28.07 9.30
N GLY B 199 -2.63 -27.45 8.13
CA GLY B 199 -3.59 -27.88 7.15
C GLY B 199 -4.07 -26.70 6.33
N ARG B 200 -5.26 -26.86 5.77
CA ARG B 200 -5.83 -25.88 4.86
C ARG B 200 -6.84 -25.01 5.57
N LEU B 201 -6.86 -23.71 5.22
CA LEU B 201 -7.88 -22.83 5.78
C LEU B 201 -9.27 -23.34 5.46
N GLU B 202 -9.48 -23.80 4.22
CA GLU B 202 -10.82 -24.21 3.81
C GLU B 202 -11.31 -25.47 4.55
N ASP B 203 -10.38 -26.32 4.98
CA ASP B 203 -10.76 -27.55 5.66
C ASP B 203 -10.85 -27.41 7.18
N ASP B 204 -9.91 -26.71 7.80
CA ASP B 204 -9.85 -26.73 9.25
C ASP B 204 -10.69 -25.64 9.91
N TRP B 205 -11.29 -24.74 9.12
CA TRP B 205 -12.33 -23.80 9.56
C TRP B 205 -13.61 -24.07 8.77
N THR B 206 -14.67 -23.30 9.06
CA THR B 206 -15.94 -23.34 8.31
C THR B 206 -16.24 -21.98 7.66
N MET B 207 -15.19 -21.30 7.20
CA MET B 207 -15.38 -20.00 6.55
C MET B 207 -15.99 -20.17 5.18
N THR B 208 -15.86 -21.36 4.61
CA THR B 208 -16.35 -21.62 3.27
C THR B 208 -17.43 -22.69 3.31
N GLU B 209 -18.06 -22.88 2.16
CA GLU B 209 -19.02 -23.95 1.98
C GLU B 209 -18.31 -25.30 2.13
N PRO B 210 -19.00 -26.30 2.67
CA PRO B 210 -18.33 -27.60 2.94
C PRO B 210 -17.69 -28.24 1.71
N GLY B 211 -18.35 -28.18 0.56
CA GLY B 211 -17.76 -28.75 -0.63
C GLY B 211 -16.48 -28.04 -1.04
N SER B 212 -15.63 -28.76 -1.77
CA SER B 212 -14.30 -28.24 -2.00
C SER B 212 -14.31 -27.33 -3.22
N GLY B 213 -13.59 -26.21 -3.10
CA GLY B 213 -13.55 -25.18 -4.10
C GLY B 213 -12.58 -24.08 -3.72
N PRO B 214 -12.27 -23.20 -4.67
CA PRO B 214 -11.23 -22.18 -4.42
C PRO B 214 -11.79 -20.90 -3.83
N VAL B 215 -11.17 -20.44 -2.75
CA VAL B 215 -11.39 -19.10 -2.18
C VAL B 215 -10.03 -18.42 -2.24
N PRO B 216 -9.68 -17.84 -3.40
CA PRO B 216 -8.28 -17.52 -3.68
C PRO B 216 -7.59 -16.64 -2.62
N GLU B 217 -8.27 -15.66 -2.04
CA GLU B 217 -7.60 -14.75 -1.12
C GLU B 217 -8.06 -14.92 0.34
N LEU B 218 -8.44 -16.15 0.71
CA LEU B 218 -8.79 -16.42 2.11
C LEU B 218 -7.64 -16.06 3.06
N TYR B 219 -6.39 -16.32 2.65
CA TYR B 219 -5.22 -16.07 3.48
C TYR B 219 -4.94 -14.59 3.70
N ARG B 220 -5.57 -13.71 2.94
CA ARG B 220 -5.11 -12.34 2.87
C ARG B 220 -5.77 -11.48 3.94
N TYR B 221 -4.95 -10.76 4.69
CA TYR B 221 -5.39 -9.86 5.74
C TYR B 221 -4.83 -8.47 5.48
N LYS B 222 -5.21 -7.90 4.33
CA LYS B 222 -4.71 -6.60 3.93
C LYS B 222 -5.24 -5.53 4.87
N GLY B 223 -4.34 -4.66 5.35
CA GLY B 223 -4.74 -3.56 6.21
C GLY B 223 -4.68 -3.88 7.68
N LEU B 224 -4.29 -5.10 8.04
CA LEU B 224 -4.09 -5.44 9.44
C LEU B 224 -3.01 -4.52 10.01
N GLY B 225 -3.36 -3.77 11.07
CA GLY B 225 -2.44 -2.77 11.58
C GLY B 225 -2.48 -2.49 13.07
N ALA B 226 -3.22 -3.28 13.86
CA ALA B 226 -3.33 -3.02 15.29
C ALA B 226 -3.39 -4.32 16.08
N ILE B 227 -2.80 -4.28 17.27
CA ILE B 227 -2.84 -5.38 18.24
C ILE B 227 -3.47 -4.88 19.54
N GLY B 228 -4.23 -5.75 20.20
CA GLY B 228 -4.84 -5.41 21.47
C GLY B 228 -4.90 -6.59 22.39
N PHE B 229 -4.85 -6.33 23.70
CA PHE B 229 -5.15 -7.32 24.73
C PHE B 229 -6.55 -7.01 25.27
N GLU B 230 -7.50 -7.89 24.99
CA GLU B 230 -8.89 -7.71 25.41
C GLU B 230 -9.30 -9.00 26.12
N LEU B 231 -9.25 -9.00 27.45
CA LEU B 231 -9.28 -10.22 28.26
C LEU B 231 -10.08 -10.02 29.52
N TRP B 232 -10.51 -11.15 30.07
CA TRP B 232 -10.94 -11.21 31.46
C TRP B 232 -9.95 -12.08 32.22
N GLN B 233 -9.56 -11.63 33.42
CA GLN B 233 -8.70 -12.43 34.29
C GLN B 233 -9.26 -12.47 35.70
N VAL B 234 -9.26 -13.65 36.29
CA VAL B 234 -9.67 -13.83 37.68
C VAL B 234 -8.44 -13.58 38.54
N LYS B 235 -7.59 -14.60 38.68
CA LYS B 235 -6.29 -14.45 39.33
C LYS B 235 -5.34 -13.83 38.30
N SER B 236 -5.05 -12.55 38.46
CA SER B 236 -4.29 -11.84 37.46
C SER B 236 -2.80 -12.09 37.66
N GLY B 237 -1.99 -11.51 36.79
CA GLY B 237 -0.56 -11.68 36.93
C GLY B 237 0.12 -12.32 35.73
N THR B 238 -0.63 -12.44 34.64
CA THR B 238 -0.05 -12.98 33.42
C THR B 238 0.92 -11.97 32.82
N ILE B 239 2.03 -12.46 32.28
CA ILE B 239 3.04 -11.63 31.63
C ILE B 239 3.14 -12.04 30.16
N PHE B 240 2.92 -11.06 29.25
CA PHE B 240 3.08 -11.21 27.81
C PHE B 240 4.37 -10.55 27.35
N ASP B 241 5.01 -11.13 26.34
CA ASP B 241 6.28 -10.59 25.88
C ASP B 241 6.53 -10.99 24.43
N ASN B 242 7.56 -10.40 23.85
CA ASN B 242 8.19 -10.89 22.62
C ASN B 242 7.20 -11.00 21.48
N ILE B 243 6.50 -9.92 21.21
CA ILE B 243 5.47 -9.92 20.18
C ILE B 243 6.15 -9.62 18.85
N LEU B 244 6.09 -10.55 17.93
CA LEU B 244 6.66 -10.37 16.62
C LEU B 244 5.62 -10.69 15.56
N ILE B 245 5.43 -9.76 14.62
CA ILE B 245 4.64 -9.98 13.41
C ILE B 245 5.53 -9.66 12.21
N THR B 246 5.76 -10.67 11.37
CA THR B 246 6.67 -10.55 10.26
C THR B 246 6.16 -11.41 9.10
N ASP B 247 6.84 -11.28 7.96
CA ASP B 247 6.58 -12.14 6.81
C ASP B 247 7.60 -13.24 6.67
N ASP B 248 8.55 -13.35 7.60
CA ASP B 248 9.69 -14.26 7.47
C ASP B 248 9.65 -15.32 8.56
N PRO B 249 9.16 -16.53 8.27
CA PRO B 249 9.06 -17.56 9.30
C PRO B 249 10.37 -17.96 9.91
N GLU B 250 11.46 -17.92 9.14
CA GLU B 250 12.75 -18.28 9.72
C GLU B 250 13.25 -17.16 10.61
N TYR B 251 12.96 -15.91 10.26
CA TYR B 251 13.31 -14.83 11.17
C TYR B 251 12.55 -14.96 12.48
N ALA B 252 11.29 -15.35 12.41
CA ALA B 252 10.50 -15.47 13.63
C ALA B 252 11.06 -16.58 14.52
N LYS B 253 11.59 -17.64 13.91
CA LYS B 253 12.20 -18.71 14.70
C LYS B 253 13.49 -18.23 15.37
N GLU B 254 14.33 -17.47 14.65
CA GLU B 254 15.54 -16.97 15.29
C GLU B 254 15.20 -16.02 16.42
N PHE B 255 14.24 -15.14 16.18
CA PHE B 255 13.94 -14.08 17.14
C PHE B 255 13.46 -14.64 18.46
N ILE B 256 12.55 -15.62 18.44
CA ILE B 256 12.03 -16.12 19.71
C ILE B 256 13.12 -16.88 20.47
N ASP B 257 13.84 -17.75 19.78
CA ASP B 257 14.92 -18.49 20.42
C ASP B 257 15.94 -17.55 21.05
N LYS B 258 16.27 -16.46 20.37
CA LYS B 258 17.21 -15.49 20.94
C LYS B 258 16.65 -14.82 22.19
N GLN B 259 15.39 -14.39 22.12
CA GLN B 259 14.78 -13.72 23.25
C GLN B 259 14.66 -14.64 24.46
N LEU B 260 14.47 -15.94 24.25
CA LEU B 260 14.35 -16.86 25.37
C LEU B 260 15.63 -17.63 25.66
N GLU B 261 16.74 -17.26 25.03
CA GLU B 261 17.99 -18.01 25.17
C GLU B 261 18.42 -18.10 26.63
N ALA B 262 18.43 -16.97 27.33
CA ALA B 262 18.82 -16.96 28.74
C ALA B 262 17.71 -17.54 29.61
N LEU B 263 16.45 -17.27 29.27
CA LEU B 263 15.33 -17.62 30.13
C LEU B 263 15.05 -19.12 30.16
N ARG B 264 14.95 -19.74 28.98
CA ARG B 264 14.61 -21.16 28.87
C ARG B 264 15.37 -22.04 29.86
N PRO B 265 16.70 -21.92 30.03
CA PRO B 265 17.36 -22.81 31.01
C PRO B 265 16.94 -22.54 32.44
N ILE B 266 16.85 -21.27 32.84
CA ILE B 266 16.41 -20.93 34.19
C ILE B 266 15.04 -21.54 34.49
N GLU B 267 14.10 -21.39 33.56
CA GLU B 267 12.76 -21.91 33.80
C GLU B 267 12.78 -23.42 33.81
N LYS B 268 13.61 -24.05 32.99
CA LYS B 268 13.73 -25.51 33.09
C LYS B 268 14.12 -25.91 34.51
N VAL B 269 14.90 -25.06 35.19
CA VAL B 269 15.33 -25.38 36.55
C VAL B 269 14.14 -25.45 37.52
N GLU B 270 13.15 -24.55 37.41
CA GLU B 270 12.05 -24.63 38.35
C GLU B 270 11.20 -25.87 38.11
N SER B 271 10.92 -26.22 36.85
CA SER B 271 10.04 -27.37 36.62
C SER B 271 10.61 -28.67 37.15
N ASP B 272 11.93 -28.77 37.30
CA ASP B 272 12.54 -30.03 37.70
C ASP B 272 13.08 -29.92 39.14
N SER C 22 -41.26 -14.35 -18.14
CA SER C 22 -40.27 -15.09 -17.36
C SER C 22 -40.62 -15.12 -15.87
N GLU C 23 -39.73 -15.73 -15.02
CA GLU C 23 -40.25 -15.86 -13.67
C GLU C 23 -39.48 -14.96 -12.70
N PRO C 24 -40.15 -14.21 -11.80
CA PRO C 24 -39.44 -13.16 -11.01
C PRO C 24 -38.41 -13.69 -10.00
N THR C 25 -37.23 -13.05 -10.02
CA THR C 25 -36.21 -13.24 -8.98
C THR C 25 -36.56 -12.37 -7.78
N ILE C 26 -36.56 -12.97 -6.58
CA ILE C 26 -36.85 -12.26 -5.33
C ILE C 26 -35.54 -12.20 -4.56
N TYR C 27 -34.84 -11.07 -4.64
CA TYR C 27 -33.59 -10.91 -3.88
C TYR C 27 -33.86 -10.69 -2.40
N LEU C 28 -34.97 -10.04 -2.07
CA LEU C 28 -35.31 -9.77 -0.68
C LEU C 28 -36.79 -9.41 -0.59
N LYS C 29 -37.47 -10.03 0.37
CA LYS C 29 -38.83 -9.67 0.72
C LYS C 29 -38.95 -9.80 2.23
N GLU C 30 -39.29 -8.69 2.89
CA GLU C 30 -39.43 -8.67 4.34
C GLU C 30 -40.72 -7.91 4.68
N THR C 31 -41.66 -8.60 5.32
CA THR C 31 -42.92 -7.97 5.74
C THR C 31 -43.18 -8.09 7.24
N PHE C 32 -42.23 -8.65 8.02
CA PHE C 32 -42.31 -8.73 9.47
C PHE C 32 -43.58 -9.43 9.98
N ASP C 33 -44.10 -10.38 9.20
CA ASP C 33 -45.39 -10.97 9.51
C ASP C 33 -45.30 -12.45 9.89
N ASP C 34 -44.10 -12.96 10.08
CA ASP C 34 -43.94 -14.33 10.58
C ASP C 34 -43.55 -14.29 12.04
N GLY C 35 -44.33 -13.60 12.87
CA GLY C 35 -44.04 -13.63 14.29
C GLY C 35 -42.68 -13.04 14.62
N ASP C 36 -41.96 -13.71 15.49
CA ASP C 36 -40.67 -13.24 16.00
C ASP C 36 -39.51 -13.49 15.04
N ALA C 37 -39.77 -14.03 13.86
CA ALA C 37 -38.67 -14.50 13.03
C ALA C 37 -37.77 -13.36 12.59
N TRP C 38 -38.30 -12.14 12.47
CA TRP C 38 -37.48 -11.03 12.01
C TRP C 38 -36.28 -10.82 12.93
N LYS C 39 -36.43 -11.16 14.21
CA LYS C 39 -35.35 -10.96 15.17
C LYS C 39 -34.16 -11.86 14.90
N GLU C 40 -34.29 -12.84 14.03
CA GLU C 40 -33.14 -13.67 13.71
C GLU C 40 -32.54 -13.35 12.36
N ARG C 41 -33.18 -12.51 11.56
CA ARG C 41 -32.62 -12.04 10.29
C ARG C 41 -31.92 -10.71 10.48
N TRP C 42 -32.52 -9.78 11.20
CA TRP C 42 -31.96 -8.44 11.35
C TRP C 42 -31.00 -8.41 12.53
N VAL C 43 -29.88 -7.72 12.33
CA VAL C 43 -28.80 -7.60 13.32
C VAL C 43 -28.82 -6.19 13.90
N GLN C 44 -28.81 -6.10 15.22
CA GLN C 44 -28.65 -4.83 15.91
C GLN C 44 -27.15 -4.53 16.00
N SER C 45 -26.71 -3.43 15.43
CA SER C 45 -25.29 -3.13 15.51
C SER C 45 -24.91 -2.84 16.95
N LYS C 46 -23.71 -3.24 17.35
CA LYS C 46 -23.18 -2.92 18.67
C LYS C 46 -22.03 -1.92 18.57
N HIS C 47 -22.01 -1.16 17.47
CA HIS C 47 -21.03 -0.10 17.32
C HIS C 47 -21.23 1.01 18.33
N LYS C 48 -22.45 1.21 18.79
CA LYS C 48 -22.75 2.23 19.77
C LYS C 48 -23.54 1.57 20.90
N ASP C 49 -23.42 2.13 22.09
CA ASP C 49 -24.18 1.62 23.22
C ASP C 49 -25.54 2.25 23.39
N ASP C 50 -25.84 3.36 22.71
CA ASP C 50 -27.07 4.09 22.92
C ASP C 50 -27.91 4.15 21.64
N TYR C 51 -27.88 3.07 20.86
CA TYR C 51 -28.73 2.97 19.70
C TYR C 51 -30.17 2.82 20.12
N GLY C 52 -31.08 3.40 19.34
CA GLY C 52 -32.50 3.29 19.64
C GLY C 52 -33.00 1.87 19.55
N GLU C 53 -34.17 1.63 20.13
CA GLU C 53 -34.80 0.32 20.16
C GLU C 53 -35.84 0.15 19.05
N TRP C 54 -35.88 -1.05 18.46
CA TRP C 54 -36.91 -1.37 17.47
C TRP C 54 -37.90 -2.37 18.04
N GLN C 55 -39.06 -2.44 17.40
CA GLN C 55 -40.16 -3.27 17.86
C GLN C 55 -41.18 -3.41 16.73
N LEU C 56 -41.90 -4.52 16.73
CA LEU C 56 -42.97 -4.69 15.75
C LEU C 56 -44.23 -4.00 16.20
N SER C 57 -45.01 -3.49 15.25
CA SER C 57 -46.25 -2.79 15.56
C SER C 57 -47.12 -2.71 14.32
N HIS C 58 -48.44 -2.65 14.55
CA HIS C 58 -49.40 -2.40 13.46
C HIS C 58 -49.83 -0.95 13.37
N GLY C 59 -49.42 -0.08 14.29
CA GLY C 59 -49.72 1.33 14.21
C GLY C 59 -51.06 1.70 14.85
N LYS C 60 -51.29 3.02 14.94
CA LYS C 60 -52.61 3.49 15.38
C LYS C 60 -53.69 3.14 14.37
N LEU C 61 -53.57 3.67 13.16
CA LEU C 61 -54.54 3.43 12.10
C LEU C 61 -54.06 2.25 11.26
N PHE C 62 -54.82 1.16 11.25
CA PHE C 62 -54.47 -0.05 10.51
C PHE C 62 -55.75 -0.73 10.03
N ALA C 63 -55.59 -1.70 9.13
CA ALA C 63 -56.72 -2.52 8.65
C ALA C 63 -56.76 -3.89 9.32
N ASP C 64 -55.64 -4.58 9.36
CA ASP C 64 -55.52 -5.90 9.97
C ASP C 64 -54.47 -5.81 11.09
N GLU C 65 -54.89 -6.13 12.31
CA GLU C 65 -53.94 -6.14 13.43
C GLU C 65 -52.85 -7.22 13.29
N ASN C 66 -52.89 -8.02 12.23
CA ASN C 66 -51.89 -9.05 12.04
C ASN C 66 -50.84 -8.65 11.02
N ASP C 67 -51.11 -7.60 10.24
CA ASP C 67 -50.14 -6.96 9.36
C ASP C 67 -49.26 -6.09 10.25
N MET C 68 -48.02 -6.52 10.48
CA MET C 68 -47.09 -5.86 11.39
C MET C 68 -45.98 -5.17 10.59
N GLY C 69 -45.53 -4.03 11.10
CA GLY C 69 -44.38 -3.35 10.57
C GLY C 69 -43.30 -3.16 11.62
N LEU C 70 -42.16 -2.65 11.16
CA LEU C 70 -41.02 -2.41 12.00
C LEU C 70 -41.07 -0.95 12.47
N LYS C 71 -40.96 -0.74 13.79
CA LYS C 71 -41.24 0.55 14.39
C LYS C 71 -40.09 1.00 15.26
N THR C 72 -39.78 2.30 15.18
CA THR C 72 -38.81 2.93 16.07
C THR C 72 -39.48 3.34 17.39
N MET C 73 -38.83 3.02 18.51
CA MET C 73 -39.45 3.13 19.82
C MET C 73 -38.99 4.33 20.65
N GLN C 74 -37.83 4.90 20.38
CA GLN C 74 -37.26 5.90 21.29
C GLN C 74 -36.96 7.21 20.58
N ASP C 75 -37.35 8.32 21.21
CA ASP C 75 -37.13 9.65 20.65
C ASP C 75 -35.67 10.09 20.70
N ALA C 76 -35.27 10.86 19.68
CA ALA C 76 -33.95 11.48 19.61
C ALA C 76 -32.85 10.42 19.77
N ARG C 77 -32.87 9.44 18.86
CA ARG C 77 -31.89 8.36 18.90
C ARG C 77 -31.39 8.07 17.50
N PHE C 78 -30.16 7.55 17.43
CA PHE C 78 -29.66 6.95 16.22
C PHE C 78 -30.10 5.48 16.18
N TYR C 79 -30.44 5.01 15.00
CA TYR C 79 -30.84 3.63 14.81
C TYR C 79 -29.87 2.97 13.83
N SER C 80 -29.66 1.67 13.99
CA SER C 80 -28.68 0.96 13.15
C SER C 80 -29.02 -0.53 13.23
N LEU C 81 -29.79 -1.00 12.24
CA LEU C 81 -30.28 -2.35 12.20
C LEU C 81 -30.23 -2.80 10.77
N SER C 82 -29.67 -3.97 10.49
CA SER C 82 -29.47 -4.39 9.11
C SER C 82 -29.67 -5.90 8.99
N ARG C 83 -29.64 -6.37 7.75
CA ARG C 83 -29.92 -7.78 7.46
C ARG C 83 -29.43 -8.08 6.04
N LYS C 84 -29.10 -9.34 5.80
CA LYS C 84 -28.70 -9.80 4.49
C LYS C 84 -29.92 -10.07 3.61
N PHE C 85 -29.71 -9.97 2.29
CA PHE C 85 -30.70 -10.33 1.27
C PHE C 85 -31.00 -11.83 1.27
N ASP C 86 -32.18 -12.17 0.77
CA ASP C 86 -32.49 -13.57 0.48
C ASP C 86 -31.63 -14.12 -0.65
N LYS C 87 -31.37 -13.30 -1.68
CA LYS C 87 -30.46 -13.66 -2.77
C LYS C 87 -29.60 -12.43 -3.07
N VAL C 88 -28.30 -12.64 -3.30
CA VAL C 88 -27.41 -11.52 -3.62
C VAL C 88 -27.74 -11.03 -5.03
N VAL C 89 -27.61 -9.74 -5.25
CA VAL C 89 -28.04 -9.10 -6.48
C VAL C 89 -26.89 -9.05 -7.49
N ASP C 90 -27.21 -9.37 -8.76
CA ASP C 90 -26.39 -8.99 -9.91
C ASP C 90 -27.37 -8.65 -11.02
N ASN C 91 -27.56 -7.36 -11.25
CA ASN C 91 -28.55 -6.90 -12.21
C ASN C 91 -27.97 -6.73 -13.60
N LYS C 92 -26.87 -7.42 -13.91
CA LYS C 92 -26.37 -7.40 -15.27
C LYS C 92 -27.48 -7.77 -16.24
N ASP C 93 -27.83 -6.84 -17.12
CA ASP C 93 -28.80 -7.05 -18.20
C ASP C 93 -30.20 -7.39 -17.68
N LYS C 94 -30.49 -7.06 -16.44
CA LYS C 94 -31.83 -7.21 -15.90
C LYS C 94 -32.16 -5.95 -15.13
N PRO C 95 -33.43 -5.64 -14.97
CA PRO C 95 -33.79 -4.50 -14.14
C PRO C 95 -33.53 -4.80 -12.68
N LEU C 96 -33.43 -3.73 -11.90
CA LEU C 96 -33.36 -3.82 -10.45
C LEU C 96 -34.40 -2.90 -9.86
N VAL C 97 -35.31 -3.46 -9.08
CA VAL C 97 -36.46 -2.76 -8.50
C VAL C 97 -36.34 -2.78 -6.97
N ILE C 98 -36.38 -1.61 -6.35
CA ILE C 98 -36.33 -1.48 -4.89
C ILE C 98 -37.57 -0.71 -4.42
N VAL C 99 -38.35 -1.30 -3.52
CA VAL C 99 -39.57 -0.67 -3.03
C VAL C 99 -39.81 -1.11 -1.60
N TYR C 100 -40.37 -0.19 -0.81
CA TYR C 100 -40.78 -0.45 0.57
C TYR C 100 -41.69 0.70 0.98
N THR C 101 -42.30 0.56 2.16
CA THR C 101 -43.26 1.54 2.64
C THR C 101 -42.80 2.13 3.95
N VAL C 102 -43.13 3.41 4.13
CA VAL C 102 -42.88 4.17 5.35
C VAL C 102 -44.19 4.77 5.81
N LYS C 103 -44.46 4.69 7.12
CA LYS C 103 -45.58 5.41 7.72
C LYS C 103 -45.04 6.22 8.91
N HIS C 104 -45.01 7.55 8.75
CA HIS C 104 -44.65 8.46 9.84
C HIS C 104 -45.89 8.80 10.66
N GLU C 105 -46.47 7.77 11.29
CA GLU C 105 -47.75 7.95 11.97
C GLU C 105 -47.67 8.88 13.16
N GLN C 106 -46.47 9.13 13.70
CA GLN C 106 -46.25 10.07 14.79
C GLN C 106 -46.30 11.51 14.33
N ASP C 107 -46.48 11.74 13.03
CA ASP C 107 -46.33 13.06 12.44
C ASP C 107 -44.93 13.59 12.71
N ILE C 108 -43.93 13.10 11.96
CA ILE C 108 -42.52 13.36 12.29
C ILE C 108 -42.17 14.82 12.06
N ASP C 109 -41.29 15.34 12.92
CA ASP C 109 -40.67 16.65 12.74
C ASP C 109 -39.34 16.54 12.01
N CYS C 110 -38.44 15.71 12.54
CA CYS C 110 -37.12 15.54 11.97
C CYS C 110 -36.66 14.11 12.20
N GLY C 111 -36.43 13.37 11.12
CA GLY C 111 -35.90 12.03 11.21
C GLY C 111 -35.77 11.38 9.84
N GLY C 112 -34.82 10.45 9.69
CA GLY C 112 -34.68 9.75 8.44
C GLY C 112 -35.65 8.61 8.30
N GLY C 113 -35.89 8.20 7.05
CA GLY C 113 -36.79 7.09 6.79
C GLY C 113 -36.35 6.30 5.58
N TYR C 114 -35.05 6.37 5.30
CA TYR C 114 -34.44 5.84 4.08
C TYR C 114 -33.70 4.53 4.35
N ILE C 115 -33.44 3.80 3.28
CA ILE C 115 -32.69 2.55 3.40
C ILE C 115 -31.32 2.75 2.80
N LYS C 116 -30.40 1.90 3.25
CA LYS C 116 -29.06 1.82 2.70
C LYS C 116 -28.89 0.40 2.19
N LEU C 117 -28.50 0.29 0.93
CA LEU C 117 -28.24 -1.00 0.31
C LEU C 117 -26.72 -1.14 0.19
N MET C 118 -26.19 -2.25 0.72
CA MET C 118 -24.76 -2.44 0.88
C MET C 118 -24.30 -3.76 0.26
N LEU C 119 -22.98 -3.87 0.12
CA LEU C 119 -22.39 -5.10 -0.37
C LEU C 119 -22.65 -6.25 0.59
N GLU C 120 -22.64 -7.47 0.04
CA GLU C 120 -23.07 -8.66 0.78
C GLU C 120 -22.15 -9.01 1.94
N ASN C 121 -20.91 -8.54 1.93
CA ASN C 121 -19.95 -8.89 2.96
C ASN C 121 -19.75 -7.76 3.97
N THR C 122 -20.77 -6.92 4.14
CA THR C 122 -20.72 -5.84 5.12
C THR C 122 -20.87 -6.41 6.52
N ASP C 123 -20.03 -5.92 7.44
CA ASP C 123 -20.05 -6.38 8.82
C ASP C 123 -21.26 -5.76 9.50
N LEU C 124 -22.32 -6.56 9.62
CA LEU C 124 -23.60 -6.08 10.15
C LEU C 124 -23.53 -5.87 11.65
N GLU C 125 -22.62 -6.55 12.33
CA GLU C 125 -22.53 -6.41 13.78
C GLU C 125 -21.95 -5.07 14.16
N ASP C 126 -21.26 -4.40 13.23
CA ASP C 126 -20.69 -3.08 13.47
C ASP C 126 -21.28 -2.01 12.58
N PHE C 127 -22.39 -2.28 11.91
CA PHE C 127 -23.00 -1.34 10.98
C PHE C 127 -23.19 0.02 11.65
N ASN C 128 -22.83 1.08 10.95
CA ASN C 128 -22.94 2.40 11.52
C ASN C 128 -22.90 3.42 10.39
N SER C 129 -22.97 4.70 10.76
CA SER C 129 -22.97 5.78 9.78
C SER C 129 -21.78 5.71 8.83
N ASP C 130 -20.66 5.14 9.29
CA ASP C 130 -19.40 5.16 8.57
C ASP C 130 -19.18 3.92 7.69
N THR C 131 -20.05 2.94 7.79
CA THR C 131 -20.01 1.79 6.90
C THR C 131 -20.16 2.21 5.44
N PRO C 132 -19.34 1.68 4.52
CA PRO C 132 -19.57 1.93 3.08
C PRO C 132 -20.90 1.35 2.65
N TYR C 133 -21.59 2.07 1.74
CA TYR C 133 -22.86 1.61 1.18
C TYR C 133 -22.90 1.90 -0.32
N ARG C 134 -23.74 1.15 -1.04
CA ARG C 134 -23.87 1.36 -2.48
C ARG C 134 -25.01 2.32 -2.84
N ILE C 135 -26.19 2.10 -2.26
CA ILE C 135 -27.36 2.93 -2.55
C ILE C 135 -27.95 3.40 -1.24
N MET C 136 -28.28 4.69 -1.17
CA MET C 136 -29.10 5.26 -0.09
C MET C 136 -30.35 5.83 -0.73
N PHE C 137 -31.52 5.34 -0.30
CA PHE C 137 -32.73 5.72 -0.98
C PHE C 137 -33.85 5.78 0.04
N GLY C 138 -34.62 6.87 -0.01
CA GLY C 138 -35.79 6.99 0.81
C GLY C 138 -35.95 8.37 1.42
N PRO C 139 -37.09 8.57 2.05
CA PRO C 139 -37.46 9.91 2.52
C PRO C 139 -36.65 10.35 3.72
N ASP C 140 -36.46 11.66 3.83
CA ASP C 140 -35.75 12.26 4.95
C ASP C 140 -36.38 13.61 5.22
N ILE C 141 -36.94 13.80 6.43
CA ILE C 141 -37.66 15.03 6.80
C ILE C 141 -36.99 15.72 7.98
N CYS C 142 -36.87 17.05 7.90
CA CYS C 142 -36.39 17.86 9.03
C CYS C 142 -36.85 19.30 8.84
N GLY C 143 -37.79 19.75 9.65
CA GLY C 143 -38.31 21.10 9.59
C GLY C 143 -39.28 21.26 8.44
N PRO C 144 -39.85 22.46 8.30
CA PRO C 144 -40.76 22.75 7.17
C PRO C 144 -40.06 22.86 5.81
N GLU C 145 -38.73 22.77 5.75
CA GLU C 145 -38.00 23.04 4.51
C GLU C 145 -37.31 21.83 3.88
N LYS C 146 -36.97 20.79 4.64
CA LYS C 146 -36.38 19.56 4.11
C LYS C 146 -37.42 18.46 3.93
N ARG C 147 -37.70 18.07 2.67
CA ARG C 147 -38.68 16.99 2.34
C ARG C 147 -38.12 16.17 1.17
N ALA C 148 -37.04 15.44 1.40
CA ALA C 148 -36.25 14.91 0.30
C ALA C 148 -36.28 13.40 0.22
N VAL C 149 -36.31 12.89 -0.99
CA VAL C 149 -36.10 11.47 -1.22
C VAL C 149 -34.66 11.33 -1.64
N HIS C 150 -33.83 10.86 -0.72
CA HIS C 150 -32.47 10.52 -1.07
C HIS C 150 -32.51 9.43 -2.11
N SER C 151 -31.54 9.50 -3.02
CA SER C 151 -31.57 8.67 -4.20
C SER C 151 -30.10 8.61 -4.60
N ILE C 152 -29.31 8.15 -3.66
CA ILE C 152 -27.86 8.25 -3.71
C ILE C 152 -27.30 6.95 -4.28
N LEU C 153 -26.45 7.08 -5.31
CA LEU C 153 -25.85 5.95 -6.01
C LEU C 153 -24.33 5.92 -5.78
N TRP C 154 -23.70 4.91 -6.37
CA TRP C 154 -22.28 4.65 -6.20
C TRP C 154 -21.61 4.51 -7.56
N HIS C 155 -20.37 5.02 -7.67
CA HIS C 155 -19.55 4.85 -8.85
C HIS C 155 -18.08 5.06 -8.51
N ASP C 156 -17.24 4.08 -8.84
CA ASP C 156 -15.80 4.26 -8.81
C ASP C 156 -15.34 4.75 -7.44
N GLY C 157 -15.92 4.15 -6.40
CA GLY C 157 -15.52 4.37 -5.02
C GLY C 157 -16.19 5.51 -4.27
N LYS C 158 -17.22 6.14 -4.82
CA LYS C 158 -17.83 7.31 -4.18
C LYS C 158 -19.35 7.25 -4.34
N ASN C 159 -20.05 7.86 -3.40
CA ASN C 159 -21.49 8.00 -3.47
C ASN C 159 -21.85 9.34 -4.08
N TYR C 160 -22.97 9.39 -4.79
CA TYR C 160 -23.33 10.61 -5.51
C TYR C 160 -24.80 10.87 -5.34
N GLU C 161 -25.13 12.07 -4.87
CA GLU C 161 -26.52 12.45 -4.70
C GLU C 161 -27.13 12.78 -6.06
N LYS C 162 -28.40 12.42 -6.23
CA LYS C 162 -29.12 12.88 -7.40
C LYS C 162 -29.06 14.41 -7.45
N ARG C 163 -29.16 14.99 -8.64
CA ARG C 163 -29.07 16.44 -8.72
C ARG C 163 -30.33 17.07 -8.18
N LYS C 164 -31.46 16.47 -8.52
CA LYS C 164 -32.78 16.94 -8.12
C LYS C 164 -33.48 15.81 -7.39
N ASN C 165 -33.63 15.93 -6.09
CA ASN C 165 -34.25 14.84 -5.37
C ASN C 165 -35.76 14.91 -5.53
N ALA C 166 -36.38 13.74 -5.52
CA ALA C 166 -37.82 13.70 -5.43
C ALA C 166 -38.24 14.20 -4.05
N ILE C 167 -39.49 14.58 -3.94
CA ILE C 167 -40.02 15.18 -2.71
C ILE C 167 -40.65 14.08 -1.84
N ALA C 168 -40.33 14.12 -0.54
CA ALA C 168 -40.82 13.14 0.43
C ALA C 168 -42.16 13.59 1.00
N MET C 169 -42.95 12.62 1.45
CA MET C 169 -44.23 12.88 2.10
C MET C 169 -44.07 13.00 3.61
N ALA C 170 -44.78 13.96 4.20
CA ALA C 170 -44.66 14.24 5.63
C ALA C 170 -45.98 14.04 6.40
N ASP C 171 -47.01 13.45 5.81
CA ASP C 171 -48.24 13.24 6.56
C ASP C 171 -48.08 12.01 7.48
N ILE C 172 -49.18 11.50 8.01
CA ILE C 172 -49.13 10.39 8.96
C ILE C 172 -49.49 9.06 8.29
N PHE C 173 -49.48 9.01 6.97
CA PHE C 173 -49.98 7.84 6.28
C PHE C 173 -48.85 7.10 5.59
N THR C 174 -49.23 5.98 4.99
CA THR C 174 -48.31 5.04 4.37
C THR C 174 -47.93 5.51 2.96
N HIS C 175 -46.63 5.46 2.67
CA HIS C 175 -46.13 5.85 1.37
C HIS C 175 -45.12 4.82 0.89
N ALA C 176 -45.32 4.38 -0.35
CA ALA C 176 -44.46 3.41 -1.00
C ALA C 176 -43.43 4.14 -1.86
N TYR C 177 -42.17 3.98 -1.51
CA TYR C 177 -41.09 4.59 -2.27
C TYR C 177 -40.44 3.50 -3.11
N LYS C 178 -40.23 3.78 -4.39
CA LYS C 178 -39.74 2.76 -5.29
C LYS C 178 -38.61 3.31 -6.14
N LEU C 179 -37.53 2.55 -6.23
CA LEU C 179 -36.40 2.90 -7.08
C LEU C 179 -36.19 1.76 -8.06
N ILE C 180 -36.15 2.10 -9.36
CA ILE C 180 -35.91 1.12 -10.41
C ILE C 180 -34.68 1.53 -11.21
N ILE C 181 -33.74 0.61 -11.36
CA ILE C 181 -32.55 0.87 -12.15
C ILE C 181 -32.60 -0.07 -13.34
N PHE C 182 -32.53 0.53 -14.61
CA PHE C 182 -32.65 -0.24 -15.85
C PHE C 182 -31.27 -0.43 -16.48
N PRO C 183 -31.05 -1.53 -17.19
CA PRO C 183 -29.70 -1.82 -17.72
C PRO C 183 -29.30 -0.97 -18.93
N ASN C 184 -30.11 -0.03 -19.39
CA ASN C 184 -29.67 0.95 -20.38
C ASN C 184 -29.16 2.22 -19.70
N ASN C 185 -28.83 2.14 -18.41
CA ASN C 185 -28.33 3.25 -17.62
C ASN C 185 -29.42 4.31 -17.40
N SER C 186 -30.64 3.85 -17.18
CA SER C 186 -31.79 4.71 -16.91
C SER C 186 -32.43 4.28 -15.59
N TYR C 187 -33.30 5.15 -15.08
CA TYR C 187 -33.89 4.92 -13.76
C TYR C 187 -35.33 5.42 -13.72
N GLU C 188 -36.07 4.94 -12.73
CA GLU C 188 -37.33 5.55 -12.33
C GLU C 188 -37.35 5.66 -10.82
N ILE C 189 -38.04 6.69 -10.32
CA ILE C 189 -38.38 6.81 -8.92
C ILE C 189 -39.88 7.02 -8.84
N TRP C 190 -40.55 6.21 -8.04
CA TRP C 190 -41.99 6.29 -7.86
C TRP C 190 -42.31 6.62 -6.41
N VAL C 191 -43.30 7.48 -6.19
CA VAL C 191 -43.90 7.67 -4.89
C VAL C 191 -45.36 7.26 -5.00
N ASN C 192 -45.71 6.17 -4.34
CA ASN C 192 -47.00 5.51 -4.51
C ASN C 192 -47.10 5.19 -6.00
N ASN C 193 -48.16 5.57 -6.69
CA ASN C 193 -48.31 5.20 -8.10
C ASN C 193 -47.98 6.36 -9.02
N ASP C 194 -47.17 7.30 -8.56
CA ASP C 194 -46.74 8.44 -9.37
C ASP C 194 -45.27 8.30 -9.71
N LYS C 195 -44.93 8.37 -10.99
CA LYS C 195 -43.54 8.31 -11.45
C LYS C 195 -42.93 9.72 -11.37
N GLU C 196 -42.28 10.03 -10.24
CA GLU C 196 -41.86 11.39 -9.94
C GLU C 196 -40.58 11.80 -10.66
N ALA C 197 -39.80 10.84 -11.15
CA ALA C 197 -38.56 11.13 -11.83
C ALA C 197 -38.20 9.89 -12.64
N TYR C 198 -37.49 10.11 -13.73
CA TYR C 198 -37.01 9.03 -14.59
C TYR C 198 -36.11 9.66 -15.63
N GLY C 199 -35.25 8.85 -16.21
CA GLY C 199 -34.29 9.40 -17.14
C GLY C 199 -32.99 8.63 -17.06
N ARG C 200 -31.90 9.32 -17.40
CA ARG C 200 -30.57 8.74 -17.43
C ARG C 200 -29.75 9.06 -16.22
N LEU C 201 -29.02 8.05 -15.76
CA LEU C 201 -28.02 8.27 -14.72
C LEU C 201 -26.99 9.28 -15.19
N GLU C 202 -26.61 9.20 -16.47
CA GLU C 202 -25.59 10.11 -16.98
C GLU C 202 -26.07 11.56 -16.97
N ASP C 203 -27.38 11.78 -17.04
CA ASP C 203 -27.97 13.11 -17.05
C ASP C 203 -28.32 13.57 -15.64
N ASP C 204 -28.92 12.70 -14.85
CA ASP C 204 -29.50 13.13 -13.59
C ASP C 204 -28.57 13.04 -12.40
N TRP C 205 -27.39 12.44 -12.57
CA TRP C 205 -26.32 12.50 -11.59
C TRP C 205 -25.09 13.15 -12.21
N THR C 206 -24.08 13.43 -11.40
CA THR C 206 -22.79 13.92 -11.87
C THR C 206 -21.72 12.88 -11.60
N MET C 207 -22.04 11.62 -11.89
CA MET C 207 -21.11 10.56 -11.59
C MET C 207 -19.97 10.48 -12.62
N THR C 208 -20.18 10.96 -13.85
CA THR C 208 -19.24 10.81 -14.95
C THR C 208 -18.65 12.15 -15.34
N GLU C 209 -17.72 12.10 -16.30
CA GLU C 209 -17.18 13.33 -16.85
C GLU C 209 -18.32 14.17 -17.45
N PRO C 210 -18.26 15.49 -17.31
CA PRO C 210 -19.43 16.31 -17.66
C PRO C 210 -19.88 16.15 -19.10
N GLY C 211 -18.94 16.07 -20.03
CA GLY C 211 -19.31 15.95 -21.42
C GLY C 211 -19.94 14.65 -21.83
N SER C 212 -19.17 14.05 -22.74
CA SER C 212 -19.49 12.85 -23.51
C SER C 212 -18.63 11.64 -23.02
N GLY C 213 -19.28 10.52 -22.68
CA GLY C 213 -18.48 9.32 -22.62
C GLY C 213 -19.12 8.05 -22.12
N PRO C 214 -18.51 6.93 -22.44
CA PRO C 214 -19.12 5.66 -22.06
C PRO C 214 -18.65 5.12 -20.71
N VAL C 215 -19.61 4.90 -19.82
CA VAL C 215 -19.48 4.07 -18.64
C VAL C 215 -20.57 3.02 -18.72
N PRO C 216 -20.37 1.97 -19.53
CA PRO C 216 -21.50 1.07 -19.88
C PRO C 216 -22.18 0.40 -18.69
N GLU C 217 -21.43 0.06 -17.64
CA GLU C 217 -22.00 -0.67 -16.51
C GLU C 217 -22.20 0.24 -15.29
N LEU C 218 -22.49 1.52 -15.53
CA LEU C 218 -22.83 2.43 -14.45
C LEU C 218 -23.96 1.87 -13.60
N TYR C 219 -24.94 1.24 -14.25
CA TYR C 219 -26.13 0.73 -13.59
C TYR C 219 -25.87 -0.48 -12.70
N ARG C 220 -24.71 -1.12 -12.80
CA ARG C 220 -24.53 -2.47 -12.27
C ARG C 220 -24.10 -2.44 -10.82
N TYR C 221 -24.79 -3.23 -9.99
CA TYR C 221 -24.49 -3.33 -8.57
C TYR C 221 -24.23 -4.79 -8.19
N LYS C 222 -23.22 -5.38 -8.83
CA LYS C 222 -22.91 -6.77 -8.58
C LYS C 222 -22.40 -6.88 -7.15
N GLY C 223 -22.95 -7.84 -6.41
CA GLY C 223 -22.56 -8.06 -5.02
C GLY C 223 -23.44 -7.40 -4.00
N LEU C 224 -24.49 -6.71 -4.41
CA LEU C 224 -25.44 -6.14 -3.47
C LEU C 224 -26.11 -7.23 -2.64
N GLY C 225 -26.01 -7.14 -1.31
CA GLY C 225 -26.49 -8.21 -0.48
C GLY C 225 -26.94 -7.86 0.92
N ALA C 226 -27.02 -6.57 1.26
CA ALA C 226 -27.44 -6.21 2.61
C ALA C 226 -28.27 -4.94 2.58
N ILE C 227 -29.27 -4.90 3.45
CA ILE C 227 -30.08 -3.71 3.65
C ILE C 227 -29.95 -3.31 5.11
N GLY C 228 -29.90 -2.02 5.36
CA GLY C 228 -29.76 -1.51 6.72
C GLY C 228 -30.57 -0.24 6.90
N PHE C 229 -31.02 -0.02 8.13
CA PHE C 229 -31.61 1.23 8.55
C PHE C 229 -30.56 1.91 9.43
N GLU C 230 -30.00 3.00 8.94
CA GLU C 230 -29.01 3.77 9.71
C GLU C 230 -29.55 5.18 9.73
N LEU C 231 -30.18 5.56 10.85
CA LEU C 231 -31.10 6.69 10.87
C LEU C 231 -30.90 7.52 12.13
N TRP C 232 -31.30 8.78 12.02
CA TRP C 232 -31.56 9.62 13.17
C TRP C 232 -33.04 9.98 13.14
N GLN C 233 -33.67 9.98 14.30
CA GLN C 233 -35.03 10.45 14.43
C GLN C 233 -35.11 11.29 15.69
N VAL C 234 -35.85 12.39 15.64
CA VAL C 234 -36.18 13.10 16.88
C VAL C 234 -37.45 12.48 17.43
N LYS C 235 -38.58 12.85 16.87
CA LYS C 235 -39.86 12.26 17.21
C LYS C 235 -39.92 10.87 16.58
N SER C 236 -39.87 9.82 17.39
CA SER C 236 -39.81 8.47 16.87
C SER C 236 -41.21 7.97 16.53
N GLY C 237 -41.29 6.71 16.09
CA GLY C 237 -42.56 6.06 15.84
C GLY C 237 -42.82 5.61 14.43
N THR C 238 -41.83 5.69 13.54
CA THR C 238 -42.02 5.31 12.15
C THR C 238 -42.14 3.79 11.98
N ILE C 239 -43.06 3.36 11.12
CA ILE C 239 -43.29 1.94 10.85
C ILE C 239 -42.91 1.67 9.40
N PHE C 240 -42.02 0.72 9.20
CA PHE C 240 -41.58 0.25 7.90
C PHE C 240 -42.18 -1.12 7.59
N ASP C 241 -42.51 -1.36 6.33
CA ASP C 241 -43.12 -2.62 5.93
C ASP C 241 -42.81 -2.85 4.45
N ASN C 242 -43.13 -4.06 3.98
CA ASN C 242 -43.30 -4.38 2.55
C ASN C 242 -42.06 -4.08 1.71
N ILE C 243 -40.93 -4.63 2.10
CA ILE C 243 -39.68 -4.41 1.41
C ILE C 243 -39.52 -5.46 0.32
N LEU C 244 -39.42 -5.04 -0.93
CA LEU C 244 -39.21 -5.98 -2.02
C LEU C 244 -38.05 -5.52 -2.85
N ILE C 245 -37.09 -6.40 -3.08
CA ILE C 245 -36.00 -6.17 -4.02
C ILE C 245 -36.05 -7.29 -5.04
N THR C 246 -36.31 -6.93 -6.29
CA THR C 246 -36.59 -7.91 -7.33
C THR C 246 -36.04 -7.42 -8.65
N ASP C 247 -36.13 -8.28 -9.66
CA ASP C 247 -35.81 -7.89 -11.02
C ASP C 247 -37.07 -7.65 -11.87
N ASP C 248 -38.27 -7.74 -11.29
CA ASP C 248 -39.51 -7.69 -12.06
C ASP C 248 -40.35 -6.47 -11.71
N PRO C 249 -40.31 -5.41 -12.52
CA PRO C 249 -41.09 -4.20 -12.19
C PRO C 249 -42.59 -4.41 -12.10
N GLU C 250 -43.15 -5.37 -12.86
CA GLU C 250 -44.58 -5.59 -12.75
C GLU C 250 -44.91 -6.37 -11.49
N TYR C 251 -44.06 -7.33 -11.13
CA TYR C 251 -44.28 -8.03 -9.87
C TYR C 251 -44.15 -7.08 -8.69
N ALA C 252 -43.27 -6.08 -8.78
CA ALA C 252 -43.14 -5.13 -7.67
C ALA C 252 -44.41 -4.32 -7.50
N LYS C 253 -45.03 -3.90 -8.61
CA LYS C 253 -46.28 -3.13 -8.56
C LYS C 253 -47.41 -4.02 -8.06
N GLU C 254 -47.39 -5.28 -8.46
CA GLU C 254 -48.38 -6.25 -8.05
C GLU C 254 -48.33 -6.46 -6.53
N PHE C 255 -47.11 -6.65 -6.00
CA PHE C 255 -46.96 -7.01 -4.60
C PHE C 255 -47.39 -5.87 -3.69
N ILE C 256 -46.95 -4.64 -4.01
CA ILE C 256 -47.29 -3.50 -3.19
C ILE C 256 -48.79 -3.20 -3.25
N ASP C 257 -49.36 -3.22 -4.46
CA ASP C 257 -50.78 -2.96 -4.60
C ASP C 257 -51.60 -3.93 -3.77
N LYS C 258 -51.23 -5.22 -3.79
CA LYS C 258 -51.97 -6.19 -2.98
C LYS C 258 -51.66 -6.03 -1.50
N GLN C 259 -50.39 -5.90 -1.14
CA GLN C 259 -50.07 -5.81 0.29
C GLN C 259 -50.74 -4.61 0.96
N LEU C 260 -51.00 -3.54 0.21
CA LEU C 260 -51.65 -2.36 0.79
C LEU C 260 -53.15 -2.33 0.49
N GLU C 261 -53.71 -3.42 -0.06
CA GLU C 261 -55.12 -3.44 -0.48
C GLU C 261 -56.07 -3.06 0.66
N ALA C 262 -55.87 -3.66 1.83
CA ALA C 262 -56.76 -3.36 2.95
C ALA C 262 -56.50 -1.96 3.50
N LEU C 263 -55.25 -1.54 3.54
CA LEU C 263 -54.91 -0.31 4.25
C LEU C 263 -55.35 0.94 3.47
N ARG C 264 -55.05 1.01 2.17
CA ARG C 264 -55.33 2.20 1.38
C ARG C 264 -56.73 2.78 1.57
N PRO C 265 -57.82 2.01 1.53
CA PRO C 265 -59.15 2.65 1.73
C PRO C 265 -59.33 3.17 3.13
N ILE C 266 -58.89 2.41 4.14
CA ILE C 266 -58.93 2.88 5.53
C ILE C 266 -58.21 4.21 5.70
N GLU C 267 -57.01 4.33 5.12
CA GLU C 267 -56.28 5.59 5.28
C GLU C 267 -56.96 6.73 4.52
N LYS C 268 -57.54 6.41 3.34
CA LYS C 268 -58.21 7.44 2.54
C LYS C 268 -59.31 8.13 3.32
N VAL C 269 -60.02 7.37 4.16
CA VAL C 269 -61.12 7.93 4.95
C VAL C 269 -60.59 8.97 5.92
N GLU C 270 -59.52 8.63 6.64
CA GLU C 270 -59.02 9.55 7.66
C GLU C 270 -58.36 10.78 7.06
N SER C 271 -57.75 10.64 5.88
CA SER C 271 -57.15 11.79 5.20
C SER C 271 -58.18 12.87 4.89
N ASP C 272 -59.46 12.50 4.87
CA ASP C 272 -60.52 13.41 4.47
C ASP C 272 -61.35 13.82 5.70
N SER D 22 22.96 8.65 -31.01
CA SER D 22 21.58 9.06 -31.17
C SER D 22 20.73 8.60 -29.98
N GLU D 23 19.43 8.94 -29.97
CA GLU D 23 18.63 8.58 -28.80
C GLU D 23 17.62 7.51 -29.14
N PRO D 24 17.56 6.44 -28.33
CA PRO D 24 16.72 5.29 -28.69
C PRO D 24 15.24 5.62 -28.70
N THR D 25 14.55 5.18 -29.75
CA THR D 25 13.11 5.27 -29.77
C THR D 25 12.54 4.14 -28.91
N ILE D 26 11.62 4.51 -28.02
CA ILE D 26 10.93 3.58 -27.15
C ILE D 26 9.51 3.50 -27.70
N TYR D 27 9.25 2.45 -28.49
CA TYR D 27 7.91 2.27 -29.02
C TYR D 27 6.95 1.81 -27.93
N LEU D 28 7.46 1.07 -26.96
CA LEU D 28 6.67 0.59 -25.84
C LEU D 28 7.61 0.16 -24.74
N LYS D 29 7.27 0.56 -23.52
CA LYS D 29 7.94 0.14 -22.30
C LYS D 29 6.85 -0.09 -21.26
N GLU D 30 6.73 -1.33 -20.80
CA GLU D 30 5.70 -1.71 -19.85
C GLU D 30 6.36 -2.60 -18.80
N THR D 31 6.40 -2.11 -17.55
CA THR D 31 6.98 -2.85 -16.45
C THR D 31 6.02 -2.98 -15.27
N PHE D 32 4.77 -2.54 -15.43
CA PHE D 32 3.70 -2.82 -14.44
C PHE D 32 4.00 -2.29 -13.03
N ASP D 33 4.65 -1.12 -12.93
CA ASP D 33 5.09 -0.62 -11.62
C ASP D 33 4.44 0.68 -11.18
N ASP D 34 3.44 1.19 -11.90
CA ASP D 34 2.73 2.36 -11.42
C ASP D 34 1.34 2.01 -10.89
N GLY D 35 1.25 1.06 -9.96
CA GLY D 35 -0.03 0.76 -9.32
C GLY D 35 -1.07 0.27 -10.30
N ASP D 36 -2.31 0.76 -10.13
CA ASP D 36 -3.41 0.27 -10.95
C ASP D 36 -3.40 0.85 -12.35
N ALA D 37 -2.39 1.61 -12.73
CA ALA D 37 -2.43 2.36 -13.98
C ALA D 37 -2.47 1.44 -15.20
N TRP D 38 -1.94 0.23 -15.11
CA TRP D 38 -1.94 -0.64 -16.28
C TRP D 38 -3.35 -0.94 -16.75
N LYS D 39 -4.34 -0.97 -15.84
CA LYS D 39 -5.68 -1.29 -16.28
C LYS D 39 -6.23 -0.19 -17.16
N GLU D 40 -5.60 0.98 -17.12
CA GLU D 40 -5.99 2.07 -18.01
C GLU D 40 -5.41 1.86 -19.41
N ARG D 41 -4.32 1.11 -19.51
CA ARG D 41 -3.64 0.80 -20.77
C ARG D 41 -4.11 -0.50 -21.43
N TRP D 42 -4.32 -1.56 -20.67
CA TRP D 42 -4.67 -2.84 -21.24
C TRP D 42 -6.17 -3.03 -21.36
N VAL D 43 -6.60 -3.59 -22.48
CA VAL D 43 -8.01 -3.85 -22.76
C VAL D 43 -8.25 -5.35 -22.66
N GLN D 44 -9.24 -5.73 -21.85
CA GLN D 44 -9.73 -7.11 -21.77
C GLN D 44 -10.80 -7.31 -22.86
N SER D 45 -10.57 -8.26 -23.75
CA SER D 45 -11.51 -8.52 -24.83
C SER D 45 -12.86 -9.02 -24.32
N LYS D 46 -13.93 -8.69 -25.06
CA LYS D 46 -15.29 -9.19 -24.82
C LYS D 46 -15.71 -10.26 -25.84
N HIS D 47 -14.77 -10.81 -26.59
CA HIS D 47 -15.13 -11.79 -27.60
C HIS D 47 -15.68 -13.08 -26.99
N LYS D 48 -15.22 -13.45 -25.79
CA LYS D 48 -15.69 -14.64 -25.08
C LYS D 48 -16.08 -14.25 -23.65
N ASP D 49 -16.91 -15.07 -22.97
CA ASP D 49 -17.38 -14.68 -21.64
C ASP D 49 -16.37 -15.06 -20.60
N ASP D 50 -15.51 -16.01 -20.97
CA ASP D 50 -14.85 -16.85 -20.00
C ASP D 50 -13.35 -16.70 -20.14
N TYR D 51 -12.94 -15.50 -20.48
CA TYR D 51 -11.52 -15.24 -20.54
C TYR D 51 -10.97 -15.25 -19.11
N GLY D 52 -9.78 -15.81 -18.95
CA GLY D 52 -9.17 -15.86 -17.63
C GLY D 52 -8.93 -14.47 -17.09
N GLU D 53 -8.76 -14.40 -15.78
CA GLU D 53 -8.56 -13.12 -15.10
C GLU D 53 -7.08 -12.79 -14.93
N TRP D 54 -6.75 -11.52 -15.10
CA TRP D 54 -5.39 -11.04 -14.93
C TRP D 54 -5.25 -10.27 -13.63
N GLN D 55 -4.00 -10.15 -13.17
CA GLN D 55 -3.72 -9.53 -11.90
C GLN D 55 -2.24 -9.26 -11.79
N LEU D 56 -1.91 -8.22 -11.03
CA LEU D 56 -0.51 -7.92 -10.76
C LEU D 56 0.01 -8.79 -9.62
N SER D 57 1.28 -9.16 -9.70
CA SER D 57 1.87 -9.99 -8.66
C SER D 57 3.39 -9.92 -8.78
N HIS D 58 4.06 -10.08 -7.64
CA HIS D 58 5.52 -10.19 -7.64
C HIS D 58 6.02 -11.62 -7.54
N GLY D 59 5.15 -12.59 -7.31
CA GLY D 59 5.57 -13.97 -7.31
C GLY D 59 6.06 -14.48 -5.96
N LYS D 60 6.30 -15.80 -5.92
CA LYS D 60 6.93 -16.43 -4.77
C LYS D 60 8.35 -15.93 -4.55
N LEU D 61 9.20 -16.08 -5.57
CA LEU D 61 10.58 -15.61 -5.49
C LEU D 61 10.71 -14.19 -6.02
N PHE D 62 11.13 -13.27 -5.17
CA PHE D 62 11.31 -11.90 -5.64
C PHE D 62 12.41 -11.20 -4.85
N ALA D 63 12.87 -10.07 -5.42
CA ALA D 63 13.86 -9.19 -4.81
C ALA D 63 13.24 -7.98 -4.14
N ASP D 64 12.36 -7.32 -4.87
CA ASP D 64 11.70 -6.09 -4.45
C ASP D 64 10.21 -6.38 -4.33
N GLU D 65 9.66 -6.14 -3.16
CA GLU D 65 8.24 -6.33 -2.94
C GLU D 65 7.42 -5.39 -3.83
N ASN D 66 8.10 -4.50 -4.58
CA ASN D 66 7.40 -3.52 -5.41
C ASN D 66 7.51 -3.74 -6.91
N ASP D 67 8.45 -4.54 -7.37
CA ASP D 67 8.51 -4.89 -8.78
C ASP D 67 7.41 -5.91 -9.04
N MET D 68 6.39 -5.50 -9.78
CA MET D 68 5.22 -6.29 -10.12
C MET D 68 5.25 -6.69 -11.59
N GLY D 69 4.79 -7.89 -11.89
CA GLY D 69 4.56 -8.32 -13.24
C GLY D 69 3.09 -8.67 -13.40
N LEU D 70 2.73 -8.99 -14.63
CA LEU D 70 1.35 -9.33 -14.94
C LEU D 70 1.16 -10.85 -14.89
N LYS D 71 0.10 -11.31 -14.21
CA LYS D 71 -0.06 -12.71 -13.82
C LYS D 71 -1.39 -13.29 -14.28
N THR D 72 -1.34 -14.54 -14.75
CA THR D 72 -2.55 -15.30 -15.08
C THR D 72 -3.08 -15.96 -13.82
N MET D 73 -4.39 -15.80 -13.57
CA MET D 73 -4.99 -16.18 -12.28
C MET D 73 -5.82 -17.46 -12.30
N GLN D 74 -6.30 -17.92 -13.46
CA GLN D 74 -7.27 -19.00 -13.51
C GLN D 74 -6.78 -20.13 -14.40
N ASP D 75 -6.88 -21.36 -13.89
CA ASP D 75 -6.46 -22.54 -14.64
C ASP D 75 -7.42 -22.90 -15.78
N ALA D 76 -6.82 -23.43 -16.86
CA ALA D 76 -7.53 -23.95 -18.02
C ALA D 76 -8.47 -22.90 -18.61
N ARG D 77 -7.91 -21.77 -18.99
CA ARG D 77 -8.69 -20.69 -19.57
C ARG D 77 -7.95 -20.14 -20.78
N PHE D 78 -8.72 -19.55 -21.70
CA PHE D 78 -8.14 -18.72 -22.74
C PHE D 78 -7.99 -17.31 -22.19
N TYR D 79 -6.90 -16.65 -22.55
CA TYR D 79 -6.65 -15.30 -22.12
C TYR D 79 -6.57 -14.40 -23.33
N SER D 80 -6.97 -13.14 -23.17
CA SER D 80 -7.07 -12.20 -24.30
C SER D 80 -7.01 -10.78 -23.74
N LEU D 81 -5.81 -10.21 -23.75
CA LEU D 81 -5.59 -8.89 -23.17
C LEU D 81 -4.56 -8.14 -24.00
N SER D 82 -4.87 -6.89 -24.37
CA SER D 82 -4.03 -6.16 -25.31
C SER D 82 -4.00 -4.66 -24.97
N ARG D 83 -3.13 -3.95 -25.68
CA ARG D 83 -2.81 -2.54 -25.45
C ARG D 83 -2.06 -2.00 -26.67
N LYS D 84 -2.19 -0.71 -26.88
CA LYS D 84 -1.50 -0.02 -27.96
C LYS D 84 -0.06 0.29 -27.55
N PHE D 85 0.82 0.40 -28.54
CA PHE D 85 2.20 0.84 -28.33
C PHE D 85 2.23 2.28 -27.82
N ASP D 86 3.34 2.63 -27.15
CA ASP D 86 3.58 4.05 -26.84
C ASP D 86 3.75 4.88 -28.11
N LYS D 87 4.50 4.37 -29.09
CA LYS D 87 4.63 5.00 -30.39
C LYS D 87 4.56 3.94 -31.48
N VAL D 88 3.87 4.25 -32.59
CA VAL D 88 3.72 3.25 -33.63
C VAL D 88 5.08 3.00 -34.28
N VAL D 89 5.30 1.76 -34.72
CA VAL D 89 6.58 1.33 -35.25
C VAL D 89 6.59 1.51 -36.76
N ASP D 90 7.72 2.00 -37.30
CA ASP D 90 8.07 1.81 -38.71
C ASP D 90 9.58 1.64 -38.76
N ASN D 91 10.04 0.40 -38.86
CA ASN D 91 11.46 0.11 -38.73
C ASN D 91 12.22 0.19 -40.06
N LYS D 92 11.69 0.93 -41.05
CA LYS D 92 12.42 1.12 -42.30
C LYS D 92 13.84 1.60 -42.05
N ASP D 93 14.82 0.81 -42.46
CA ASP D 93 16.23 1.19 -42.30
C ASP D 93 16.65 1.32 -40.85
N LYS D 94 15.94 0.66 -39.93
CA LYS D 94 16.28 0.73 -38.51
C LYS D 94 16.17 -0.68 -37.95
N PRO D 95 16.83 -0.97 -36.87
CA PRO D 95 16.52 -2.23 -36.20
C PRO D 95 15.17 -2.13 -35.51
N LEU D 96 14.61 -3.30 -35.26
CA LEU D 96 13.41 -3.44 -34.44
C LEU D 96 13.75 -4.47 -33.38
N VAL D 97 13.67 -4.06 -32.11
CA VAL D 97 14.03 -4.90 -30.98
C VAL D 97 12.78 -5.12 -30.15
N ILE D 98 12.47 -6.40 -29.87
CA ILE D 98 11.34 -6.84 -29.04
C ILE D 98 11.89 -7.74 -27.95
N VAL D 99 11.65 -7.38 -26.68
CA VAL D 99 12.13 -8.21 -25.57
C VAL D 99 11.18 -8.07 -24.38
N TYR D 100 11.04 -9.15 -23.62
CA TYR D 100 10.22 -9.18 -22.41
C TYR D 100 10.62 -10.41 -21.62
N THR D 101 10.09 -10.53 -20.40
CA THR D 101 10.46 -11.62 -19.51
C THR D 101 9.27 -12.51 -19.20
N VAL D 102 9.55 -13.79 -19.03
CA VAL D 102 8.56 -14.80 -18.66
C VAL D 102 9.05 -15.53 -17.42
N LYS D 103 8.14 -15.72 -16.45
CA LYS D 103 8.38 -16.52 -15.25
C LYS D 103 7.22 -17.49 -15.07
N HIS D 104 7.46 -18.78 -15.29
CA HIS D 104 6.46 -19.80 -15.00
C HIS D 104 6.65 -20.39 -13.61
N GLU D 105 6.52 -19.63 -12.51
CA GLU D 105 6.83 -20.39 -11.30
C GLU D 105 5.64 -21.17 -10.75
N GLN D 106 4.55 -21.29 -11.50
CA GLN D 106 3.55 -22.31 -11.23
C GLN D 106 4.06 -23.69 -11.63
N ASP D 107 5.23 -23.75 -12.24
CA ASP D 107 5.73 -24.96 -12.86
C ASP D 107 4.76 -25.45 -13.94
N ILE D 108 4.76 -24.78 -15.11
CA ILE D 108 3.72 -25.02 -16.09
C ILE D 108 3.84 -26.42 -16.65
N ASP D 109 2.70 -27.04 -16.91
CA ASP D 109 2.62 -28.29 -17.65
C ASP D 109 2.38 -28.03 -19.13
N CYS D 110 1.36 -27.23 -19.44
CA CYS D 110 0.99 -26.89 -20.80
C CYS D 110 0.40 -25.49 -20.77
N GLY D 111 1.01 -24.56 -21.53
CA GLY D 111 0.49 -23.20 -21.64
C GLY D 111 1.30 -22.27 -22.53
N GLY D 112 0.64 -21.25 -23.09
CA GLY D 112 1.35 -20.30 -23.91
C GLY D 112 2.03 -19.23 -23.09
N GLY D 113 3.04 -18.60 -23.68
CA GLY D 113 3.73 -17.52 -23.01
C GLY D 113 4.27 -16.49 -23.98
N TYR D 114 3.67 -16.43 -25.15
CA TYR D 114 4.15 -15.64 -26.26
C TYR D 114 3.31 -14.37 -26.39
N ILE D 115 3.83 -13.40 -27.14
CA ILE D 115 3.09 -12.16 -27.39
C ILE D 115 2.69 -12.14 -28.86
N LYS D 116 1.70 -11.31 -29.14
CA LYS D 116 1.29 -11.04 -30.50
C LYS D 116 1.44 -9.55 -30.75
N LEU D 117 2.09 -9.21 -31.84
CA LEU D 117 2.24 -7.82 -32.25
C LEU D 117 1.34 -7.63 -33.46
N MET D 118 0.48 -6.61 -33.39
CA MET D 118 -0.56 -6.40 -34.38
C MET D 118 -0.50 -4.95 -34.87
N LEU D 119 -1.24 -4.66 -35.93
CA LEU D 119 -1.31 -3.29 -36.41
C LEU D 119 -2.02 -2.40 -35.39
N GLU D 120 -1.73 -1.09 -35.49
CA GLU D 120 -2.22 -0.08 -34.55
C GLU D 120 -3.73 0.09 -34.62
N ASN D 121 -4.36 -0.33 -35.72
CA ASN D 121 -5.80 -0.19 -35.92
C ASN D 121 -6.57 -1.45 -35.55
N THR D 122 -5.99 -2.26 -34.67
CA THR D 122 -6.64 -3.46 -34.19
C THR D 122 -7.75 -3.12 -33.21
N ASP D 123 -8.90 -3.78 -33.37
CA ASP D 123 -10.02 -3.59 -32.46
C ASP D 123 -9.70 -4.36 -31.19
N LEU D 124 -9.21 -3.64 -30.18
CA LEU D 124 -8.73 -4.28 -28.98
C LEU D 124 -9.86 -4.85 -28.12
N GLU D 125 -11.07 -4.30 -28.24
CA GLU D 125 -12.18 -4.77 -27.43
C GLU D 125 -12.72 -6.10 -27.92
N ASP D 126 -12.36 -6.50 -29.15
CA ASP D 126 -12.77 -7.78 -29.71
C ASP D 126 -11.59 -8.70 -30.00
N PHE D 127 -10.40 -8.33 -29.52
CA PHE D 127 -9.19 -9.10 -29.79
C PHE D 127 -9.38 -10.56 -29.37
N ASN D 128 -8.95 -11.49 -30.22
CA ASN D 128 -9.13 -12.90 -29.93
C ASN D 128 -8.19 -13.72 -30.82
N SER D 129 -8.30 -15.05 -30.68
CA SER D 129 -7.46 -15.98 -31.45
C SER D 129 -7.50 -15.70 -32.96
N ASP D 130 -8.59 -15.15 -33.47
CA ASP D 130 -8.72 -14.95 -34.91
C ASP D 130 -8.35 -13.56 -35.38
N THR D 131 -8.13 -12.60 -34.48
CA THR D 131 -7.65 -11.29 -34.90
C THR D 131 -6.35 -11.44 -35.69
N PRO D 132 -6.21 -10.79 -36.84
CA PRO D 132 -4.94 -10.83 -37.56
C PRO D 132 -3.81 -10.29 -36.72
N TYR D 133 -2.63 -10.87 -36.89
CA TYR D 133 -1.44 -10.40 -36.22
C TYR D 133 -0.26 -10.41 -37.20
N ARG D 134 0.73 -9.55 -36.93
CA ARG D 134 1.93 -9.48 -37.74
C ARG D 134 3.07 -10.34 -37.17
N ILE D 135 3.34 -10.25 -35.86
CA ILE D 135 4.40 -11.05 -35.26
C ILE D 135 3.83 -11.81 -34.06
N MET D 136 4.20 -13.09 -33.95
CA MET D 136 4.01 -13.92 -32.77
C MET D 136 5.36 -14.43 -32.28
N PHE D 137 5.70 -14.12 -31.03
CA PHE D 137 7.03 -14.41 -30.54
C PHE D 137 6.95 -14.80 -29.06
N GLY D 138 7.62 -15.88 -28.68
CA GLY D 138 7.70 -16.28 -27.28
C GLY D 138 7.54 -17.78 -27.01
N PRO D 139 7.68 -18.14 -25.73
CA PRO D 139 7.70 -19.56 -25.35
C PRO D 139 6.33 -20.21 -25.37
N ASP D 140 6.32 -21.48 -25.71
CA ASP D 140 5.09 -22.27 -25.71
C ASP D 140 5.46 -23.65 -25.19
N ILE D 141 4.89 -24.03 -24.05
CA ILE D 141 5.23 -25.27 -23.36
C ILE D 141 3.97 -26.13 -23.30
N CYS D 142 4.12 -27.39 -23.66
CA CYS D 142 3.05 -28.36 -23.50
C CYS D 142 3.68 -29.74 -23.57
N GLY D 143 3.21 -30.64 -22.73
CA GLY D 143 3.60 -32.02 -22.94
C GLY D 143 5.03 -32.28 -22.53
N PRO D 144 5.53 -33.48 -22.78
CA PRO D 144 6.89 -33.74 -22.33
C PRO D 144 7.93 -32.90 -23.05
N GLU D 145 7.61 -32.30 -24.23
CA GLU D 145 8.67 -31.59 -25.01
C GLU D 145 7.97 -31.07 -26.27
N LYS D 146 6.91 -30.32 -26.06
CA LYS D 146 6.73 -29.09 -26.81
C LYS D 146 7.30 -28.01 -25.91
N ARG D 147 8.42 -27.45 -26.31
CA ARG D 147 8.98 -26.31 -25.60
C ARG D 147 9.66 -25.38 -26.63
N ALA D 148 8.84 -24.64 -27.36
CA ALA D 148 9.24 -23.91 -28.54
C ALA D 148 9.15 -22.41 -28.28
N VAL D 149 10.03 -21.68 -28.96
CA VAL D 149 9.93 -20.23 -29.04
C VAL D 149 9.29 -19.93 -30.38
N HIS D 150 8.02 -19.56 -30.37
CA HIS D 150 7.39 -19.10 -31.60
C HIS D 150 8.11 -17.86 -32.08
N SER D 151 8.20 -17.77 -33.40
CA SER D 151 9.05 -16.83 -34.08
C SER D 151 8.37 -16.63 -35.44
N ILE D 152 7.11 -16.21 -35.37
CA ILE D 152 6.19 -16.18 -36.51
C ILE D 152 6.18 -14.76 -37.08
N LEU D 153 6.45 -14.64 -38.38
CA LEU D 153 6.54 -13.38 -39.10
C LEU D 153 5.39 -13.28 -40.10
N TRP D 154 5.33 -12.16 -40.82
CA TRP D 154 4.25 -11.85 -41.75
C TRP D 154 4.78 -11.46 -43.12
N HIS D 155 4.10 -11.90 -44.17
CA HIS D 155 4.44 -11.45 -45.52
C HIS D 155 3.25 -11.65 -46.46
N ASP D 156 2.82 -10.56 -47.09
CA ASP D 156 1.83 -10.60 -48.17
C ASP D 156 0.56 -11.32 -47.76
N GLY D 157 0.05 -10.96 -46.58
CA GLY D 157 -1.22 -11.45 -46.12
C GLY D 157 -1.21 -12.77 -45.36
N LYS D 158 -0.04 -13.35 -45.09
CA LYS D 158 0.08 -14.56 -44.30
C LYS D 158 1.29 -14.51 -43.36
N ASN D 159 1.11 -15.27 -42.28
CA ASN D 159 2.07 -15.58 -41.24
C ASN D 159 2.83 -16.84 -41.59
N TYR D 160 4.08 -16.89 -41.14
CA TYR D 160 4.98 -17.97 -41.50
C TYR D 160 5.77 -18.36 -40.26
N GLU D 161 5.76 -19.65 -39.94
CA GLU D 161 6.55 -20.14 -38.83
C GLU D 161 8.00 -20.25 -39.23
N LYS D 162 8.90 -19.98 -38.28
CA LYS D 162 10.32 -20.26 -38.50
C LYS D 162 10.47 -21.75 -38.83
N ARG D 163 11.53 -22.10 -39.57
CA ARG D 163 11.67 -23.51 -39.97
C ARG D 163 12.07 -24.36 -38.78
N LYS D 164 12.98 -23.84 -37.97
CA LYS D 164 13.44 -24.49 -36.75
C LYS D 164 13.34 -23.48 -35.63
N ASN D 165 12.43 -23.71 -34.68
CA ASN D 165 12.23 -22.78 -33.58
C ASN D 165 13.33 -22.89 -32.53
N ALA D 166 13.59 -21.77 -31.85
CA ALA D 166 14.43 -21.83 -30.67
C ALA D 166 13.68 -22.57 -29.57
N ILE D 167 14.44 -23.06 -28.58
CA ILE D 167 13.90 -23.87 -27.48
C ILE D 167 13.56 -22.95 -26.32
N ALA D 168 12.38 -23.15 -25.73
CA ALA D 168 11.93 -22.35 -24.61
C ALA D 168 12.35 -22.97 -23.28
N MET D 169 12.47 -22.10 -22.28
CA MET D 169 12.85 -22.49 -20.93
C MET D 169 11.60 -22.92 -20.16
N ALA D 170 11.73 -24.03 -19.45
CA ALA D 170 10.56 -24.62 -18.79
C ALA D 170 10.67 -24.66 -17.27
N ASP D 171 11.68 -24.05 -16.67
CA ASP D 171 11.77 -24.06 -15.20
C ASP D 171 10.90 -22.98 -14.58
N ILE D 172 11.12 -22.67 -13.31
CA ILE D 172 10.26 -21.77 -12.56
C ILE D 172 10.86 -20.36 -12.46
N PHE D 173 11.88 -20.06 -13.26
CA PHE D 173 12.64 -18.84 -13.07
C PHE D 173 12.40 -17.88 -14.23
N THR D 174 12.95 -16.68 -14.09
CA THR D 174 12.69 -15.60 -15.04
C THR D 174 13.56 -15.74 -16.27
N HIS D 175 12.93 -15.61 -17.44
CA HIS D 175 13.67 -15.71 -18.69
C HIS D 175 13.27 -14.58 -19.63
N ALA D 176 14.29 -13.93 -20.20
CA ALA D 176 14.10 -12.85 -21.15
C ALA D 176 14.24 -13.36 -22.60
N TYR D 177 13.16 -13.28 -23.36
CA TYR D 177 13.10 -13.70 -24.75
C TYR D 177 13.19 -12.47 -25.65
N LYS D 178 14.07 -12.52 -26.65
CA LYS D 178 14.36 -11.34 -27.46
C LYS D 178 14.41 -11.69 -28.94
N LEU D 179 13.71 -10.89 -29.73
CA LEU D 179 13.70 -10.98 -31.18
C LEU D 179 14.16 -9.64 -31.73
N ILE D 180 15.17 -9.66 -32.59
CA ILE D 180 15.69 -8.48 -33.26
C ILE D 180 15.53 -8.66 -34.77
N ILE D 181 14.97 -7.65 -35.42
CA ILE D 181 14.85 -7.65 -36.87
C ILE D 181 15.66 -6.47 -37.39
N PHE D 182 16.54 -6.74 -38.29
CA PHE D 182 17.46 -5.80 -38.89
C PHE D 182 17.03 -5.45 -40.32
N PRO D 183 17.37 -4.25 -40.80
CA PRO D 183 16.91 -3.80 -42.11
C PRO D 183 17.65 -4.39 -43.31
N ASN D 184 18.62 -5.29 -43.14
CA ASN D 184 19.16 -6.01 -44.29
C ASN D 184 18.45 -7.33 -44.49
N ASN D 185 17.28 -7.51 -43.87
CA ASN D 185 16.50 -8.75 -43.87
C ASN D 185 17.19 -9.83 -43.03
N SER D 186 17.77 -9.44 -41.90
CA SER D 186 18.42 -10.37 -41.00
C SER D 186 17.79 -10.26 -39.61
N TYR D 187 18.08 -11.27 -38.78
CA TYR D 187 17.43 -11.36 -37.47
C TYR D 187 18.40 -11.97 -36.48
N GLU D 188 18.07 -11.78 -35.20
CA GLU D 188 18.66 -12.52 -34.09
C GLU D 188 17.55 -12.89 -33.09
N ILE D 189 17.72 -14.04 -32.45
CA ILE D 189 16.83 -14.44 -31.37
C ILE D 189 17.67 -14.75 -30.14
N TRP D 190 17.33 -14.13 -29.03
CA TRP D 190 18.06 -14.28 -27.79
C TRP D 190 17.17 -14.88 -26.71
N VAL D 191 17.76 -15.81 -25.94
CA VAL D 191 17.19 -16.27 -24.68
C VAL D 191 18.18 -15.87 -23.58
N ASN D 192 17.76 -14.95 -22.73
CA ASN D 192 18.67 -14.35 -21.74
C ASN D 192 19.84 -13.79 -22.54
N ASN D 193 21.09 -14.12 -22.17
CA ASN D 193 22.25 -13.58 -22.87
C ASN D 193 22.85 -14.56 -23.84
N ASP D 194 22.06 -15.52 -24.33
CA ASP D 194 22.50 -16.47 -25.36
C ASP D 194 21.77 -16.16 -26.66
N LYS D 195 22.52 -15.88 -27.72
CA LYS D 195 21.91 -15.64 -29.02
C LYS D 195 21.65 -16.99 -29.66
N GLU D 196 20.43 -17.49 -29.54
CA GLU D 196 20.14 -18.86 -29.98
C GLU D 196 19.95 -18.98 -31.49
N ALA D 197 19.74 -17.89 -32.20
CA ALA D 197 19.49 -17.98 -33.63
C ALA D 197 19.74 -16.63 -34.30
N TYR D 198 20.22 -16.69 -35.55
CA TYR D 198 20.46 -15.48 -36.34
C TYR D 198 20.78 -15.88 -37.77
N GLY D 199 20.58 -14.91 -38.69
CA GLY D 199 20.74 -15.21 -40.09
C GLY D 199 19.73 -14.47 -40.95
N ARG D 200 19.34 -15.09 -42.06
CA ARG D 200 18.49 -14.46 -43.09
C ARG D 200 17.03 -14.81 -42.86
N LEU D 201 16.15 -13.84 -43.12
CA LEU D 201 14.71 -14.14 -43.13
C LEU D 201 14.42 -15.14 -44.21
N GLU D 202 15.05 -14.95 -45.38
CA GLU D 202 14.79 -15.79 -46.55
C GLU D 202 15.30 -17.20 -46.35
N ASP D 203 16.31 -17.38 -45.51
CA ASP D 203 16.86 -18.71 -45.31
C ASP D 203 16.12 -19.43 -44.20
N ASP D 204 15.84 -18.75 -43.09
CA ASP D 204 15.28 -19.43 -41.95
C ASP D 204 13.76 -19.45 -41.91
N TRP D 205 13.11 -18.71 -42.80
CA TRP D 205 11.68 -18.84 -43.09
C TRP D 205 11.56 -19.19 -44.57
N THR D 206 10.33 -19.54 -44.99
CA THR D 206 9.96 -19.71 -46.40
C THR D 206 8.82 -18.77 -46.82
N MET D 207 8.94 -17.49 -46.47
CA MET D 207 7.89 -16.55 -46.86
C MET D 207 7.95 -16.22 -48.34
N THR D 208 9.12 -16.30 -48.95
CA THR D 208 9.28 -15.93 -50.35
C THR D 208 9.63 -17.18 -51.14
N GLU D 209 9.68 -17.01 -52.45
CA GLU D 209 10.12 -18.09 -53.30
C GLU D 209 11.55 -18.47 -52.94
N PRO D 210 11.88 -19.77 -52.95
CA PRO D 210 13.22 -20.21 -52.50
C PRO D 210 14.32 -19.60 -53.34
N GLY D 211 14.03 -19.39 -54.64
CA GLY D 211 15.03 -18.83 -55.52
C GLY D 211 15.51 -17.49 -55.01
N SER D 212 16.75 -17.16 -55.37
CA SER D 212 17.46 -16.11 -54.64
C SER D 212 17.16 -14.77 -55.32
N GLY D 213 16.68 -13.81 -54.52
CA GLY D 213 16.03 -12.67 -55.13
C GLY D 213 15.54 -11.55 -54.23
N PRO D 214 14.95 -10.51 -54.87
CA PRO D 214 14.60 -9.30 -54.12
C PRO D 214 13.19 -9.28 -53.52
N VAL D 215 13.13 -9.29 -52.19
CA VAL D 215 11.94 -8.86 -51.46
C VAL D 215 12.51 -7.89 -50.43
N PRO D 216 12.88 -6.68 -50.86
CA PRO D 216 13.73 -5.83 -50.01
C PRO D 216 13.11 -5.48 -48.68
N GLU D 217 11.80 -5.30 -48.61
CA GLU D 217 11.20 -4.82 -47.37
C GLU D 217 10.51 -5.93 -46.60
N LEU D 218 10.99 -7.17 -46.75
CA LEU D 218 10.55 -8.29 -45.93
C LEU D 218 10.68 -7.98 -44.45
N TYR D 219 11.74 -7.28 -44.06
CA TYR D 219 11.95 -6.95 -42.66
C TYR D 219 10.95 -5.94 -42.13
N ARG D 220 10.17 -5.26 -42.98
CA ARG D 220 9.48 -4.05 -42.57
C ARG D 220 8.14 -4.36 -41.93
N TYR D 221 7.87 -3.74 -40.77
CA TYR D 221 6.57 -3.88 -40.07
C TYR D 221 5.99 -2.49 -39.77
N LYS D 222 5.77 -1.73 -40.84
CA LYS D 222 5.23 -0.40 -40.71
C LYS D 222 3.77 -0.50 -40.24
N GLY D 223 3.42 0.30 -39.25
CA GLY D 223 2.08 0.33 -38.70
C GLY D 223 1.88 -0.56 -37.50
N LEU D 224 2.90 -1.29 -37.07
CA LEU D 224 2.83 -2.09 -35.87
C LEU D 224 2.53 -1.19 -34.67
N GLY D 225 1.46 -1.49 -33.94
CA GLY D 225 1.02 -0.59 -32.89
C GLY D 225 0.28 -1.21 -31.72
N ALA D 226 0.26 -2.54 -31.64
CA ALA D 226 -0.47 -3.21 -30.57
C ALA D 226 0.26 -4.46 -30.13
N ILE D 227 0.18 -4.75 -28.84
CA ILE D 227 0.65 -5.99 -28.22
C ILE D 227 -0.53 -6.64 -27.51
N GLY D 228 -0.60 -7.97 -27.56
CA GLY D 228 -1.67 -8.71 -26.92
C GLY D 228 -1.18 -10.05 -26.44
N PHE D 229 -1.80 -10.53 -25.36
CA PHE D 229 -1.61 -11.90 -24.89
C PHE D 229 -2.85 -12.70 -25.28
N GLU D 230 -2.69 -13.60 -26.24
CA GLU D 230 -3.79 -14.47 -26.69
C GLU D 230 -3.26 -15.89 -26.55
N LEU D 231 -3.54 -16.51 -25.41
CA LEU D 231 -2.87 -17.74 -25.04
C LEU D 231 -3.84 -18.62 -24.26
N TRP D 232 -3.54 -19.90 -24.22
CA TRP D 232 -4.24 -20.85 -23.36
C TRP D 232 -3.26 -21.38 -22.32
N GLN D 233 -3.75 -21.58 -21.10
CA GLN D 233 -2.90 -22.18 -20.09
C GLN D 233 -3.69 -23.26 -19.40
N VAL D 234 -3.03 -24.37 -19.06
CA VAL D 234 -3.67 -25.32 -18.18
C VAL D 234 -3.41 -24.83 -16.76
N LYS D 235 -2.19 -25.08 -16.27
CA LYS D 235 -1.73 -24.58 -14.99
C LYS D 235 -1.34 -23.11 -15.16
N SER D 236 -2.15 -22.22 -14.63
CA SER D 236 -1.92 -20.80 -14.78
C SER D 236 -0.93 -20.31 -13.71
N GLY D 237 -0.68 -19.01 -13.70
CA GLY D 237 0.21 -18.40 -12.72
C GLY D 237 1.45 -17.77 -13.30
N THR D 238 1.57 -17.71 -14.64
CA THR D 238 2.73 -17.12 -15.29
C THR D 238 2.76 -15.60 -15.11
N ILE D 239 3.96 -15.04 -14.88
CA ILE D 239 4.14 -13.60 -14.71
C ILE D 239 4.98 -13.06 -15.87
N PHE D 240 4.42 -12.09 -16.59
CA PHE D 240 5.14 -11.41 -17.67
C PHE D 240 5.55 -10.02 -17.21
N ASP D 241 6.74 -9.59 -17.62
CA ASP D 241 7.26 -8.32 -17.17
C ASP D 241 8.24 -7.78 -18.22
N ASN D 242 8.65 -6.52 -18.01
CA ASN D 242 9.80 -5.90 -18.69
C ASN D 242 9.65 -5.94 -20.20
N ILE D 243 8.53 -5.40 -20.69
CA ILE D 243 8.23 -5.42 -22.11
C ILE D 243 8.81 -4.16 -22.72
N LEU D 244 9.79 -4.34 -23.61
CA LEU D 244 10.42 -3.23 -24.29
C LEU D 244 10.43 -3.48 -25.78
N ILE D 245 9.95 -2.51 -26.55
CA ILE D 245 10.09 -2.50 -28.00
C ILE D 245 10.76 -1.20 -28.36
N THR D 246 11.93 -1.30 -29.01
CA THR D 246 12.78 -0.15 -29.27
C THR D 246 13.45 -0.32 -30.63
N ASP D 247 14.12 0.72 -31.10
CA ASP D 247 14.93 0.59 -32.29
C ASP D 247 16.39 0.39 -31.98
N ASP D 248 16.74 0.34 -30.70
CA ASP D 248 18.13 0.40 -30.25
C ASP D 248 18.52 -0.92 -29.61
N PRO D 249 19.26 -1.77 -30.31
CA PRO D 249 19.62 -3.06 -29.69
C PRO D 249 20.37 -2.86 -28.41
N GLU D 250 21.06 -1.74 -28.23
CA GLU D 250 21.82 -1.90 -27.02
C GLU D 250 21.13 -1.31 -25.80
N TYR D 251 20.24 -0.35 -25.99
CA TYR D 251 19.40 0.01 -24.88
C TYR D 251 18.61 -1.20 -24.38
N ALA D 252 18.24 -2.12 -25.29
CA ALA D 252 17.50 -3.32 -24.89
C ALA D 252 18.33 -4.21 -23.96
N LYS D 253 19.64 -4.28 -24.17
CA LYS D 253 20.49 -5.02 -23.23
C LYS D 253 20.55 -4.31 -21.89
N GLU D 254 20.72 -2.98 -21.92
CA GLU D 254 20.80 -2.23 -20.68
C GLU D 254 19.51 -2.33 -19.91
N PHE D 255 18.39 -2.22 -20.60
CA PHE D 255 17.11 -2.21 -19.91
C PHE D 255 16.88 -3.53 -19.19
N ILE D 256 17.13 -4.65 -19.87
CA ILE D 256 16.90 -5.94 -19.22
C ILE D 256 17.91 -6.15 -18.10
N ASP D 257 19.20 -5.87 -18.38
CA ASP D 257 20.25 -6.09 -17.38
C ASP D 257 19.96 -5.35 -16.10
N LYS D 258 19.51 -4.09 -16.20
CA LYS D 258 19.16 -3.35 -14.99
C LYS D 258 17.86 -3.84 -14.38
N GLN D 259 16.82 -4.06 -15.20
CA GLN D 259 15.53 -4.46 -14.62
C GLN D 259 15.65 -5.79 -13.88
N LEU D 260 16.56 -6.67 -14.32
CA LEU D 260 16.75 -7.96 -13.67
C LEU D 260 17.93 -7.96 -12.70
N GLU D 261 18.52 -6.80 -12.44
CA GLU D 261 19.76 -6.69 -11.65
C GLU D 261 19.62 -7.33 -10.28
N ALA D 262 18.57 -6.96 -9.52
CA ALA D 262 18.39 -7.51 -8.19
C ALA D 262 17.91 -8.96 -8.24
N LEU D 263 17.08 -9.30 -9.23
CA LEU D 263 16.41 -10.59 -9.25
C LEU D 263 17.37 -11.73 -9.53
N ARG D 264 18.27 -11.59 -10.50
CA ARG D 264 19.18 -12.68 -10.84
C ARG D 264 19.88 -13.33 -9.64
N PRO D 265 20.41 -12.61 -8.64
CA PRO D 265 21.06 -13.31 -7.51
C PRO D 265 20.10 -14.17 -6.69
N ILE D 266 18.95 -13.61 -6.33
CA ILE D 266 17.92 -14.39 -5.64
C ILE D 266 17.52 -15.60 -6.46
N GLU D 267 17.28 -15.40 -7.74
CA GLU D 267 16.88 -16.54 -8.53
C GLU D 267 18.02 -17.54 -8.65
N LYS D 268 19.27 -17.06 -8.70
CA LYS D 268 20.37 -18.02 -8.78
C LYS D 268 20.39 -18.95 -7.56
N VAL D 269 20.01 -18.47 -6.37
CA VAL D 269 20.06 -19.32 -5.18
C VAL D 269 19.19 -20.55 -5.35
N GLU D 270 17.93 -20.37 -5.78
CA GLU D 270 17.04 -21.53 -5.83
C GLU D 270 17.47 -22.54 -6.89
N SER D 271 18.10 -22.06 -7.97
CA SER D 271 18.48 -22.96 -9.06
C SER D 271 19.49 -24.03 -8.63
N ASP D 272 20.32 -23.77 -7.62
CA ASP D 272 21.36 -24.75 -7.24
C ASP D 272 21.10 -25.40 -5.86
N SER E 22 25.73 -36.48 32.46
CA SER E 22 26.04 -35.33 31.59
C SER E 22 26.07 -35.77 30.10
N GLU E 23 25.79 -34.81 29.20
CA GLU E 23 25.59 -34.78 27.75
C GLU E 23 26.74 -34.10 27.01
N PRO E 24 27.12 -34.59 25.83
CA PRO E 24 28.34 -34.07 25.17
C PRO E 24 28.24 -32.59 24.79
N THR E 25 29.30 -31.85 25.09
CA THR E 25 29.44 -30.47 24.63
C THR E 25 29.88 -30.48 23.16
N ILE E 26 29.20 -29.71 22.33
CA ILE E 26 29.56 -29.58 20.92
C ILE E 26 30.09 -28.15 20.76
N TYR E 27 31.41 -28.02 20.77
CA TYR E 27 32.03 -26.72 20.52
C TYR E 27 31.93 -26.33 19.06
N LEU E 28 31.89 -27.32 18.17
CA LEU E 28 31.80 -27.13 16.73
C LEU E 28 31.28 -28.42 16.09
N LYS E 29 30.33 -28.24 15.17
CA LYS E 29 29.86 -29.32 14.29
C LYS E 29 29.66 -28.68 12.93
N GLU E 30 30.44 -29.13 11.95
CA GLU E 30 30.40 -28.58 10.60
C GLU E 30 30.44 -29.72 9.59
N THR E 31 29.33 -29.91 8.87
CA THR E 31 29.17 -30.97 7.89
C THR E 31 28.76 -30.44 6.51
N PHE E 32 28.56 -29.12 6.37
CA PHE E 32 28.26 -28.48 5.09
C PHE E 32 27.04 -29.10 4.40
N ASP E 33 26.07 -29.59 5.15
CA ASP E 33 24.97 -30.35 4.59
C ASP E 33 23.67 -29.57 4.60
N ASP E 34 23.73 -28.27 4.93
CA ASP E 34 22.56 -27.41 4.85
C ASP E 34 22.68 -26.42 3.69
N GLY E 35 22.94 -26.93 2.48
CA GLY E 35 22.99 -26.07 1.30
C GLY E 35 24.10 -25.02 1.39
N ASP E 36 23.77 -23.81 0.96
CA ASP E 36 24.74 -22.71 0.90
C ASP E 36 24.97 -22.05 2.25
N ALA E 37 24.40 -22.61 3.33
CA ALA E 37 24.46 -22.03 4.66
C ALA E 37 25.84 -22.09 5.32
N TRP E 38 26.92 -22.23 4.54
CA TRP E 38 28.27 -22.31 5.07
C TRP E 38 29.07 -21.04 4.82
N LYS E 39 28.73 -20.31 3.76
CA LYS E 39 29.42 -19.06 3.43
C LYS E 39 29.17 -17.96 4.45
N GLU E 40 28.19 -18.14 5.36
CA GLU E 40 27.62 -17.10 6.23
C GLU E 40 28.35 -17.25 7.56
N ARG E 41 28.98 -18.41 7.74
CA ARG E 41 29.76 -18.90 8.87
C ARG E 41 31.27 -18.79 8.69
N TRP E 42 31.76 -19.20 7.52
CA TRP E 42 33.18 -19.20 7.20
C TRP E 42 33.54 -17.86 6.58
N VAL E 43 34.69 -17.33 6.98
CA VAL E 43 35.18 -16.05 6.50
C VAL E 43 36.36 -16.31 5.58
N GLN E 44 36.28 -15.75 4.38
CA GLN E 44 37.38 -15.74 3.44
C GLN E 44 38.30 -14.61 3.85
N SER E 45 39.54 -14.95 4.14
CA SER E 45 40.45 -13.89 4.50
C SER E 45 40.66 -12.96 3.32
N LYS E 46 40.74 -11.72 3.73
CA LYS E 46 41.08 -10.45 3.14
C LYS E 46 42.55 -10.19 2.96
N HIS E 47 43.37 -10.85 3.79
CA HIS E 47 44.76 -10.46 3.97
C HIS E 47 45.53 -10.49 2.66
N LYS E 48 45.13 -11.33 1.70
CA LYS E 48 45.65 -11.29 0.34
C LYS E 48 44.46 -11.40 -0.61
N ASP E 49 44.58 -10.79 -1.79
CA ASP E 49 43.67 -10.97 -2.91
C ASP E 49 44.06 -12.09 -3.88
N ASP E 50 44.96 -13.01 -3.53
CA ASP E 50 45.19 -14.15 -4.42
C ASP E 50 44.93 -15.48 -3.70
N TYR E 51 44.02 -15.49 -2.75
CA TYR E 51 43.67 -16.72 -2.03
C TYR E 51 42.87 -17.67 -2.93
N GLY E 52 43.09 -18.95 -2.73
CA GLY E 52 42.39 -19.95 -3.53
C GLY E 52 40.89 -19.90 -3.31
N GLU E 53 40.16 -20.49 -4.25
CA GLU E 53 38.70 -20.51 -4.21
C GLU E 53 38.20 -21.81 -3.59
N TRP E 54 37.13 -21.73 -2.81
CA TRP E 54 36.49 -22.91 -2.23
C TRP E 54 35.12 -23.19 -2.86
N GLN E 55 34.67 -24.44 -2.75
CA GLN E 55 33.42 -24.90 -3.36
C GLN E 55 32.96 -26.18 -2.67
N LEU E 56 31.65 -26.38 -2.61
CA LEU E 56 31.09 -27.60 -2.05
C LEU E 56 31.05 -28.72 -3.09
N SER E 57 31.27 -29.96 -2.64
CA SER E 57 31.29 -31.09 -3.56
C SER E 57 31.13 -32.41 -2.80
N HIS E 58 30.54 -33.38 -3.49
CA HIS E 58 30.44 -34.75 -3.03
C HIS E 58 31.57 -35.62 -3.58
N GLY E 59 32.32 -35.12 -4.57
CA GLY E 59 33.47 -35.82 -5.11
C GLY E 59 33.05 -36.83 -6.14
N LYS E 60 34.01 -37.52 -6.77
CA LYS E 60 33.29 -38.60 -7.44
C LYS E 60 32.89 -39.75 -6.48
N LEU E 61 33.78 -40.53 -5.87
CA LEU E 61 33.17 -41.56 -5.02
C LEU E 61 32.34 -40.86 -3.95
N PHE E 62 31.02 -41.01 -4.04
CA PHE E 62 30.12 -40.40 -3.07
C PHE E 62 28.95 -41.35 -2.90
N ALA E 63 28.32 -41.28 -1.74
CA ALA E 63 27.14 -42.09 -1.45
C ALA E 63 25.87 -41.27 -1.62
N ASP E 64 25.81 -40.14 -0.98
CA ASP E 64 24.64 -39.28 -1.03
C ASP E 64 25.00 -38.06 -1.86
N GLU E 65 24.23 -37.84 -2.91
CA GLU E 65 24.43 -36.61 -3.75
C GLU E 65 24.13 -35.41 -2.98
N ASN E 66 23.77 -35.57 -1.70
CA ASN E 66 23.57 -34.45 -0.84
C ASN E 66 24.57 -34.33 0.32
N ASP E 67 25.43 -35.33 0.55
CA ASP E 67 26.50 -35.21 1.53
C ASP E 67 27.59 -34.36 0.89
N MET E 68 27.77 -33.14 1.39
CA MET E 68 28.68 -32.16 0.80
C MET E 68 29.90 -31.99 1.70
N GLY E 69 31.06 -31.76 1.07
CA GLY E 69 32.27 -31.37 1.75
C GLY E 69 32.73 -30.03 1.23
N LEU E 70 33.80 -29.51 1.85
CA LEU E 70 34.40 -28.25 1.44
C LEU E 70 35.62 -28.54 0.56
N LYS E 71 35.70 -27.90 -0.61
CA LYS E 71 36.67 -28.31 -1.63
C LYS E 71 37.49 -27.12 -2.14
N THR E 72 38.81 -27.36 -2.29
CA THR E 72 39.73 -26.39 -2.87
C THR E 72 39.66 -26.44 -4.39
N MET E 73 39.53 -25.28 -5.02
CA MET E 73 39.21 -25.24 -6.44
C MET E 73 40.36 -24.83 -7.35
N GLN E 74 41.41 -24.19 -6.83
CA GLN E 74 42.43 -23.59 -7.67
C GLN E 74 43.81 -24.15 -7.36
N ASP E 75 44.56 -24.49 -8.41
CA ASP E 75 45.91 -25.01 -8.28
C ASP E 75 46.89 -23.91 -7.90
N ALA E 76 47.93 -24.31 -7.16
CA ALA E 76 49.07 -23.44 -6.83
C ALA E 76 48.60 -22.16 -6.15
N ARG E 77 47.91 -22.34 -5.02
CA ARG E 77 47.35 -21.20 -4.31
C ARG E 77 47.47 -21.39 -2.80
N PHE E 78 47.46 -20.26 -2.09
CA PHE E 78 47.23 -20.25 -0.65
C PHE E 78 45.73 -20.21 -0.38
N TYR E 79 45.34 -20.85 0.71
CA TYR E 79 43.96 -20.84 1.17
C TYR E 79 43.90 -20.23 2.56
N SER E 80 42.78 -19.60 2.88
CA SER E 80 42.63 -18.93 4.18
C SER E 80 41.13 -18.72 4.44
N LEU E 81 40.54 -19.66 5.17
CA LEU E 81 39.12 -19.64 5.46
C LEU E 81 38.94 -20.10 6.90
N SER E 82 38.22 -19.32 7.70
CA SER E 82 38.10 -19.62 9.12
C SER E 82 36.68 -19.34 9.58
N ARG E 83 36.41 -19.68 10.83
CA ARG E 83 35.05 -19.67 11.34
C ARG E 83 35.13 -19.69 12.85
N LYS E 84 34.14 -19.08 13.50
CA LYS E 84 34.11 -19.12 14.96
C LYS E 84 33.55 -20.46 15.39
N PHE E 85 33.98 -20.91 16.56
CA PHE E 85 33.38 -22.12 17.12
C PHE E 85 31.91 -21.87 17.37
N ASP E 86 31.15 -22.97 17.47
CA ASP E 86 29.81 -22.83 18.01
C ASP E 86 29.87 -22.30 19.43
N LYS E 87 30.81 -22.81 20.23
CA LYS E 87 30.87 -22.43 21.66
C LYS E 87 32.33 -22.43 22.07
N VAL E 88 32.78 -21.45 22.86
CA VAL E 88 34.21 -21.37 23.21
C VAL E 88 34.63 -22.53 24.11
N VAL E 89 35.93 -22.96 23.96
CA VAL E 89 36.47 -24.12 24.68
C VAL E 89 37.15 -23.68 25.96
N ASP E 90 36.85 -24.42 27.04
CA ASP E 90 37.69 -24.53 28.24
C ASP E 90 37.61 -25.97 28.74
N ASN E 91 38.67 -26.73 28.48
CA ASN E 91 38.70 -28.17 28.77
C ASN E 91 39.28 -28.50 30.15
N LYS E 92 39.27 -27.55 31.08
CA LYS E 92 39.70 -27.81 32.45
C LYS E 92 39.00 -29.02 33.04
N ASP E 93 39.77 -30.04 33.38
CA ASP E 93 39.29 -31.28 34.01
C ASP E 93 38.34 -32.07 33.11
N LYS E 94 38.34 -31.82 31.82
CA LYS E 94 37.55 -32.60 30.87
C LYS E 94 38.39 -32.85 29.64
N PRO E 95 38.03 -33.88 28.83
CA PRO E 95 38.74 -34.13 27.56
C PRO E 95 38.51 -33.06 26.50
N LEU E 96 39.36 -33.11 25.48
CA LEU E 96 39.22 -32.32 24.27
C LEU E 96 39.39 -33.25 23.08
N VAL E 97 38.38 -33.25 22.19
CA VAL E 97 38.36 -34.08 20.99
C VAL E 97 38.30 -33.16 19.76
N ILE E 98 39.22 -33.35 18.82
CA ILE E 98 39.23 -32.63 17.55
C ILE E 98 39.22 -33.70 16.46
N VAL E 99 38.22 -33.64 15.56
CA VAL E 99 38.17 -34.61 14.47
C VAL E 99 37.56 -33.97 13.24
N TYR E 100 38.03 -34.42 12.08
CA TYR E 100 37.50 -34.04 10.77
C TYR E 100 38.01 -35.04 9.74
N THR E 101 37.50 -34.93 8.52
CA THR E 101 37.84 -35.89 7.47
C THR E 101 38.52 -35.20 6.31
N VAL E 102 39.49 -35.90 5.70
CA VAL E 102 40.20 -35.42 4.52
C VAL E 102 40.05 -36.46 3.42
N LYS E 103 39.72 -36.00 2.23
CA LYS E 103 39.73 -36.84 1.03
C LYS E 103 40.57 -36.10 0.00
N HIS E 104 41.78 -36.62 -0.25
CA HIS E 104 42.67 -36.11 -1.31
C HIS E 104 42.37 -36.85 -2.62
N GLU E 105 41.14 -36.67 -3.11
CA GLU E 105 40.66 -37.41 -4.28
C GLU E 105 41.39 -37.06 -5.56
N GLN E 106 42.09 -35.93 -5.61
CA GLN E 106 42.83 -35.53 -6.80
C GLN E 106 44.12 -36.32 -6.99
N ASP E 107 44.47 -37.20 -6.05
CA ASP E 107 45.79 -37.84 -5.98
C ASP E 107 46.88 -36.78 -5.87
N ILE E 108 46.96 -36.20 -4.66
CA ILE E 108 47.72 -34.99 -4.41
C ILE E 108 49.21 -35.27 -4.53
N ASP E 109 49.95 -34.32 -5.11
CA ASP E 109 51.40 -34.38 -5.12
C ASP E 109 51.99 -33.67 -3.91
N CYS E 110 51.61 -32.42 -3.71
CA CYS E 110 52.10 -31.64 -2.59
C CYS E 110 51.01 -30.66 -2.19
N GLY E 111 50.58 -30.75 -0.93
CA GLY E 111 49.58 -29.84 -0.41
C GLY E 111 49.23 -30.18 1.02
N GLY E 112 48.79 -29.17 1.76
CA GLY E 112 48.38 -29.37 3.14
C GLY E 112 46.98 -29.95 3.26
N GLY E 113 46.68 -30.49 4.44
CA GLY E 113 45.34 -30.99 4.70
C GLY E 113 44.98 -30.81 6.15
N TYR E 114 45.64 -29.85 6.79
CA TYR E 114 45.54 -29.64 8.22
C TYR E 114 44.71 -28.41 8.54
N ILE E 115 44.27 -28.36 9.81
CA ILE E 115 43.53 -27.24 10.37
C ILE E 115 44.39 -26.53 11.40
N LYS E 116 44.03 -25.29 11.68
CA LYS E 116 44.60 -24.45 12.73
C LYS E 116 43.47 -24.09 13.67
N LEU E 117 43.69 -24.27 14.97
CA LEU E 117 42.72 -23.89 16.00
C LEU E 117 43.22 -22.67 16.75
N MET E 118 42.36 -21.66 16.88
CA MET E 118 42.79 -20.38 17.41
C MET E 118 41.92 -19.94 18.59
N LEU E 119 42.40 -18.91 19.29
CA LEU E 119 41.70 -18.30 20.40
C LEU E 119 40.44 -17.59 19.90
N GLU E 120 39.48 -17.44 20.81
CA GLU E 120 38.15 -17.01 20.40
C GLU E 120 38.10 -15.62 19.79
N ASN E 121 39.06 -14.75 20.08
CA ASN E 121 38.99 -13.39 19.56
C ASN E 121 39.92 -13.16 18.38
N THR E 122 40.14 -14.20 17.57
CA THR E 122 40.95 -14.04 16.37
C THR E 122 40.18 -13.28 15.29
N ASP E 123 40.86 -12.32 14.68
CA ASP E 123 40.29 -11.54 13.59
C ASP E 123 40.33 -12.38 12.32
N LEU E 124 39.19 -13.02 12.00
CA LEU E 124 39.12 -13.97 10.89
C LEU E 124 39.22 -13.28 9.53
N GLU E 125 38.89 -11.99 9.47
CA GLU E 125 38.97 -11.27 8.22
C GLU E 125 40.42 -10.97 7.83
N ASP E 126 41.38 -11.14 8.75
CA ASP E 126 42.78 -10.94 8.39
C ASP E 126 43.62 -12.21 8.60
N PHE E 127 42.97 -13.36 8.78
CA PHE E 127 43.65 -14.63 8.98
C PHE E 127 44.69 -14.92 7.90
N ASN E 128 45.87 -15.40 8.32
CA ASN E 128 46.95 -15.72 7.41
C ASN E 128 47.96 -16.59 8.14
N SER E 129 49.03 -16.97 7.42
CA SER E 129 50.10 -17.81 7.98
C SER E 129 50.71 -17.26 9.27
N ASP E 130 50.70 -15.93 9.44
CA ASP E 130 51.35 -15.30 10.58
C ASP E 130 50.40 -15.04 11.72
N THR E 131 49.11 -15.26 11.53
CA THR E 131 48.16 -15.17 12.63
C THR E 131 48.55 -16.12 13.77
N PRO E 132 48.51 -15.67 15.01
CA PRO E 132 48.72 -16.61 16.11
C PRO E 132 47.66 -17.70 16.12
N TYR E 133 48.12 -18.93 16.38
CA TYR E 133 47.25 -20.09 16.51
C TYR E 133 47.74 -20.94 17.67
N ARG E 134 46.81 -21.72 18.23
CA ARG E 134 47.10 -22.60 19.35
C ARG E 134 47.49 -24.00 18.90
N ILE E 135 46.69 -24.59 18.03
CA ILE E 135 46.95 -25.95 17.58
C ILE E 135 46.97 -25.98 16.05
N MET E 136 47.91 -26.73 15.50
CA MET E 136 47.89 -27.09 14.09
C MET E 136 47.89 -28.61 14.02
N PHE E 137 46.88 -29.16 13.36
CA PHE E 137 46.73 -30.61 13.39
C PHE E 137 46.17 -31.08 12.06
N GLY E 138 46.77 -32.14 11.52
CA GLY E 138 46.27 -32.73 10.31
C GLY E 138 47.37 -33.08 9.33
N PRO E 139 47.00 -33.77 8.24
CA PRO E 139 48.00 -34.35 7.36
C PRO E 139 48.73 -33.33 6.51
N ASP E 140 49.97 -33.66 6.18
CA ASP E 140 50.81 -32.83 5.33
C ASP E 140 51.55 -33.75 4.39
N ILE E 141 51.23 -33.67 3.10
CA ILE E 141 51.79 -34.56 2.09
C ILE E 141 52.55 -33.74 1.07
N CYS E 142 53.80 -34.15 0.78
CA CYS E 142 54.59 -33.54 -0.29
C CYS E 142 55.66 -34.57 -0.66
N GLY E 143 55.44 -35.30 -1.73
CA GLY E 143 56.35 -36.35 -2.11
C GLY E 143 56.09 -37.64 -1.36
N PRO E 144 56.81 -38.68 -1.74
CA PRO E 144 56.47 -40.05 -1.30
C PRO E 144 56.82 -40.38 0.14
N GLU E 145 57.69 -39.60 0.83
CA GLU E 145 58.27 -40.09 2.09
C GLU E 145 58.08 -39.16 3.29
N LYS E 146 57.80 -37.87 3.14
CA LYS E 146 57.19 -37.24 4.30
C LYS E 146 55.72 -37.38 4.04
N ARG E 147 55.08 -38.08 4.92
CA ARG E 147 53.67 -38.30 4.89
C ARG E 147 53.30 -38.11 6.36
N ALA E 148 53.23 -36.86 6.79
CA ALA E 148 53.18 -36.54 8.20
C ALA E 148 51.82 -35.96 8.59
N VAL E 149 51.43 -36.26 9.82
CA VAL E 149 50.30 -35.63 10.49
C VAL E 149 50.88 -34.57 11.42
N HIS E 150 50.70 -33.31 11.05
CA HIS E 150 51.07 -32.25 11.98
C HIS E 150 50.31 -32.41 13.28
N SER E 151 50.96 -32.00 14.36
CA SER E 151 50.44 -32.24 15.70
C SER E 151 51.06 -31.21 16.64
N ILE E 152 50.86 -29.93 16.31
CA ILE E 152 51.59 -28.81 16.90
C ILE E 152 50.78 -28.18 18.03
N LEU E 153 51.41 -28.01 19.18
CA LEU E 153 50.74 -27.51 20.37
C LEU E 153 51.31 -26.14 20.79
N TRP E 154 50.79 -25.62 21.90
CA TRP E 154 51.14 -24.29 22.38
C TRP E 154 51.50 -24.36 23.85
N HIS E 155 52.51 -23.61 24.24
CA HIS E 155 52.89 -23.48 25.64
C HIS E 155 53.69 -22.19 25.80
N ASP E 156 53.21 -21.30 26.68
CA ASP E 156 53.98 -20.11 27.09
C ASP E 156 54.38 -19.22 25.91
N GLY E 157 53.46 -18.99 24.99
CA GLY E 157 53.69 -18.02 23.93
C GLY E 157 54.33 -18.55 22.67
N LYS E 158 54.47 -19.86 22.52
CA LYS E 158 55.18 -20.45 21.39
C LYS E 158 54.48 -21.73 20.97
N ASN E 159 54.62 -22.08 19.70
CA ASN E 159 54.12 -23.35 19.19
C ASN E 159 55.20 -24.42 19.25
N TYR E 160 54.79 -25.68 19.41
CA TYR E 160 55.73 -26.78 19.57
C TYR E 160 55.31 -27.96 18.73
N GLU E 161 56.20 -28.44 17.85
CA GLU E 161 55.92 -29.61 17.04
C GLU E 161 56.14 -30.89 17.83
N LYS E 162 55.27 -31.88 17.61
CA LYS E 162 55.50 -33.19 18.18
C LYS E 162 56.86 -33.72 17.75
N ARG E 163 57.44 -34.57 18.59
CA ARG E 163 58.81 -35.01 18.36
C ARG E 163 58.87 -35.93 17.17
N LYS E 164 57.91 -36.86 17.08
CA LYS E 164 57.77 -37.84 16.00
C LYS E 164 56.32 -37.78 15.56
N ASN E 165 56.06 -37.26 14.37
CA ASN E 165 54.70 -37.05 13.90
C ASN E 165 54.02 -38.35 13.49
N ALA E 166 52.69 -38.39 13.62
CA ALA E 166 51.94 -39.50 13.06
C ALA E 166 52.09 -39.54 11.54
N ILE E 167 51.82 -40.70 10.95
CA ILE E 167 51.93 -40.88 9.51
C ILE E 167 50.56 -40.66 8.90
N ALA E 168 50.52 -39.87 7.81
CA ALA E 168 49.30 -39.52 7.10
C ALA E 168 49.05 -40.46 5.91
N MET E 169 47.79 -40.54 5.51
CA MET E 169 47.39 -41.33 4.35
C MET E 169 47.46 -40.47 3.10
N ALA E 170 47.99 -41.03 2.02
CA ALA E 170 48.21 -40.27 0.78
C ALA E 170 47.36 -40.77 -0.40
N ASP E 171 46.38 -41.66 -0.17
CA ASP E 171 45.50 -42.14 -1.23
C ASP E 171 44.38 -41.16 -1.55
N ILE E 172 43.35 -41.64 -2.27
CA ILE E 172 42.28 -40.77 -2.76
C ILE E 172 41.01 -40.91 -1.94
N PHE E 173 41.07 -41.52 -0.77
CA PHE E 173 39.86 -41.85 -0.02
C PHE E 173 39.80 -41.02 1.25
N THR E 174 38.70 -41.19 1.98
CA THR E 174 38.44 -40.40 3.18
C THR E 174 39.14 -40.98 4.39
N HIS E 175 39.79 -40.12 5.17
CA HIS E 175 40.44 -40.53 6.39
C HIS E 175 40.12 -39.53 7.49
N ALA E 176 39.71 -40.06 8.63
CA ALA E 176 39.36 -39.26 9.79
C ALA E 176 40.61 -39.06 10.63
N TYR E 177 40.98 -37.81 10.85
CA TYR E 177 42.10 -37.47 11.72
C TYR E 177 41.55 -36.94 13.03
N LYS E 178 42.02 -37.52 14.13
CA LYS E 178 41.46 -37.21 15.44
C LYS E 178 42.59 -36.96 16.42
N LEU E 179 42.45 -35.88 17.17
CA LEU E 179 43.37 -35.53 18.24
C LEU E 179 42.57 -35.46 19.54
N ILE E 180 43.00 -36.18 20.55
CA ILE E 180 42.33 -36.15 21.85
C ILE E 180 43.33 -35.71 22.91
N ILE E 181 42.95 -34.73 23.73
CA ILE E 181 43.76 -34.25 24.83
C ILE E 181 43.01 -34.44 26.15
N PHE E 182 43.66 -35.12 27.13
CA PHE E 182 43.06 -35.44 28.43
C PHE E 182 43.61 -34.54 29.55
N PRO E 183 42.84 -34.30 30.61
CA PRO E 183 43.27 -33.36 31.65
C PRO E 183 44.36 -33.89 32.57
N ASN E 184 44.83 -35.12 32.39
CA ASN E 184 46.01 -35.59 33.10
C ASN E 184 47.28 -35.49 32.25
N ASN E 185 47.27 -34.65 31.21
CA ASN E 185 48.43 -34.40 30.32
C ASN E 185 48.77 -35.59 29.45
N SER E 186 47.75 -36.28 28.97
CA SER E 186 47.92 -37.39 28.06
C SER E 186 47.15 -37.10 26.78
N TYR E 187 47.50 -37.82 25.72
CA TYR E 187 46.92 -37.55 24.41
C TYR E 187 46.80 -38.85 23.62
N GLU E 188 45.92 -38.83 22.61
CA GLU E 188 45.89 -39.86 21.60
C GLU E 188 45.72 -39.16 20.27
N ILE E 189 46.27 -39.77 19.21
CA ILE E 189 45.99 -39.36 17.83
C ILE E 189 45.54 -40.59 17.06
N TRP E 190 44.36 -40.52 16.48
CA TRP E 190 43.79 -41.62 15.72
C TRP E 190 43.66 -41.20 14.27
N VAL E 191 43.96 -42.14 13.37
CA VAL E 191 43.65 -42.01 11.95
C VAL E 191 42.64 -43.10 11.67
N ASN E 192 41.42 -42.69 11.31
CA ASN E 192 40.26 -43.61 11.23
C ASN E 192 40.12 -44.22 12.64
N ASN E 193 40.05 -45.55 12.77
CA ASN E 193 39.91 -46.18 14.08
C ASN E 193 41.20 -46.83 14.56
N ASP E 194 42.34 -46.33 14.12
CA ASP E 194 43.65 -46.78 14.56
C ASP E 194 44.33 -45.70 15.37
N LYS E 195 44.80 -46.04 16.54
CA LYS E 195 45.42 -45.06 17.43
C LYS E 195 46.89 -44.89 17.03
N GLU E 196 47.28 -43.92 16.21
CA GLU E 196 48.68 -43.94 15.86
C GLU E 196 49.59 -43.45 16.92
N ALA E 197 49.10 -42.71 17.89
CA ALA E 197 50.03 -42.16 18.83
C ALA E 197 49.33 -41.93 20.14
N TYR E 198 50.11 -42.08 21.19
CA TYR E 198 49.57 -41.86 22.50
C TYR E 198 50.73 -41.84 23.48
N GLY E 199 50.49 -41.23 24.61
CA GLY E 199 51.51 -41.04 25.60
C GLY E 199 51.26 -39.75 26.33
N ARG E 200 52.33 -39.21 26.89
CA ARG E 200 52.26 -38.00 27.71
C ARG E 200 52.73 -36.78 26.94
N LEU E 201 52.06 -35.65 27.17
CA LEU E 201 52.47 -34.39 26.58
C LEU E 201 53.88 -34.00 26.98
N GLU E 202 54.25 -34.21 28.24
CA GLU E 202 55.55 -33.72 28.72
C GLU E 202 56.72 -34.41 28.03
N ASP E 203 56.52 -35.64 27.58
CA ASP E 203 57.54 -36.47 26.97
C ASP E 203 57.55 -36.44 25.44
N ASP E 204 56.39 -36.42 24.78
CA ASP E 204 56.31 -36.61 23.34
C ASP E 204 56.43 -35.32 22.55
N TRP E 205 56.44 -34.17 23.23
CA TRP E 205 56.81 -32.85 22.74
C TRP E 205 57.98 -32.36 23.58
N THR E 206 58.50 -31.19 23.24
CA THR E 206 59.55 -30.54 24.02
C THR E 206 59.10 -29.22 24.61
N MET E 207 57.83 -29.16 25.03
CA MET E 207 57.37 -27.93 25.67
C MET E 207 58.01 -27.76 27.05
N THR E 208 58.52 -28.85 27.62
CA THR E 208 59.10 -28.90 28.95
C THR E 208 60.58 -29.26 28.86
N GLU E 209 61.25 -29.15 29.99
CA GLU E 209 62.60 -29.64 30.12
C GLU E 209 62.62 -31.17 30.07
N PRO E 210 63.70 -31.78 29.56
CA PRO E 210 63.66 -33.24 29.34
C PRO E 210 63.41 -34.06 30.60
N GLY E 211 64.06 -33.74 31.72
CA GLY E 211 63.82 -34.52 32.94
C GLY E 211 62.38 -34.40 33.37
N SER E 212 61.91 -35.39 34.13
CA SER E 212 60.47 -35.46 34.37
C SER E 212 60.05 -34.52 35.50
N GLY E 213 58.86 -33.94 35.33
CA GLY E 213 58.34 -32.97 36.25
C GLY E 213 56.92 -32.55 35.91
N PRO E 214 56.25 -31.86 36.84
CA PRO E 214 54.84 -31.50 36.66
C PRO E 214 54.68 -30.15 35.97
N VAL E 215 53.88 -30.12 34.91
CA VAL E 215 53.41 -28.88 34.28
C VAL E 215 51.88 -28.92 34.32
N PRO E 216 51.28 -28.56 35.45
CA PRO E 216 49.91 -29.01 35.73
C PRO E 216 48.86 -28.72 34.66
N GLU E 217 48.85 -27.52 34.05
CA GLU E 217 47.81 -27.15 33.09
C GLU E 217 48.35 -27.10 31.65
N LEU E 218 49.35 -27.91 31.37
CA LEU E 218 49.87 -28.02 30.02
C LEU E 218 48.77 -28.38 29.02
N TYR E 219 47.85 -29.26 29.40
CA TYR E 219 46.78 -29.75 28.53
C TYR E 219 45.72 -28.69 28.22
N ARG E 220 45.72 -27.56 28.89
CA ARG E 220 44.57 -26.68 28.89
C ARG E 220 44.64 -25.70 27.74
N TYR E 221 43.54 -25.59 26.99
CA TYR E 221 43.40 -24.67 25.88
C TYR E 221 42.16 -23.80 26.12
N LYS E 222 42.20 -23.03 27.21
CA LYS E 222 41.09 -22.15 27.55
C LYS E 222 41.01 -20.98 26.58
N GLY E 223 39.82 -20.71 26.08
CA GLY E 223 39.61 -19.62 25.15
C GLY E 223 39.67 -20.03 23.70
N LEU E 224 39.95 -21.31 23.42
CA LEU E 224 39.96 -21.81 22.05
C LEU E 224 38.60 -21.61 21.39
N GLY E 225 38.59 -20.91 20.26
CA GLY E 225 37.32 -20.50 19.66
C GLY E 225 37.25 -20.33 18.15
N ALA E 226 38.28 -20.70 17.40
CA ALA E 226 38.24 -20.55 15.95
C ALA E 226 38.98 -21.69 15.28
N ILE E 227 38.47 -22.08 14.11
CA ILE E 227 39.11 -23.07 13.25
C ILE E 227 39.41 -22.41 11.92
N GLY E 228 40.54 -22.74 11.32
CA GLY E 228 40.91 -22.15 10.04
C GLY E 228 41.62 -23.14 9.17
N PHE E 229 41.46 -22.96 7.86
CA PHE E 229 42.26 -23.64 6.86
C PHE E 229 43.27 -22.63 6.32
N GLU E 230 44.54 -22.83 6.63
CA GLU E 230 45.61 -21.97 6.14
C GLU E 230 46.63 -22.89 5.47
N LEU E 231 46.52 -23.03 4.15
CA LEU E 231 47.19 -24.11 3.44
C LEU E 231 47.78 -23.60 2.15
N TRP E 232 48.75 -24.35 1.65
CA TRP E 232 49.18 -24.25 0.27
C TRP E 232 48.87 -25.56 -0.43
N GLN E 233 48.37 -25.47 -1.66
CA GLN E 233 48.14 -26.67 -2.44
C GLN E 233 48.72 -26.47 -3.84
N VAL E 234 49.36 -27.52 -4.35
CA VAL E 234 49.80 -27.52 -5.74
C VAL E 234 48.63 -28.02 -6.58
N LYS E 235 48.45 -29.34 -6.63
CA LYS E 235 47.27 -29.94 -7.26
C LYS E 235 46.12 -29.87 -6.26
N SER E 236 45.15 -28.99 -6.53
CA SER E 236 44.07 -28.74 -5.59
C SER E 236 42.99 -29.81 -5.71
N GLY E 237 41.93 -29.68 -4.92
CA GLY E 237 40.86 -30.64 -5.01
C GLY E 237 40.55 -31.44 -3.76
N THR E 238 41.13 -31.05 -2.64
CA THR E 238 40.91 -31.77 -1.38
C THR E 238 39.48 -31.52 -0.86
N ILE E 239 38.84 -32.54 -0.30
CA ILE E 239 37.51 -32.34 0.26
C ILE E 239 37.56 -32.55 1.78
N PHE E 240 37.20 -31.52 2.52
CA PHE E 240 37.15 -31.57 3.98
C PHE E 240 35.70 -31.70 4.40
N ASP E 241 35.47 -32.47 5.47
CA ASP E 241 34.13 -32.73 5.93
C ASP E 241 34.18 -33.10 7.41
N ASN E 242 32.98 -33.18 8.02
CA ASN E 242 32.77 -33.85 9.30
C ASN E 242 33.66 -33.30 10.41
N ILE E 243 33.59 -32.00 10.63
CA ILE E 243 34.44 -31.35 11.62
C ILE E 243 33.72 -31.32 12.96
N LEU E 244 34.29 -32.00 13.95
CA LEU E 244 33.70 -32.03 15.28
C LEU E 244 34.74 -31.69 16.34
N ILE E 245 34.40 -30.76 17.23
CA ILE E 245 35.20 -30.47 18.42
C ILE E 245 34.28 -30.62 19.62
N THR E 246 34.58 -31.61 20.46
CA THR E 246 33.72 -31.99 21.57
C THR E 246 34.56 -32.42 22.76
N ASP E 247 33.91 -32.60 23.91
CA ASP E 247 34.55 -33.12 25.11
C ASP E 247 34.25 -34.59 25.34
N ASP E 248 33.55 -35.25 24.41
CA ASP E 248 33.11 -36.63 24.59
C ASP E 248 33.80 -37.53 23.58
N PRO E 249 34.83 -38.27 23.97
CA PRO E 249 35.52 -39.15 23.01
C PRO E 249 34.62 -40.19 22.37
N GLU E 250 33.56 -40.66 23.07
CA GLU E 250 32.67 -41.65 22.50
C GLU E 250 31.67 -41.05 21.53
N TYR E 251 31.11 -39.88 21.85
CA TYR E 251 30.23 -39.25 20.87
C TYR E 251 31.01 -38.95 19.61
N ALA E 252 32.28 -38.59 19.75
CA ALA E 252 33.10 -38.36 18.57
C ALA E 252 33.23 -39.63 17.75
N LYS E 253 33.34 -40.79 18.42
CA LYS E 253 33.45 -42.02 17.65
C LYS E 253 32.13 -42.40 16.96
N GLU E 254 30.97 -42.29 17.64
CA GLU E 254 29.83 -42.69 16.83
C GLU E 254 29.57 -41.66 15.73
N PHE E 255 29.77 -40.36 16.04
CA PHE E 255 29.41 -39.31 15.08
C PHE E 255 30.17 -39.48 13.77
N ILE E 256 31.47 -39.75 13.84
CA ILE E 256 32.23 -39.97 12.61
C ILE E 256 31.78 -41.27 11.96
N ASP E 257 31.69 -42.34 12.76
CA ASP E 257 31.27 -43.64 12.24
C ASP E 257 29.88 -43.56 11.61
N LYS E 258 28.99 -42.77 12.21
CA LYS E 258 27.66 -42.59 11.61
C LYS E 258 27.76 -41.86 10.28
N GLN E 259 28.50 -40.75 10.25
CA GLN E 259 28.61 -39.97 9.02
C GLN E 259 29.32 -40.73 7.91
N LEU E 260 30.23 -41.63 8.24
CA LEU E 260 30.91 -42.39 7.21
C LEU E 260 30.27 -43.75 6.96
N GLU E 261 29.12 -44.01 7.57
CA GLU E 261 28.46 -45.30 7.45
C GLU E 261 28.24 -45.66 5.98
N ALA E 262 27.68 -44.72 5.22
CA ALA E 262 27.44 -44.98 3.81
C ALA E 262 28.73 -44.98 3.00
N LEU E 263 29.64 -44.02 3.26
CA LEU E 263 30.76 -43.82 2.36
C LEU E 263 31.79 -44.94 2.45
N ARG E 264 32.17 -45.33 3.67
CA ARG E 264 33.24 -46.32 3.83
C ARG E 264 33.14 -47.53 2.90
N PRO E 265 31.97 -48.18 2.73
CA PRO E 265 31.92 -49.32 1.81
C PRO E 265 32.13 -48.97 0.35
N ILE E 266 31.58 -47.84 -0.13
CA ILE E 266 31.85 -47.42 -1.51
C ILE E 266 33.34 -47.34 -1.77
N GLU E 267 34.09 -46.66 -0.90
CA GLU E 267 35.53 -46.50 -1.12
C GLU E 267 36.21 -47.85 -1.00
N LYS E 268 35.68 -48.70 -0.16
CA LYS E 268 36.33 -49.97 0.05
C LYS E 268 36.26 -50.82 -1.20
N VAL E 269 35.16 -50.75 -1.96
CA VAL E 269 35.09 -51.54 -3.20
C VAL E 269 36.14 -51.04 -4.20
N GLU E 270 36.27 -49.71 -4.31
CA GLU E 270 37.16 -49.07 -5.27
C GLU E 270 38.64 -49.27 -4.92
N SER E 271 38.96 -49.31 -3.63
CA SER E 271 40.31 -49.65 -3.22
C SER E 271 40.68 -51.05 -3.65
N ASP E 272 39.71 -51.83 -4.12
CA ASP E 272 39.85 -53.23 -4.50
C ASP E 272 39.75 -53.39 -6.02
N SER F 22 -45.60 -53.90 -1.60
CA SER F 22 -46.42 -52.84 -2.19
C SER F 22 -45.84 -52.24 -3.41
N GLU F 23 -45.98 -50.92 -3.55
CA GLU F 23 -45.56 -50.73 -4.91
C GLU F 23 -44.77 -49.43 -4.97
N PRO F 24 -43.51 -49.52 -5.38
CA PRO F 24 -42.55 -48.47 -5.06
C PRO F 24 -42.81 -47.14 -5.72
N THR F 25 -42.79 -46.09 -4.90
CA THR F 25 -42.87 -44.72 -5.39
C THR F 25 -41.49 -44.33 -5.89
N ILE F 26 -41.45 -43.82 -7.11
CA ILE F 26 -40.23 -43.36 -7.75
C ILE F 26 -40.31 -41.85 -7.80
N TYR F 27 -39.68 -41.19 -6.83
CA TYR F 27 -39.66 -39.73 -6.84
C TYR F 27 -38.79 -39.19 -7.97
N LEU F 28 -37.72 -39.91 -8.31
CA LEU F 28 -36.84 -39.49 -9.38
C LEU F 28 -36.00 -40.68 -9.82
N LYS F 29 -35.90 -40.86 -11.14
CA LYS F 29 -35.04 -41.88 -11.74
C LYS F 29 -34.43 -41.24 -12.97
N GLU F 30 -33.10 -41.18 -13.05
CA GLU F 30 -32.43 -40.50 -14.16
C GLU F 30 -31.24 -41.32 -14.64
N THR F 31 -31.31 -41.79 -15.89
CA THR F 31 -30.26 -42.63 -16.46
C THR F 31 -29.65 -42.07 -17.74
N PHE F 32 -30.09 -40.90 -18.19
CA PHE F 32 -29.49 -40.21 -19.32
C PHE F 32 -29.45 -41.09 -20.57
N ASP F 33 -30.41 -41.99 -20.72
CA ASP F 33 -30.35 -42.97 -21.79
C ASP F 33 -31.49 -42.84 -22.79
N ASP F 34 -32.30 -41.80 -22.68
CA ASP F 34 -33.33 -41.53 -23.68
C ASP F 34 -32.86 -40.38 -24.58
N GLY F 35 -31.71 -40.62 -25.20
CA GLY F 35 -31.20 -39.67 -26.17
C GLY F 35 -30.91 -38.31 -25.56
N ASP F 36 -31.31 -37.27 -26.29
CA ASP F 36 -31.05 -35.89 -25.91
C ASP F 36 -32.09 -35.34 -24.94
N ALA F 37 -33.04 -36.16 -24.49
CA ALA F 37 -34.18 -35.63 -23.75
C ALA F 37 -33.77 -35.01 -22.43
N TRP F 38 -32.70 -35.51 -21.81
CA TRP F 38 -32.25 -34.96 -20.55
C TRP F 38 -32.12 -33.46 -20.64
N LYS F 39 -31.96 -32.96 -21.86
CA LYS F 39 -31.65 -31.57 -22.10
C LYS F 39 -32.77 -30.57 -21.83
N GLU F 40 -34.08 -30.91 -21.66
CA GLU F 40 -34.53 -29.77 -20.86
C GLU F 40 -35.46 -30.31 -19.75
N ARG F 41 -35.06 -31.45 -19.15
CA ARG F 41 -35.31 -31.69 -17.74
C ARG F 41 -34.25 -30.96 -16.94
N TRP F 42 -33.00 -31.04 -17.39
CA TRP F 42 -31.89 -30.44 -16.67
C TRP F 42 -31.72 -28.99 -17.11
N VAL F 43 -31.59 -28.10 -16.14
CA VAL F 43 -31.47 -26.67 -16.39
C VAL F 43 -30.05 -26.23 -16.04
N GLN F 44 -29.39 -25.56 -16.98
CA GLN F 44 -28.08 -24.99 -16.72
C GLN F 44 -28.28 -23.63 -16.08
N SER F 45 -27.83 -23.46 -14.85
CA SER F 45 -27.96 -22.19 -14.18
C SER F 45 -27.13 -21.15 -14.91
N LYS F 46 -27.30 -19.93 -14.48
CA LYS F 46 -27.00 -18.79 -15.35
C LYS F 46 -26.91 -17.55 -14.49
N HIS F 47 -26.65 -17.83 -13.22
CA HIS F 47 -26.04 -17.01 -12.19
C HIS F 47 -24.58 -16.64 -12.51
N LYS F 48 -23.85 -17.41 -13.32
CA LYS F 48 -22.43 -17.11 -13.59
C LYS F 48 -22.04 -17.13 -15.07
N ASP F 49 -20.93 -16.42 -15.36
CA ASP F 49 -20.29 -16.42 -16.68
C ASP F 49 -20.12 -17.83 -17.18
N ASP F 50 -19.32 -18.55 -16.40
CA ASP F 50 -18.31 -19.51 -16.84
C ASP F 50 -18.53 -20.86 -16.20
N TYR F 51 -19.78 -21.24 -16.01
CA TYR F 51 -20.04 -22.55 -15.46
C TYR F 51 -19.55 -23.58 -16.47
N GLY F 52 -18.99 -24.67 -15.99
CA GLY F 52 -18.48 -25.70 -16.87
C GLY F 52 -19.57 -26.30 -17.74
N GLU F 53 -19.11 -27.01 -18.76
CA GLU F 53 -19.97 -27.63 -19.76
C GLU F 53 -20.29 -29.07 -19.34
N TRP F 54 -21.53 -29.47 -19.54
CA TRP F 54 -21.92 -30.84 -19.30
C TRP F 54 -22.16 -31.52 -20.64
N GLN F 55 -22.09 -32.84 -20.65
CA GLN F 55 -22.22 -33.63 -21.87
C GLN F 55 -22.49 -35.08 -21.48
N LEU F 56 -23.22 -35.80 -22.33
CA LEU F 56 -23.37 -37.22 -22.06
C LEU F 56 -22.18 -38.00 -22.62
N SER F 57 -21.81 -39.07 -21.92
CA SER F 57 -20.67 -39.88 -22.32
C SER F 57 -20.74 -41.22 -21.63
N HIS F 58 -20.24 -42.26 -22.31
CA HIS F 58 -20.15 -43.57 -21.68
C HIS F 58 -18.77 -43.88 -21.12
N GLY F 59 -17.76 -43.05 -21.36
CA GLY F 59 -16.44 -43.25 -20.80
C GLY F 59 -15.60 -44.21 -21.63
N LYS F 60 -14.30 -44.29 -21.29
CA LYS F 60 -13.46 -45.31 -21.91
C LYS F 60 -13.90 -46.73 -21.53
N LEU F 61 -14.06 -47.01 -20.23
CA LEU F 61 -14.49 -48.33 -19.77
C LEU F 61 -16.01 -48.41 -19.76
N PHE F 62 -16.57 -49.29 -20.58
CA PHE F 62 -18.02 -49.44 -20.67
C PHE F 62 -18.36 -50.87 -21.02
N ALA F 63 -19.65 -51.19 -20.86
CA ALA F 63 -20.19 -52.43 -21.41
C ALA F 63 -21.01 -52.16 -22.66
N ASP F 64 -21.97 -51.26 -22.55
CA ASP F 64 -22.88 -50.90 -23.60
C ASP F 64 -22.56 -49.47 -23.95
N GLU F 65 -22.14 -49.25 -25.19
CA GLU F 65 -21.85 -47.92 -25.67
C GLU F 65 -23.13 -47.08 -25.72
N ASN F 66 -24.25 -47.65 -25.29
CA ASN F 66 -25.50 -46.92 -25.23
C ASN F 66 -25.90 -46.50 -23.82
N ASP F 67 -25.28 -47.09 -22.79
CA ASP F 67 -25.50 -46.63 -21.43
C ASP F 67 -24.66 -45.38 -21.24
N MET F 68 -25.33 -44.24 -21.12
CA MET F 68 -24.68 -42.94 -21.04
C MET F 68 -24.82 -42.34 -19.65
N GLY F 69 -23.79 -41.63 -19.22
CA GLY F 69 -23.85 -40.88 -17.99
C GLY F 69 -23.63 -39.40 -18.26
N LEU F 70 -23.74 -38.62 -17.20
CA LEU F 70 -23.54 -37.18 -17.27
C LEU F 70 -22.08 -36.85 -16.90
N LYS F 71 -21.43 -36.05 -17.74
CA LYS F 71 -19.99 -35.85 -17.64
C LYS F 71 -19.64 -34.37 -17.60
N THR F 72 -18.72 -34.02 -16.70
CA THR F 72 -18.16 -32.68 -16.61
C THR F 72 -17.07 -32.53 -17.65
N MET F 73 -17.09 -31.44 -18.40
CA MET F 73 -16.30 -31.30 -19.62
C MET F 73 -15.10 -30.37 -19.50
N GLN F 74 -15.06 -29.45 -18.55
CA GLN F 74 -14.01 -28.44 -18.51
C GLN F 74 -13.29 -28.43 -17.18
N ASP F 75 -11.97 -28.35 -17.23
CA ASP F 75 -11.15 -28.31 -16.03
C ASP F 75 -11.24 -26.94 -15.35
N ALA F 76 -11.17 -26.95 -14.02
CA ALA F 76 -11.14 -25.73 -13.21
C ALA F 76 -12.37 -24.84 -13.47
N ARG F 77 -13.55 -25.42 -13.24
CA ARG F 77 -14.82 -24.73 -13.41
C ARG F 77 -15.75 -25.11 -12.28
N PHE F 78 -16.68 -24.22 -11.96
CA PHE F 78 -17.82 -24.54 -11.14
C PHE F 78 -18.91 -25.09 -12.04
N TYR F 79 -19.67 -26.03 -11.52
CA TYR F 79 -20.79 -26.57 -12.27
C TYR F 79 -22.06 -26.29 -11.48
N SER F 80 -23.17 -26.15 -12.21
CA SER F 80 -24.45 -25.83 -11.57
C SER F 80 -25.53 -26.28 -12.54
N LEU F 81 -26.07 -27.46 -12.30
CA LEU F 81 -27.08 -28.04 -13.18
C LEU F 81 -28.13 -28.76 -12.33
N SER F 82 -29.40 -28.44 -12.55
CA SER F 82 -30.43 -28.92 -11.65
C SER F 82 -31.66 -29.33 -12.44
N ARG F 83 -32.61 -29.92 -11.72
CA ARG F 83 -33.74 -30.58 -12.33
C ARG F 83 -34.78 -30.83 -11.27
N LYS F 84 -36.05 -30.86 -11.68
CA LYS F 84 -37.15 -31.17 -10.77
C LYS F 84 -37.33 -32.68 -10.61
N PHE F 85 -37.81 -33.10 -9.44
CA PHE F 85 -38.16 -34.50 -9.24
C PHE F 85 -39.32 -34.89 -10.15
N ASP F 86 -39.43 -36.19 -10.47
CA ASP F 86 -40.67 -36.63 -11.09
C ASP F 86 -41.86 -36.41 -10.14
N LYS F 87 -41.72 -36.77 -8.86
CA LYS F 87 -42.71 -36.28 -7.92
C LYS F 87 -42.07 -35.90 -6.60
N VAL F 88 -42.72 -34.94 -5.92
CA VAL F 88 -42.23 -34.36 -4.68
C VAL F 88 -42.23 -35.37 -3.55
N VAL F 89 -41.31 -35.22 -2.65
CA VAL F 89 -41.12 -36.15 -1.56
C VAL F 89 -41.92 -35.68 -0.37
N ASP F 90 -42.62 -36.62 0.28
CA ASP F 90 -43.06 -36.46 1.67
C ASP F 90 -42.85 -37.84 2.26
N ASN F 91 -41.75 -38.01 2.98
CA ASN F 91 -41.34 -39.32 3.45
C ASN F 91 -41.89 -39.64 4.84
N LYS F 92 -42.94 -38.93 5.25
CA LYS F 92 -43.57 -39.16 6.54
C LYS F 92 -43.93 -40.64 6.72
N ASP F 93 -43.33 -41.25 7.74
CA ASP F 93 -43.59 -42.62 8.14
C ASP F 93 -43.21 -43.64 7.07
N LYS F 94 -42.35 -43.26 6.12
CA LYS F 94 -41.82 -44.15 5.10
C LYS F 94 -40.31 -43.90 4.97
N PRO F 95 -39.59 -44.89 4.46
CA PRO F 95 -38.16 -44.65 4.19
C PRO F 95 -37.96 -43.69 3.03
N LEU F 96 -36.78 -43.08 3.01
CA LEU F 96 -36.37 -42.23 1.92
C LEU F 96 -35.00 -42.71 1.47
N VAL F 97 -34.91 -43.13 0.21
CA VAL F 97 -33.70 -43.74 -0.32
C VAL F 97 -33.19 -42.88 -1.46
N ILE F 98 -31.94 -42.45 -1.34
CA ILE F 98 -31.24 -41.65 -2.35
C ILE F 98 -30.00 -42.44 -2.75
N VAL F 99 -29.87 -42.75 -4.03
CA VAL F 99 -28.71 -43.47 -4.54
C VAL F 99 -28.44 -43.02 -5.97
N TYR F 100 -27.16 -43.00 -6.33
CA TYR F 100 -26.68 -42.67 -7.67
C TYR F 100 -25.25 -43.18 -7.78
N THR F 101 -24.70 -43.12 -9.00
CA THR F 101 -23.34 -43.61 -9.25
C THR F 101 -22.42 -42.48 -9.72
N VAL F 102 -21.15 -42.58 -9.33
CA VAL F 102 -20.09 -41.66 -9.74
C VAL F 102 -18.93 -42.47 -10.32
N LYS F 103 -18.38 -42.02 -11.44
CA LYS F 103 -17.15 -42.56 -12.02
C LYS F 103 -16.17 -41.42 -12.28
N HIS F 104 -15.10 -41.37 -11.48
CA HIS F 104 -14.00 -40.41 -11.68
C HIS F 104 -12.97 -41.01 -12.64
N GLU F 105 -13.38 -41.11 -13.92
CA GLU F 105 -12.54 -41.71 -14.95
C GLU F 105 -11.15 -41.09 -15.00
N GLN F 106 -11.09 -39.77 -14.91
CA GLN F 106 -9.90 -38.99 -15.16
C GLN F 106 -8.83 -39.14 -14.09
N ASP F 107 -9.06 -39.92 -13.03
CA ASP F 107 -8.18 -39.93 -11.86
C ASP F 107 -8.17 -38.55 -11.22
N ILE F 108 -9.23 -38.23 -10.50
CA ILE F 108 -9.48 -36.86 -10.05
C ILE F 108 -8.43 -36.44 -9.03
N ASP F 109 -7.99 -35.20 -9.11
CA ASP F 109 -7.14 -34.67 -8.06
C ASP F 109 -7.95 -33.97 -7.00
N CYS F 110 -8.78 -33.01 -7.40
CA CYS F 110 -9.59 -32.26 -6.45
C CYS F 110 -10.90 -31.95 -7.16
N GLY F 111 -12.01 -32.42 -6.61
CA GLY F 111 -13.28 -32.09 -7.20
C GLY F 111 -14.44 -32.74 -6.48
N GLY F 112 -15.59 -32.11 -6.54
CA GLY F 112 -16.77 -32.66 -5.94
C GLY F 112 -17.44 -33.71 -6.81
N GLY F 113 -18.21 -34.55 -6.15
CA GLY F 113 -18.96 -35.57 -6.83
C GLY F 113 -20.25 -35.80 -6.09
N TYR F 114 -20.69 -34.79 -5.35
CA TYR F 114 -21.84 -34.87 -4.45
C TYR F 114 -23.04 -34.18 -5.08
N ILE F 115 -24.23 -34.54 -4.60
CA ILE F 115 -25.47 -33.95 -5.07
C ILE F 115 -26.10 -33.12 -3.97
N LYS F 116 -26.97 -32.21 -4.37
CA LYS F 116 -27.74 -31.39 -3.46
C LYS F 116 -29.20 -31.63 -3.71
N LEU F 117 -29.96 -31.87 -2.65
CA LEU F 117 -31.38 -32.06 -2.75
C LEU F 117 -32.07 -30.83 -2.17
N MET F 118 -32.98 -30.24 -2.95
CA MET F 118 -33.58 -28.96 -2.60
C MET F 118 -35.10 -29.03 -2.60
N LEU F 119 -35.72 -28.01 -2.02
CA LEU F 119 -37.16 -27.88 -1.96
C LEU F 119 -37.72 -27.70 -3.37
N GLU F 120 -38.99 -28.05 -3.53
CA GLU F 120 -39.60 -28.15 -4.86
C GLU F 120 -39.69 -26.81 -5.58
N ASN F 121 -39.65 -25.69 -4.85
CA ASN F 121 -39.81 -24.38 -5.48
C ASN F 121 -38.49 -23.63 -5.61
N THR F 122 -37.40 -24.37 -5.76
CA THR F 122 -36.10 -23.75 -5.92
C THR F 122 -35.96 -23.14 -7.32
N ASP F 123 -35.37 -21.94 -7.40
CA ASP F 123 -35.17 -21.27 -8.69
C ASP F 123 -34.06 -21.98 -9.47
N LEU F 124 -34.45 -22.79 -10.45
CA LEU F 124 -33.46 -23.64 -11.11
C LEU F 124 -32.49 -22.88 -12.03
N GLU F 125 -32.87 -21.72 -12.58
CA GLU F 125 -31.90 -20.96 -13.37
C GLU F 125 -30.95 -20.09 -12.57
N ASP F 126 -31.18 -19.88 -11.27
CA ASP F 126 -30.20 -19.13 -10.51
C ASP F 126 -29.53 -20.01 -9.48
N PHE F 127 -29.67 -21.33 -9.60
CA PHE F 127 -29.04 -22.26 -8.68
C PHE F 127 -27.53 -22.02 -8.61
N ASN F 128 -26.99 -22.00 -7.40
CA ASN F 128 -25.58 -21.70 -7.22
C ASN F 128 -25.18 -22.13 -5.82
N SER F 129 -23.92 -21.85 -5.45
CA SER F 129 -23.41 -22.26 -4.14
C SER F 129 -24.31 -21.80 -3.00
N ASP F 130 -24.99 -20.67 -3.17
CA ASP F 130 -25.74 -20.06 -2.08
C ASP F 130 -27.22 -20.40 -2.10
N THR F 131 -27.74 -21.03 -3.14
CA THR F 131 -29.11 -21.53 -3.11
C THR F 131 -29.25 -22.44 -1.90
N PRO F 132 -30.30 -22.27 -1.10
CA PRO F 132 -30.53 -23.20 0.03
C PRO F 132 -30.84 -24.62 -0.44
N TYR F 133 -30.31 -25.59 0.30
CA TYR F 133 -30.50 -27.00 0.04
C TYR F 133 -30.84 -27.75 1.33
N ARG F 134 -31.52 -28.90 1.19
CA ARG F 134 -31.88 -29.74 2.33
C ARG F 134 -30.84 -30.83 2.60
N ILE F 135 -30.43 -31.56 1.58
CA ILE F 135 -29.44 -32.61 1.75
C ILE F 135 -28.31 -32.37 0.77
N MET F 136 -27.08 -32.53 1.23
CA MET F 136 -25.90 -32.63 0.38
C MET F 136 -25.25 -33.97 0.67
N PHE F 137 -25.08 -34.78 -0.36
CA PHE F 137 -24.65 -36.15 -0.14
C PHE F 137 -23.77 -36.65 -1.27
N GLY F 138 -22.60 -37.19 -0.93
CA GLY F 138 -21.73 -37.75 -1.94
C GLY F 138 -20.26 -37.45 -1.75
N PRO F 139 -19.44 -38.02 -2.63
CA PRO F 139 -17.99 -37.97 -2.46
C PRO F 139 -17.36 -36.62 -2.82
N ASP F 140 -16.27 -36.32 -2.13
CA ASP F 140 -15.51 -35.10 -2.35
C ASP F 140 -14.04 -35.43 -2.12
N ILE F 141 -13.23 -35.32 -3.17
CA ILE F 141 -11.82 -35.70 -3.16
C ILE F 141 -11.00 -34.43 -3.40
N CYS F 142 -9.95 -34.23 -2.60
CA CYS F 142 -9.05 -33.12 -2.82
C CYS F 142 -7.73 -33.37 -2.10
N GLY F 143 -6.65 -33.59 -2.85
CA GLY F 143 -5.36 -33.71 -2.22
C GLY F 143 -5.13 -35.06 -1.58
N PRO F 144 -4.05 -35.18 -0.80
CA PRO F 144 -3.74 -36.45 -0.14
C PRO F 144 -4.68 -36.83 0.99
N GLU F 145 -5.51 -35.92 1.51
CA GLU F 145 -6.26 -36.26 2.72
C GLU F 145 -7.77 -36.31 2.54
N LYS F 146 -8.35 -35.42 1.74
CA LYS F 146 -9.80 -35.31 1.69
C LYS F 146 -10.36 -36.39 0.78
N ARG F 147 -11.07 -37.33 1.37
CA ARG F 147 -11.79 -38.40 0.69
C ARG F 147 -13.09 -38.62 1.47
N ALA F 148 -13.99 -37.66 1.38
CA ALA F 148 -15.12 -37.61 2.28
C ALA F 148 -16.41 -37.84 1.54
N VAL F 149 -17.34 -38.52 2.19
CA VAL F 149 -18.71 -38.62 1.71
C VAL F 149 -19.48 -37.55 2.47
N HIS F 150 -19.78 -36.45 1.81
CA HIS F 150 -20.66 -35.50 2.46
C HIS F 150 -22.01 -36.18 2.73
N SER F 151 -22.60 -35.79 3.86
CA SER F 151 -23.80 -36.45 4.35
C SER F 151 -24.54 -35.44 5.21
N ILE F 152 -24.85 -34.29 4.62
CA ILE F 152 -25.29 -33.09 5.33
C ILE F 152 -26.81 -33.00 5.35
N LEU F 153 -27.40 -32.83 6.53
CA LEU F 153 -28.85 -32.83 6.69
C LEU F 153 -29.36 -31.46 7.11
N TRP F 154 -30.67 -31.35 7.26
CA TRP F 154 -31.35 -30.09 7.55
C TRP F 154 -32.21 -30.21 8.80
N HIS F 155 -32.17 -29.17 9.63
CA HIS F 155 -33.06 -29.09 10.77
C HIS F 155 -33.18 -27.64 11.18
N ASP F 156 -34.43 -27.15 11.25
CA ASP F 156 -34.73 -25.86 11.87
C ASP F 156 -33.95 -24.72 11.22
N GLY F 157 -33.91 -24.72 9.88
CA GLY F 157 -33.34 -23.60 9.13
C GLY F 157 -31.87 -23.67 8.85
N LYS F 158 -31.24 -24.82 9.06
CA LYS F 158 -29.80 -24.86 9.17
C LYS F 158 -29.32 -26.24 8.72
N ASN F 159 -28.17 -26.29 8.10
CA ASN F 159 -27.53 -27.51 7.67
C ASN F 159 -26.53 -27.98 8.71
N TYR F 160 -26.36 -29.29 8.79
CA TYR F 160 -25.51 -29.88 9.80
C TYR F 160 -24.69 -30.98 9.16
N GLU F 161 -23.39 -30.89 9.29
CA GLU F 161 -22.55 -31.94 8.76
C GLU F 161 -22.56 -33.14 9.71
N LYS F 162 -22.56 -34.34 9.13
CA LYS F 162 -22.41 -35.54 9.95
C LYS F 162 -21.12 -35.41 10.75
N ARG F 163 -21.07 -36.05 11.91
CA ARG F 163 -19.93 -35.88 12.80
C ARG F 163 -18.71 -36.62 12.29
N LYS F 164 -18.91 -37.83 11.79
CA LYS F 164 -17.86 -38.68 11.26
C LYS F 164 -18.31 -39.11 9.86
N ASN F 165 -17.65 -38.58 8.84
CA ASN F 165 -18.10 -38.83 7.48
C ASN F 165 -17.70 -40.23 7.01
N ALA F 166 -18.53 -40.81 6.15
CA ALA F 166 -18.13 -42.02 5.46
C ALA F 166 -16.98 -41.70 4.50
N ILE F 167 -16.22 -42.74 4.13
CA ILE F 167 -15.01 -42.56 3.31
C ILE F 167 -15.35 -42.71 1.83
N ALA F 168 -14.85 -41.79 1.00
CA ALA F 168 -15.14 -41.83 -0.42
C ALA F 168 -14.10 -42.65 -1.19
N MET F 169 -14.56 -43.22 -2.31
CA MET F 169 -13.76 -44.06 -3.17
C MET F 169 -13.01 -43.15 -4.13
N ALA F 170 -11.72 -43.42 -4.35
CA ALA F 170 -10.93 -42.50 -5.15
C ALA F 170 -10.32 -43.13 -6.40
N ASP F 171 -10.65 -44.37 -6.72
CA ASP F 171 -10.09 -45.01 -7.90
C ASP F 171 -10.81 -44.49 -9.14
N ILE F 172 -10.63 -45.18 -10.27
CA ILE F 172 -11.12 -44.70 -11.56
C ILE F 172 -12.38 -45.46 -11.99
N PHE F 173 -13.04 -46.16 -11.07
CA PHE F 173 -14.16 -47.03 -11.39
C PHE F 173 -15.46 -46.49 -10.82
N THR F 174 -16.57 -47.19 -11.12
CA THR F 174 -17.93 -46.77 -10.77
C THR F 174 -18.26 -47.13 -9.33
N HIS F 175 -18.91 -46.20 -8.62
CA HIS F 175 -19.37 -46.46 -7.25
C HIS F 175 -20.76 -45.91 -6.98
N ALA F 176 -21.60 -46.72 -6.34
CA ALA F 176 -22.93 -46.30 -5.95
C ALA F 176 -22.94 -45.87 -4.48
N TYR F 177 -23.27 -44.60 -4.24
CA TYR F 177 -23.39 -44.05 -2.89
C TYR F 177 -24.88 -43.95 -2.58
N LYS F 178 -25.27 -44.46 -1.43
CA LYS F 178 -26.68 -44.55 -1.08
C LYS F 178 -26.91 -44.06 0.34
N LEU F 179 -27.90 -43.20 0.50
CA LEU F 179 -28.32 -42.69 1.79
C LEU F 179 -29.78 -43.07 1.99
N ILE F 180 -30.08 -43.70 3.11
CA ILE F 180 -31.44 -44.07 3.45
C ILE F 180 -31.79 -43.36 4.76
N ILE F 181 -32.95 -42.71 4.78
CA ILE F 181 -33.42 -42.09 6.00
C ILE F 181 -34.74 -42.75 6.37
N PHE F 182 -34.80 -43.29 7.58
CA PHE F 182 -35.92 -44.06 8.11
C PHE F 182 -36.78 -43.20 9.05
N PRO F 183 -38.08 -43.50 9.16
CA PRO F 183 -38.97 -42.63 9.94
C PRO F 183 -38.83 -42.79 11.44
N ASN F 184 -37.91 -43.62 11.92
CA ASN F 184 -37.58 -43.68 13.33
C ASN F 184 -36.40 -42.79 13.67
N ASN F 185 -36.07 -41.84 12.78
CA ASN F 185 -34.94 -40.92 12.96
C ASN F 185 -33.61 -41.68 12.87
N SER F 186 -33.53 -42.67 11.99
CA SER F 186 -32.29 -43.39 11.81
C SER F 186 -31.92 -43.39 10.32
N TYR F 187 -30.68 -43.79 10.04
CA TYR F 187 -30.12 -43.64 8.73
C TYR F 187 -29.20 -44.80 8.43
N GLU F 188 -28.92 -44.98 7.14
CA GLU F 188 -27.83 -45.80 6.65
C GLU F 188 -27.11 -45.05 5.53
N ILE F 189 -25.80 -45.32 5.40
CA ILE F 189 -25.01 -44.87 4.25
C ILE F 189 -24.30 -46.09 3.69
N TRP F 190 -24.47 -46.34 2.40
CA TRP F 190 -23.82 -47.46 1.72
C TRP F 190 -22.88 -46.95 0.62
N VAL F 191 -21.75 -47.63 0.41
CA VAL F 191 -20.92 -47.48 -0.79
C VAL F 191 -20.88 -48.84 -1.48
N ASN F 192 -21.46 -48.94 -2.69
CA ASN F 192 -21.63 -50.22 -3.39
C ASN F 192 -22.49 -51.08 -2.47
N ASN F 193 -22.05 -52.30 -2.09
CA ASN F 193 -22.81 -53.19 -1.21
C ASN F 193 -22.29 -53.21 0.21
N ASP F 194 -21.59 -52.17 0.63
CA ASP F 194 -21.09 -52.07 1.99
C ASP F 194 -21.86 -50.98 2.73
N LYS F 195 -22.43 -51.34 3.86
CA LYS F 195 -23.14 -50.41 4.73
C LYS F 195 -22.07 -49.72 5.58
N GLU F 196 -21.63 -48.53 5.17
CA GLU F 196 -20.51 -47.89 5.82
C GLU F 196 -20.90 -47.23 7.13
N ALA F 197 -22.17 -46.95 7.32
CA ALA F 197 -22.60 -46.24 8.51
C ALA F 197 -24.07 -46.48 8.70
N TYR F 198 -24.50 -46.41 9.96
CA TYR F 198 -25.90 -46.53 10.29
C TYR F 198 -26.05 -46.11 11.75
N GLY F 199 -27.26 -45.76 12.12
CA GLY F 199 -27.52 -45.30 13.47
C GLY F 199 -28.60 -44.24 13.47
N ARG F 200 -28.50 -43.38 14.47
CA ARG F 200 -29.44 -42.32 14.81
C ARG F 200 -29.10 -40.98 14.20
N LEU F 201 -30.13 -40.29 13.77
CA LEU F 201 -29.87 -38.94 13.36
C LEU F 201 -29.35 -38.17 14.54
N GLU F 202 -29.98 -38.37 15.71
CA GLU F 202 -29.63 -37.61 16.91
C GLU F 202 -28.25 -37.97 17.46
N ASP F 203 -27.76 -39.17 17.16
CA ASP F 203 -26.45 -39.57 17.67
C ASP F 203 -25.33 -39.17 16.74
N ASP F 204 -25.52 -39.36 15.43
CA ASP F 204 -24.44 -39.18 14.47
C ASP F 204 -24.40 -37.78 13.86
N TRP F 205 -25.39 -36.94 14.13
CA TRP F 205 -25.33 -35.50 13.88
C TRP F 205 -25.51 -34.78 15.22
N THR F 206 -25.32 -33.47 15.20
CA THR F 206 -25.57 -32.65 16.40
C THR F 206 -26.65 -31.60 16.15
N MET F 207 -27.75 -32.01 15.55
CA MET F 207 -28.82 -31.08 15.19
C MET F 207 -29.70 -30.62 16.36
N THR F 208 -29.80 -31.40 17.45
CA THR F 208 -30.70 -31.14 18.57
C THR F 208 -29.92 -30.92 19.86
N GLU F 209 -30.65 -30.51 20.91
CA GLU F 209 -30.07 -30.41 22.25
C GLU F 209 -29.61 -31.79 22.71
N PRO F 210 -28.48 -31.88 23.44
CA PRO F 210 -27.88 -33.20 23.67
C PRO F 210 -28.76 -34.25 24.35
N GLY F 211 -29.57 -33.93 25.35
CA GLY F 211 -30.47 -34.93 25.96
C GLY F 211 -31.61 -35.37 25.06
N SER F 212 -32.19 -36.56 25.31
CA SER F 212 -33.06 -37.12 24.28
C SER F 212 -34.46 -36.56 24.62
N GLY F 213 -34.82 -35.44 23.94
CA GLY F 213 -36.14 -34.83 23.98
C GLY F 213 -36.72 -35.12 22.60
N PRO F 214 -37.95 -34.81 22.41
CA PRO F 214 -38.61 -35.26 21.18
C PRO F 214 -38.39 -34.27 20.06
N VAL F 215 -37.76 -34.76 18.99
CA VAL F 215 -37.77 -34.10 17.69
C VAL F 215 -38.32 -35.18 16.75
N PRO F 216 -39.60 -35.50 16.85
CA PRO F 216 -40.11 -36.71 16.19
C PRO F 216 -39.90 -36.70 14.69
N GLU F 217 -39.94 -35.52 14.08
CA GLU F 217 -39.89 -35.39 12.63
C GLU F 217 -38.54 -34.88 12.12
N LEU F 218 -37.47 -35.16 12.86
CA LEU F 218 -36.12 -34.85 12.39
C LEU F 218 -35.86 -35.47 11.02
N TYR F 219 -36.39 -36.67 10.78
CA TYR F 219 -36.21 -37.43 9.55
C TYR F 219 -36.96 -36.83 8.36
N ARG F 220 -37.88 -35.89 8.58
CA ARG F 220 -38.85 -35.55 7.54
C ARG F 220 -38.34 -34.45 6.62
N TYR F 221 -38.47 -34.69 5.32
CA TYR F 221 -38.08 -33.72 4.31
C TYR F 221 -39.30 -33.44 3.43
N LYS F 222 -40.36 -32.92 4.03
CA LYS F 222 -41.57 -32.67 3.26
C LYS F 222 -41.30 -31.56 2.26
N GLY F 223 -41.66 -31.80 1.00
CA GLY F 223 -41.46 -30.82 -0.04
C GLY F 223 -40.19 -30.95 -0.85
N LEU F 224 -39.37 -31.97 -0.57
CA LEU F 224 -38.17 -32.22 -1.33
C LEU F 224 -38.54 -32.48 -2.79
N GLY F 225 -37.97 -31.71 -3.72
CA GLY F 225 -38.42 -31.82 -5.10
C GLY F 225 -37.46 -31.48 -6.22
N ALA F 226 -36.19 -31.19 -5.92
CA ALA F 226 -35.23 -30.87 -6.97
C ALA F 226 -33.86 -31.39 -6.60
N ILE F 227 -33.11 -31.80 -7.61
CA ILE F 227 -31.72 -32.21 -7.44
C ILE F 227 -30.84 -31.30 -8.27
N GLY F 228 -29.67 -31.00 -7.74
CA GLY F 228 -28.72 -30.15 -8.45
C GLY F 228 -27.31 -30.65 -8.19
N PHE F 229 -26.44 -30.40 -9.17
CA PHE F 229 -24.99 -30.59 -9.04
C PHE F 229 -24.35 -29.21 -8.86
N GLU F 230 -23.79 -28.95 -7.69
CA GLU F 230 -23.11 -27.68 -7.43
C GLU F 230 -21.69 -28.04 -6.99
N LEU F 231 -20.74 -28.01 -7.92
CA LEU F 231 -19.44 -28.60 -7.69
C LEU F 231 -18.38 -27.67 -8.25
N TRP F 232 -17.17 -27.86 -7.73
CA TRP F 232 -15.96 -27.39 -8.37
C TRP F 232 -15.12 -28.61 -8.69
N GLN F 233 -14.49 -28.59 -9.86
CA GLN F 233 -13.55 -29.64 -10.21
C GLN F 233 -12.28 -29.01 -10.77
N VAL F 234 -11.14 -29.57 -10.43
CA VAL F 234 -9.90 -29.17 -11.09
C VAL F 234 -9.83 -30.02 -12.35
N LYS F 235 -9.38 -31.26 -12.21
CA LYS F 235 -9.39 -32.21 -13.32
C LYS F 235 -10.80 -32.75 -13.54
N SER F 236 -11.41 -32.36 -14.65
CA SER F 236 -12.78 -32.74 -14.93
C SER F 236 -12.83 -34.12 -15.59
N GLY F 237 -14.03 -34.56 -15.93
CA GLY F 237 -14.20 -35.84 -16.59
C GLY F 237 -15.02 -36.86 -15.81
N THR F 238 -15.65 -36.42 -14.71
CA THR F 238 -16.47 -37.32 -13.89
C THR F 238 -17.78 -37.67 -14.60
N ILE F 239 -18.19 -38.93 -14.48
CA ILE F 239 -19.46 -39.39 -15.06
C ILE F 239 -20.41 -39.79 -13.95
N PHE F 240 -21.58 -39.18 -13.93
CA PHE F 240 -22.67 -39.49 -13.02
C PHE F 240 -23.74 -40.28 -13.75
N ASP F 241 -24.34 -41.22 -13.05
CA ASP F 241 -25.38 -42.02 -13.69
C ASP F 241 -26.29 -42.56 -12.60
N ASN F 242 -27.44 -43.12 -13.02
CA ASN F 242 -28.27 -44.00 -12.19
C ASN F 242 -28.79 -43.33 -10.90
N ILE F 243 -29.49 -42.23 -11.06
CA ILE F 243 -29.99 -41.45 -9.94
C ILE F 243 -31.36 -41.98 -9.59
N LEU F 244 -31.52 -42.51 -8.39
CA LEU F 244 -32.82 -43.01 -7.94
C LEU F 244 -33.16 -42.43 -6.59
N ILE F 245 -34.34 -41.85 -6.47
CA ILE F 245 -34.92 -41.44 -5.19
C ILE F 245 -36.27 -42.14 -5.05
N THR F 246 -36.39 -43.00 -4.03
CA THR F 246 -37.55 -43.85 -3.85
C THR F 246 -37.83 -44.03 -2.37
N ASP F 247 -38.97 -44.65 -2.06
CA ASP F 247 -39.29 -45.03 -0.68
C ASP F 247 -39.02 -46.49 -0.41
N ASP F 248 -38.45 -47.21 -1.38
CA ASP F 248 -38.31 -48.67 -1.29
C ASP F 248 -36.85 -49.12 -1.26
N PRO F 249 -36.32 -49.49 -0.10
CA PRO F 249 -34.91 -49.92 -0.04
C PRO F 249 -34.57 -51.10 -0.93
N GLU F 250 -35.52 -52.01 -1.23
CA GLU F 250 -35.20 -53.16 -2.08
C GLU F 250 -35.19 -52.81 -3.56
N TYR F 251 -36.14 -52.00 -4.01
CA TYR F 251 -36.09 -51.59 -5.40
C TYR F 251 -34.81 -50.80 -5.67
N ALA F 252 -34.32 -50.04 -4.67
CA ALA F 252 -33.09 -49.29 -4.84
C ALA F 252 -31.90 -50.22 -4.97
N LYS F 253 -31.83 -51.26 -4.14
CA LYS F 253 -30.80 -52.26 -4.31
C LYS F 253 -30.99 -53.01 -5.62
N GLU F 254 -32.25 -53.23 -6.00
CA GLU F 254 -32.56 -53.96 -7.22
C GLU F 254 -32.13 -53.17 -8.44
N PHE F 255 -32.47 -51.88 -8.46
CA PHE F 255 -32.24 -51.01 -9.60
C PHE F 255 -30.75 -50.81 -9.86
N ILE F 256 -29.97 -50.56 -8.82
CA ILE F 256 -28.55 -50.34 -9.05
C ILE F 256 -27.88 -51.65 -9.48
N ASP F 257 -28.22 -52.76 -8.82
CA ASP F 257 -27.58 -54.04 -9.13
C ASP F 257 -27.71 -54.41 -10.60
N LYS F 258 -28.87 -54.18 -11.19
CA LYS F 258 -29.03 -54.49 -12.60
C LYS F 258 -28.47 -53.38 -13.51
N GLN F 259 -28.68 -52.09 -13.22
CA GLN F 259 -28.13 -51.08 -14.12
C GLN F 259 -26.61 -51.20 -14.21
N LEU F 260 -25.96 -51.69 -13.16
CA LEU F 260 -24.53 -51.95 -13.14
C LEU F 260 -24.21 -53.40 -13.46
N GLU F 261 -25.19 -54.17 -13.92
CA GLU F 261 -24.99 -55.60 -14.15
C GLU F 261 -23.84 -55.85 -15.10
N ALA F 262 -23.90 -55.20 -16.25
CA ALA F 262 -22.88 -55.40 -17.29
C ALA F 262 -21.55 -54.77 -16.90
N LEU F 263 -21.60 -53.63 -16.20
CA LEU F 263 -20.40 -52.83 -15.97
C LEU F 263 -19.47 -53.45 -14.93
N ARG F 264 -19.99 -53.84 -13.78
CA ARG F 264 -19.14 -54.35 -12.69
C ARG F 264 -18.10 -55.36 -13.15
N PRO F 265 -18.42 -56.38 -13.96
CA PRO F 265 -17.38 -57.35 -14.37
C PRO F 265 -16.31 -56.76 -15.27
N ILE F 266 -16.72 -55.94 -16.24
CA ILE F 266 -15.76 -55.24 -17.10
C ILE F 266 -14.75 -54.47 -16.29
N GLU F 267 -15.22 -53.67 -15.34
CA GLU F 267 -14.27 -52.93 -14.54
C GLU F 267 -13.47 -53.87 -13.66
N LYS F 268 -14.11 -54.95 -13.19
CA LYS F 268 -13.41 -55.91 -12.36
C LYS F 268 -12.16 -56.44 -13.07
N VAL F 269 -12.25 -56.64 -14.39
CA VAL F 269 -11.10 -57.13 -15.14
C VAL F 269 -9.98 -56.10 -15.15
N GLU F 270 -10.28 -54.87 -15.58
CA GLU F 270 -9.28 -53.83 -15.72
C GLU F 270 -8.77 -53.34 -14.36
N SER F 271 -9.42 -53.76 -13.27
CA SER F 271 -9.01 -53.34 -11.93
C SER F 271 -7.57 -53.75 -11.60
N ASP F 272 -7.06 -54.77 -12.28
CA ASP F 272 -5.73 -55.34 -12.01
C ASP F 272 -4.84 -55.40 -13.25
N SER G 22 -27.14 43.17 26.92
CA SER G 22 -25.73 43.53 26.93
C SER G 22 -25.29 44.39 25.74
N GLU G 23 -24.00 44.63 25.73
CA GLU G 23 -23.24 45.45 24.83
C GLU G 23 -22.43 44.57 23.91
N PRO G 24 -22.43 44.86 22.60
CA PRO G 24 -21.87 43.92 21.62
C PRO G 24 -20.36 43.72 21.76
N THR G 25 -19.96 42.46 21.63
CA THR G 25 -18.54 42.11 21.57
C THR G 25 -17.99 42.45 20.20
N ILE G 26 -16.89 43.16 20.18
CA ILE G 26 -16.22 43.55 18.95
C ILE G 26 -14.93 42.73 18.90
N TYR G 27 -14.96 41.60 18.18
CA TYR G 27 -13.73 40.83 18.03
C TYR G 27 -12.76 41.56 17.12
N LEU G 28 -13.28 42.34 16.18
CA LEU G 28 -12.46 43.06 15.23
C LEU G 28 -13.27 44.21 14.65
N LYS G 29 -12.63 45.37 14.57
CA LYS G 29 -13.18 46.54 13.87
C LYS G 29 -12.02 47.25 13.19
N GLU G 30 -12.08 47.33 11.86
CA GLU G 30 -11.01 47.94 11.09
C GLU G 30 -11.62 48.87 10.05
N THR G 31 -11.33 50.17 10.18
CA THR G 31 -11.82 51.16 9.23
C THR G 31 -10.74 52.03 8.63
N PHE G 32 -9.47 51.83 9.02
CA PHE G 32 -8.31 52.52 8.42
C PHE G 32 -8.45 54.04 8.49
N ASP G 33 -9.07 54.57 9.54
CA ASP G 33 -9.40 55.98 9.59
C ASP G 33 -8.58 56.72 10.63
N ASP G 34 -7.61 56.05 11.24
CA ASP G 34 -6.69 56.71 12.14
C ASP G 34 -5.32 56.84 11.47
N GLY G 35 -5.30 57.47 10.29
CA GLY G 35 -4.03 57.74 9.64
C GLY G 35 -3.25 56.50 9.33
N ASP G 36 -1.94 56.56 9.58
CA ASP G 36 -0.98 55.52 9.26
C ASP G 36 -0.97 54.38 10.28
N ALA G 37 -1.88 54.40 11.24
CA ALA G 37 -1.84 53.44 12.34
C ALA G 37 -2.11 52.00 11.89
N TRP G 38 -2.87 51.78 10.81
CA TRP G 38 -3.18 50.42 10.42
C TRP G 38 -1.93 49.60 10.16
N LYS G 39 -0.84 50.26 9.75
CA LYS G 39 0.40 49.60 9.39
C LYS G 39 1.10 48.92 10.55
N GLU G 40 0.67 49.15 11.80
CA GLU G 40 1.26 48.42 12.91
C GLU G 40 0.33 47.30 13.39
N ARG G 41 -0.88 47.23 12.85
CA ARG G 41 -1.78 46.12 13.12
C ARG G 41 -1.65 45.03 12.05
N TRP G 42 -1.59 45.43 10.79
CA TRP G 42 -1.56 44.47 9.70
C TRP G 42 -0.12 44.07 9.37
N VAL G 43 0.07 42.78 9.09
CA VAL G 43 1.38 42.20 8.83
C VAL G 43 1.50 41.83 7.35
N GLN G 44 2.56 42.30 6.70
CA GLN G 44 2.89 41.90 5.35
C GLN G 44 3.71 40.61 5.41
N SER G 45 3.18 39.53 4.85
CA SER G 45 3.86 38.25 4.88
C SER G 45 5.20 38.28 4.15
N LYS G 46 6.14 37.44 4.64
CA LYS G 46 7.48 37.27 4.08
C LYS G 46 7.66 35.97 3.33
N HIS G 47 6.57 35.28 3.03
CA HIS G 47 6.66 34.01 2.31
C HIS G 47 7.17 34.19 0.89
N LYS G 48 6.93 35.35 0.33
CA LYS G 48 7.18 35.74 -1.03
C LYS G 48 7.77 37.14 -1.09
N ASP G 49 8.66 37.45 -2.06
CA ASP G 49 9.26 38.78 -2.01
C ASP G 49 8.61 39.65 -3.06
N ASP G 50 7.68 39.06 -3.78
CA ASP G 50 7.02 39.72 -4.88
C ASP G 50 5.53 39.81 -4.61
N TYR G 51 5.15 39.92 -3.33
CA TYR G 51 3.75 40.11 -2.99
C TYR G 51 3.35 41.52 -3.37
N GLY G 52 2.10 41.70 -3.79
CA GLY G 52 1.65 43.02 -4.17
C GLY G 52 1.63 43.99 -3.01
N GLU G 53 1.71 45.28 -3.34
CA GLU G 53 1.77 46.36 -2.36
C GLU G 53 0.40 47.00 -2.15
N TRP G 54 0.11 47.36 -0.91
CA TRP G 54 -1.13 47.99 -0.50
C TRP G 54 -0.95 49.47 -0.22
N GLN G 55 -2.06 50.20 -0.20
CA GLN G 55 -2.03 51.64 0.03
C GLN G 55 -3.41 52.10 0.48
N LEU G 56 -3.45 53.14 1.30
CA LEU G 56 -4.71 53.74 1.69
C LEU G 56 -5.22 54.68 0.62
N SER G 57 -6.53 54.74 0.49
CA SER G 57 -7.13 55.56 -0.54
C SER G 57 -8.58 55.80 -0.17
N HIS G 58 -9.10 56.94 -0.61
CA HIS G 58 -10.50 57.29 -0.43
C HIS G 58 -11.35 56.95 -1.65
N GLY G 59 -10.72 56.56 -2.76
CA GLY G 59 -11.42 56.13 -3.95
C GLY G 59 -11.73 57.24 -4.95
N LYS G 60 -12.16 56.80 -6.15
CA LYS G 60 -12.65 57.71 -7.17
C LYS G 60 -13.94 58.40 -6.74
N LEU G 61 -14.96 57.63 -6.43
CA LEU G 61 -16.21 58.16 -5.92
C LEU G 61 -16.11 58.15 -4.40
N PHE G 62 -16.15 59.31 -3.78
CA PHE G 62 -16.03 59.35 -2.33
C PHE G 62 -16.91 60.45 -1.76
N ALA G 63 -17.15 60.31 -0.47
CA ALA G 63 -17.90 61.23 0.36
C ALA G 63 -17.01 62.08 1.24
N ASP G 64 -16.05 61.45 1.87
CA ASP G 64 -15.12 62.10 2.78
C ASP G 64 -13.72 61.95 2.22
N GLU G 65 -13.03 63.07 1.98
CA GLU G 65 -11.65 62.99 1.54
C GLU G 65 -10.77 62.39 2.63
N ASN G 66 -11.36 62.13 3.80
CA ASN G 66 -10.66 61.56 4.93
C ASN G 66 -11.07 60.12 5.21
N ASP G 67 -12.15 59.64 4.60
CA ASP G 67 -12.57 58.25 4.74
C ASP G 67 -11.64 57.36 3.93
N MET G 68 -10.83 56.54 4.61
CA MET G 68 -9.80 55.75 3.96
C MET G 68 -10.16 54.27 3.94
N GLY G 69 -9.89 53.61 2.81
CA GLY G 69 -10.01 52.18 2.67
C GLY G 69 -8.67 51.57 2.26
N LEU G 70 -8.66 50.23 2.20
CA LEU G 70 -7.46 49.49 1.83
C LEU G 70 -7.48 49.15 0.35
N LYS G 71 -6.40 49.48 -0.37
CA LYS G 71 -6.38 49.38 -1.83
C LYS G 71 -5.17 48.56 -2.31
N THR G 72 -5.43 47.68 -3.28
CA THR G 72 -4.37 46.93 -3.95
C THR G 72 -3.78 47.79 -5.07
N MET G 73 -2.44 47.86 -5.13
CA MET G 73 -1.81 48.83 -6.00
C MET G 73 -1.12 48.25 -7.24
N GLN G 74 -0.82 46.95 -7.29
CA GLN G 74 0.00 46.39 -8.36
C GLN G 74 -0.77 45.31 -9.12
N ASP G 75 -0.76 45.42 -10.45
CA ASP G 75 -1.47 44.51 -11.33
C ASP G 75 -0.75 43.17 -11.42
N ALA G 76 -1.53 42.10 -11.62
CA ALA G 76 -0.99 40.76 -11.81
C ALA G 76 -0.07 40.38 -10.64
N ARG G 77 -0.65 40.38 -9.44
CA ARG G 77 0.12 40.06 -8.25
C ARG G 77 -0.68 39.23 -7.27
N PHE G 78 0.04 38.42 -6.48
CA PHE G 78 -0.50 37.78 -5.28
C PHE G 78 -0.37 38.75 -4.11
N TYR G 79 -1.37 38.73 -3.22
CA TYR G 79 -1.36 39.54 -2.02
C TYR G 79 -1.40 38.65 -0.79
N SER G 80 -0.82 39.13 0.31
CA SER G 80 -0.78 38.35 1.56
C SER G 80 -0.51 39.29 2.74
N LEU G 81 -1.59 39.80 3.34
CA LEU G 81 -1.52 40.75 4.44
C LEU G 81 -2.60 40.39 5.46
N SER G 82 -2.21 40.30 6.75
CA SER G 82 -3.09 39.78 7.79
C SER G 82 -2.96 40.57 9.08
N ARG G 83 -3.79 40.23 10.06
CA ARG G 83 -3.95 41.01 11.28
C ARG G 83 -4.63 40.15 12.33
N LYS G 84 -4.32 40.42 13.60
CA LYS G 84 -4.96 39.74 14.71
C LYS G 84 -6.32 40.34 14.99
N PHE G 85 -7.23 39.51 15.50
CA PHE G 85 -8.47 40.08 16.01
C PHE G 85 -8.15 40.93 17.23
N ASP G 86 -9.01 41.94 17.46
CA ASP G 86 -8.99 42.66 18.73
C ASP G 86 -9.29 41.69 19.85
N LYS G 87 -10.23 40.75 19.63
CA LYS G 87 -10.51 39.69 20.61
C LYS G 87 -10.82 38.38 19.92
N VAL G 88 -10.29 37.31 20.53
CA VAL G 88 -10.45 35.94 20.04
C VAL G 88 -11.90 35.47 20.19
N VAL G 89 -12.34 34.72 19.24
CA VAL G 89 -13.73 34.34 19.14
C VAL G 89 -13.94 33.02 19.85
N ASP G 90 -15.04 32.96 20.59
CA ASP G 90 -15.70 31.71 20.98
C ASP G 90 -17.19 31.97 20.89
N ASN G 91 -17.81 31.52 19.80
CA ASN G 91 -19.19 31.85 19.52
C ASN G 91 -20.17 30.83 20.09
N LYS G 92 -19.74 29.98 21.03
CA LYS G 92 -20.66 29.06 21.69
C LYS G 92 -21.88 29.77 22.25
N ASP G 93 -23.05 29.39 21.74
CA ASP G 93 -24.34 29.90 22.21
C ASP G 93 -24.53 31.39 21.93
N LYS G 94 -23.80 31.95 20.98
CA LYS G 94 -23.99 33.33 20.55
C LYS G 94 -23.94 33.39 19.04
N PRO G 95 -24.47 34.45 18.44
CA PRO G 95 -24.27 34.66 17.01
C PRO G 95 -22.84 35.06 16.71
N LEU G 96 -22.44 34.85 15.45
CA LEU G 96 -21.14 35.27 14.93
C LEU G 96 -21.38 36.04 13.65
N VAL G 97 -20.92 37.28 13.61
CA VAL G 97 -21.15 38.18 12.49
C VAL G 97 -19.81 38.58 11.90
N ILE G 98 -19.65 38.39 10.58
CA ILE G 98 -18.50 38.84 9.83
C ILE G 98 -19.00 39.72 8.70
N VAL G 99 -18.52 40.94 8.61
CA VAL G 99 -18.97 41.83 7.56
C VAL G 99 -17.86 42.80 7.17
N TYR G 100 -17.82 43.13 5.89
CA TYR G 100 -16.88 44.12 5.36
C TYR G 100 -17.37 44.59 4.00
N THR G 101 -16.73 45.62 3.47
CA THR G 101 -17.13 46.21 2.20
C THR G 101 -16.01 46.06 1.18
N VAL G 102 -16.39 45.79 -0.07
CA VAL G 102 -15.47 45.68 -1.19
C VAL G 102 -15.95 46.61 -2.29
N LYS G 103 -15.03 47.41 -2.84
CA LYS G 103 -15.29 48.24 -4.02
C LYS G 103 -14.26 47.91 -5.10
N HIS G 104 -14.71 47.23 -6.16
CA HIS G 104 -13.88 46.97 -7.34
C HIS G 104 -13.98 48.14 -8.31
N GLU G 105 -13.57 49.31 -7.84
CA GLU G 105 -13.74 50.53 -8.62
C GLU G 105 -12.90 50.53 -9.89
N GLN G 106 -11.89 49.67 -9.97
CA GLN G 106 -11.06 49.55 -11.15
C GLN G 106 -11.79 48.88 -12.31
N ASP G 107 -13.05 48.50 -12.12
CA ASP G 107 -13.79 47.69 -13.10
C ASP G 107 -13.02 46.39 -13.36
N ILE G 108 -13.08 45.52 -12.34
CA ILE G 108 -12.18 44.38 -12.28
C ILE G 108 -12.49 43.38 -13.40
N ASP G 109 -11.44 42.77 -13.94
CA ASP G 109 -11.63 41.68 -14.88
C ASP G 109 -11.61 40.33 -14.18
N CYS G 110 -10.54 40.07 -13.43
CA CYS G 110 -10.40 38.82 -12.72
C CYS G 110 -9.58 39.08 -11.46
N GLY G 111 -10.17 38.78 -10.30
CA GLY G 111 -9.48 38.92 -9.03
C GLY G 111 -10.31 38.55 -7.82
N GLY G 112 -9.63 38.13 -6.74
CA GLY G 112 -10.32 37.83 -5.51
C GLY G 112 -10.62 39.07 -4.70
N GLY G 113 -11.62 38.95 -3.84
CA GLY G 113 -11.99 40.07 -2.98
C GLY G 113 -12.49 39.57 -1.65
N TYR G 114 -12.05 38.37 -1.30
CA TYR G 114 -12.54 37.62 -0.17
C TYR G 114 -11.53 37.67 0.97
N ILE G 115 -12.03 37.36 2.18
CA ILE G 115 -11.22 37.37 3.39
C ILE G 115 -11.00 35.93 3.85
N LYS G 116 -9.98 35.76 4.68
CA LYS G 116 -9.70 34.50 5.34
C LYS G 116 -9.69 34.73 6.85
N LEU G 117 -10.40 33.89 7.59
CA LEU G 117 -10.41 33.89 9.04
C LEU G 117 -9.70 32.64 9.58
N MET G 118 -8.73 32.83 10.49
CA MET G 118 -7.86 31.76 10.99
C MET G 118 -7.82 31.71 12.51
N LEU G 119 -7.23 30.64 13.03
CA LEU G 119 -7.02 30.47 14.45
C LEU G 119 -6.02 31.51 14.96
N GLU G 120 -6.11 31.83 16.26
CA GLU G 120 -5.42 32.98 16.84
C GLU G 120 -3.90 32.87 16.84
N ASN G 121 -3.32 31.68 16.79
CA ASN G 121 -1.86 31.56 16.81
C ASN G 121 -1.28 31.23 15.44
N THR G 122 -1.90 31.73 14.37
CA THR G 122 -1.33 31.58 13.05
C THR G 122 -0.14 32.52 12.91
N ASP G 123 0.92 32.04 12.28
CA ASP G 123 2.12 32.85 12.08
C ASP G 123 1.88 33.81 10.93
N LEU G 124 1.65 35.09 11.25
CA LEU G 124 1.28 36.07 10.22
C LEU G 124 2.44 36.47 9.34
N GLU G 125 3.67 36.35 9.80
CA GLU G 125 4.77 36.72 8.94
C GLU G 125 5.02 35.70 7.84
N ASP G 126 4.40 34.53 7.94
CA ASP G 126 4.47 33.49 6.92
C ASP G 126 3.12 33.18 6.29
N PHE G 127 2.12 34.01 6.55
CA PHE G 127 0.80 33.78 5.97
C PHE G 127 0.90 33.65 4.44
N ASN G 128 0.20 32.66 3.90
CA ASN G 128 0.27 32.43 2.46
C ASN G 128 -0.90 31.55 2.04
N SER G 129 -0.95 31.27 0.74
CA SER G 129 -2.03 30.48 0.16
C SER G 129 -2.24 29.15 0.87
N ASP G 130 -1.17 28.57 1.43
CA ASP G 130 -1.26 27.24 1.99
C ASP G 130 -1.49 27.25 3.50
N THR G 131 -1.43 28.43 4.11
CA THR G 131 -1.73 28.56 5.53
C THR G 131 -3.09 27.98 5.85
N PRO G 132 -3.21 27.18 6.90
CA PRO G 132 -4.53 26.75 7.32
C PRO G 132 -5.39 27.95 7.69
N TYR G 133 -6.66 27.90 7.26
CA TYR G 133 -7.68 28.88 7.59
C TYR G 133 -8.95 28.14 7.98
N ARG G 134 -9.82 28.84 8.72
CA ARG G 134 -11.12 28.33 9.14
C ARG G 134 -12.27 28.75 8.20
N ILE G 135 -12.36 30.04 7.85
CA ILE G 135 -13.42 30.53 6.97
C ILE G 135 -12.83 31.34 5.83
N MET G 136 -13.39 31.14 4.64
CA MET G 136 -13.12 31.99 3.49
C MET G 136 -14.47 32.55 3.04
N PHE G 137 -14.57 33.88 2.97
CA PHE G 137 -15.84 34.53 2.68
C PHE G 137 -15.59 35.79 1.87
N GLY G 138 -16.33 35.95 0.77
CA GLY G 138 -16.24 37.18 0.00
C GLY G 138 -16.16 36.97 -1.50
N PRO G 139 -16.20 38.05 -2.27
CA PRO G 139 -16.36 37.93 -3.72
C PRO G 139 -15.12 37.41 -4.46
N ASP G 140 -15.39 36.71 -5.56
CA ASP G 140 -14.37 36.17 -6.47
C ASP G 140 -14.93 36.36 -7.88
N ILE G 141 -14.31 37.27 -8.64
CA ILE G 141 -14.78 37.68 -9.96
C ILE G 141 -13.73 37.28 -10.98
N CYS G 142 -14.17 36.64 -12.07
CA CYS G 142 -13.23 36.32 -13.14
C CYS G 142 -14.02 36.09 -14.41
N GLY G 143 -13.91 37.04 -15.33
CA GLY G 143 -14.65 37.00 -16.56
C GLY G 143 -16.08 37.51 -16.41
N PRO G 144 -16.85 37.50 -17.51
CA PRO G 144 -18.21 38.05 -17.48
C PRO G 144 -19.22 37.22 -16.67
N GLU G 145 -18.88 35.98 -16.33
CA GLU G 145 -19.64 34.80 -15.94
C GLU G 145 -19.59 34.04 -14.62
N LYS G 146 -18.49 33.67 -14.00
CA LYS G 146 -18.63 33.22 -12.60
C LYS G 146 -18.58 34.45 -11.67
N ARG G 147 -19.65 34.62 -10.88
CA ARG G 147 -19.92 35.77 -9.99
C ARG G 147 -20.26 35.21 -8.63
N ALA G 148 -19.29 34.63 -7.95
CA ALA G 148 -19.64 33.89 -6.76
C ALA G 148 -19.07 34.54 -5.51
N VAL G 149 -19.82 34.39 -4.44
CA VAL G 149 -19.37 34.73 -3.10
C VAL G 149 -18.90 33.43 -2.47
N HIS G 150 -17.57 33.32 -2.29
CA HIS G 150 -17.04 32.24 -1.48
C HIS G 150 -17.62 32.30 -0.08
N SER G 151 -17.83 31.12 0.47
CA SER G 151 -18.56 30.97 1.71
C SER G 151 -18.11 29.65 2.29
N ILE G 152 -16.80 29.54 2.51
CA ILE G 152 -16.13 28.28 2.82
C ILE G 152 -16.02 28.14 4.33
N LEU G 153 -16.50 27.01 4.85
CA LEU G 153 -16.51 26.74 6.28
C LEU G 153 -15.56 25.60 6.58
N TRP G 154 -15.48 25.25 7.86
CA TRP G 154 -14.55 24.26 8.35
C TRP G 154 -15.29 23.28 9.23
N HIS G 155 -14.94 22.01 9.12
CA HIS G 155 -15.47 20.98 9.99
C HIS G 155 -14.53 19.80 10.03
N ASP G 156 -14.21 19.35 11.25
CA ASP G 156 -13.50 18.08 11.42
C ASP G 156 -12.20 18.05 10.65
N GLY G 157 -11.44 19.14 10.70
CA GLY G 157 -10.10 19.15 10.14
C GLY G 157 -9.99 19.49 8.67
N LYS G 158 -11.08 19.91 8.03
CA LYS G 158 -11.10 20.14 6.58
C LYS G 158 -11.98 21.35 6.29
N ASN G 159 -11.71 22.00 5.16
CA ASN G 159 -12.57 23.07 4.70
C ASN G 159 -13.66 22.53 3.76
N TYR G 160 -14.79 23.22 3.71
CA TYR G 160 -15.92 22.78 2.89
C TYR G 160 -16.61 23.96 2.21
N GLU G 161 -16.72 23.88 0.89
CA GLU G 161 -17.40 24.92 0.10
C GLU G 161 -18.92 24.80 0.19
N LYS G 162 -19.58 25.96 0.17
CA LYS G 162 -21.03 25.97 0.07
C LYS G 162 -21.47 25.22 -1.17
N ARG G 163 -22.67 24.68 -1.13
CA ARG G 163 -23.14 23.87 -2.26
C ARG G 163 -23.43 24.76 -3.46
N LYS G 164 -24.11 25.87 -3.20
CA LYS G 164 -24.42 26.87 -4.21
C LYS G 164 -24.02 28.20 -3.61
N ASN G 165 -22.99 28.83 -4.16
CA ASN G 165 -22.49 30.08 -3.60
C ASN G 165 -23.47 31.21 -3.89
N ALA G 166 -23.50 32.21 -3.00
CA ALA G 166 -24.24 33.43 -3.28
C ALA G 166 -23.63 34.15 -4.47
N ILE G 167 -24.41 35.02 -5.11
CA ILE G 167 -23.95 35.68 -6.33
C ILE G 167 -23.30 37.00 -5.96
N ALA G 168 -22.09 37.23 -6.50
CA ALA G 168 -21.27 38.39 -6.20
C ALA G 168 -21.51 39.53 -7.19
N MET G 169 -21.24 40.75 -6.72
CA MET G 169 -21.35 41.96 -7.53
C MET G 169 -20.02 42.34 -8.16
N ALA G 170 -20.08 42.75 -9.42
CA ALA G 170 -18.87 43.07 -10.17
C ALA G 170 -18.82 44.52 -10.64
N ASP G 171 -19.72 45.36 -10.18
CA ASP G 171 -19.68 46.75 -10.62
C ASP G 171 -18.57 47.49 -9.88
N ILE G 172 -18.54 48.81 -10.04
CA ILE G 172 -17.44 49.63 -9.56
C ILE G 172 -17.80 50.38 -8.29
N PHE G 173 -18.86 49.95 -7.60
CA PHE G 173 -19.38 50.62 -6.42
C PHE G 173 -19.20 49.73 -5.19
N THR G 174 -19.55 50.28 -4.03
CA THR G 174 -19.32 49.59 -2.77
C THR G 174 -20.42 48.58 -2.48
N HIS G 175 -20.01 47.41 -2.04
CA HIS G 175 -20.95 46.37 -1.71
C HIS G 175 -20.52 45.76 -0.38
N ALA G 176 -21.47 45.61 0.56
CA ALA G 176 -21.21 45.03 1.88
C ALA G 176 -21.55 43.54 1.90
N TYR G 177 -20.56 42.71 2.19
CA TYR G 177 -20.74 41.26 2.28
C TYR G 177 -20.74 40.82 3.74
N LYS G 178 -21.75 40.04 4.12
CA LYS G 178 -21.95 39.64 5.51
C LYS G 178 -22.30 38.16 5.61
N LEU G 179 -21.65 37.47 6.54
CA LEU G 179 -21.94 36.10 6.90
C LEU G 179 -22.32 36.07 8.39
N ILE G 180 -23.46 35.47 8.70
CA ILE G 180 -23.90 35.28 10.09
C ILE G 180 -24.07 33.80 10.36
N ILE G 181 -23.47 33.33 11.45
CA ILE G 181 -23.63 31.95 11.90
C ILE G 181 -24.26 31.98 13.27
N PHE G 182 -25.39 31.26 13.43
CA PHE G 182 -26.15 31.20 14.68
C PHE G 182 -25.90 29.89 15.41
N PRO G 183 -26.08 29.85 16.74
CA PRO G 183 -25.76 28.62 17.48
C PRO G 183 -26.74 27.46 17.25
N ASN G 184 -27.79 27.64 16.44
CA ASN G 184 -28.67 26.53 16.11
C ASN G 184 -28.30 25.86 14.80
N ASN G 185 -27.08 26.10 14.31
CA ASN G 185 -26.59 25.54 13.06
C ASN G 185 -27.32 26.13 11.85
N SER G 186 -27.64 27.41 11.94
CA SER G 186 -28.25 28.11 10.82
C SER G 186 -27.38 29.29 10.44
N TYR G 187 -27.60 29.78 9.23
CA TYR G 187 -26.74 30.80 8.68
C TYR G 187 -27.55 31.73 7.82
N GLU G 188 -26.99 32.91 7.59
CA GLU G 188 -27.46 33.82 6.57
C GLU G 188 -26.23 34.39 5.88
N ILE G 189 -26.39 34.74 4.61
CA ILE G 189 -25.41 35.53 3.87
C ILE G 189 -26.14 36.72 3.30
N TRP G 190 -25.62 37.91 3.55
CA TRP G 190 -26.20 39.14 3.05
C TRP G 190 -25.23 39.80 2.09
N VAL G 191 -25.77 40.29 0.99
CA VAL G 191 -25.07 41.17 0.06
C VAL G 191 -25.81 42.49 0.14
N ASN G 192 -25.18 43.48 0.77
CA ASN G 192 -25.84 44.73 1.14
C ASN G 192 -27.03 44.37 2.03
N ASN G 193 -28.24 44.80 1.71
CA ASN G 193 -29.42 44.52 2.53
C ASN G 193 -30.27 43.42 1.93
N ASP G 194 -29.68 42.53 1.14
CA ASP G 194 -30.38 41.43 0.48
C ASP G 194 -29.97 40.10 1.11
N LYS G 195 -30.95 39.31 1.53
CA LYS G 195 -30.68 38.01 2.11
C LYS G 195 -30.58 36.97 0.97
N GLU G 196 -29.35 36.73 0.53
CA GLU G 196 -29.11 35.88 -0.63
C GLU G 196 -29.08 34.39 -0.29
N ALA G 197 -28.89 34.04 0.97
CA ALA G 197 -28.81 32.63 1.33
C ALA G 197 -29.21 32.50 2.78
N TYR G 198 -29.78 31.35 3.10
CA TYR G 198 -30.18 31.08 4.47
C TYR G 198 -30.58 29.61 4.56
N GLY G 199 -30.51 29.09 5.75
CA GLY G 199 -30.82 27.71 5.97
C GLY G 199 -29.93 27.14 7.04
N ARG G 200 -29.81 25.82 6.98
CA ARG G 200 -29.06 25.07 7.96
C ARG G 200 -27.69 24.73 7.40
N LEU G 201 -26.69 24.80 8.25
CA LEU G 201 -25.34 24.41 7.87
C LEU G 201 -25.28 22.97 7.37
N GLU G 202 -26.07 22.07 7.97
CA GLU G 202 -26.00 20.66 7.60
C GLU G 202 -26.52 20.38 6.20
N ASP G 203 -27.44 21.21 5.69
CA ASP G 203 -28.06 21.00 4.39
C ASP G 203 -27.31 21.71 3.27
N ASP G 204 -26.90 22.95 3.50
CA ASP G 204 -26.40 23.77 2.41
C ASP G 204 -24.91 23.62 2.16
N TRP G 205 -24.21 22.87 3.02
CA TRP G 205 -22.86 22.39 2.76
C TRP G 205 -22.88 20.86 2.78
N THR G 206 -21.73 20.24 2.48
CA THR G 206 -21.57 18.79 2.58
C THR G 206 -20.58 18.44 3.68
N MET G 207 -20.70 19.14 4.80
CA MET G 207 -19.84 18.85 5.94
C MET G 207 -20.26 17.55 6.62
N THR G 208 -21.53 17.17 6.50
CA THR G 208 -22.04 15.97 7.15
C THR G 208 -22.60 14.99 6.13
N GLU G 209 -22.91 13.80 6.64
CA GLU G 209 -23.58 12.81 5.84
C GLU G 209 -24.92 13.35 5.37
N PRO G 210 -25.38 12.99 4.17
CA PRO G 210 -26.58 13.65 3.63
C PRO G 210 -27.83 13.47 4.50
N GLY G 211 -28.06 12.28 5.08
CA GLY G 211 -29.22 12.12 5.94
C GLY G 211 -29.11 12.95 7.20
N SER G 212 -30.27 13.30 7.77
CA SER G 212 -30.26 14.33 8.82
C SER G 212 -29.96 13.72 10.17
N GLY G 213 -29.20 14.48 10.96
CA GLY G 213 -28.69 14.05 12.24
C GLY G 213 -27.99 15.20 12.96
N PRO G 214 -27.65 14.98 14.20
CA PRO G 214 -27.10 16.08 15.01
C PRO G 214 -25.59 16.22 14.93
N VAL G 215 -25.14 17.42 14.58
CA VAL G 215 -23.73 17.78 14.72
C VAL G 215 -23.70 19.04 15.59
N PRO G 216 -23.79 18.86 16.91
CA PRO G 216 -24.19 19.97 17.79
C PRO G 216 -23.34 21.23 17.67
N GLU G 217 -22.03 21.10 17.44
CA GLU G 217 -21.15 22.26 17.45
C GLU G 217 -20.60 22.59 16.05
N LEU G 218 -21.35 22.22 15.01
CA LEU G 218 -20.95 22.61 13.67
C LEU G 218 -20.75 24.12 13.55
N TYR G 219 -21.61 24.90 14.19
CA TYR G 219 -21.53 26.36 14.09
C TYR G 219 -20.32 26.95 14.81
N ARG G 220 -19.62 26.19 15.65
CA ARG G 220 -18.71 26.75 16.63
C ARG G 220 -17.31 26.97 16.03
N TYR G 221 -16.75 28.16 16.26
CA TYR G 221 -15.43 28.54 15.76
C TYR G 221 -14.54 29.01 16.91
N LYS G 222 -14.26 28.10 17.83
CA LYS G 222 -13.48 28.46 19.01
C LYS G 222 -12.04 28.78 18.62
N GLY G 223 -11.53 29.91 19.10
CA GLY G 223 -10.15 30.25 18.86
C GLY G 223 -9.91 31.08 17.63
N LEU G 224 -10.96 31.43 16.90
CA LEU G 224 -10.84 32.29 15.73
C LEU G 224 -10.27 33.65 16.10
N GLY G 225 -9.15 34.03 15.48
CA GLY G 225 -8.48 35.23 15.92
C GLY G 225 -7.66 36.02 14.93
N ALA G 226 -7.72 35.66 13.65
CA ALA G 226 -6.88 36.34 12.67
C ALA G 226 -7.66 36.51 11.39
N ILE G 227 -7.45 37.63 10.72
CA ILE G 227 -8.03 37.90 9.42
C ILE G 227 -6.90 38.15 8.45
N GLY G 228 -7.09 37.70 7.21
CA GLY G 228 -6.06 37.86 6.20
C GLY G 228 -6.65 38.16 4.84
N PHE G 229 -5.87 38.88 4.05
CA PHE G 229 -6.16 39.05 2.63
C PHE G 229 -5.17 38.15 1.89
N GLU G 230 -5.68 37.08 1.30
CA GLU G 230 -4.87 36.15 0.51
C GLU G 230 -5.51 36.07 -0.87
N LEU G 231 -4.99 36.85 -1.81
CA LEU G 231 -5.69 37.07 -3.07
C LEU G 231 -4.71 37.09 -4.22
N TRP G 232 -5.24 36.80 -5.39
CA TRP G 232 -4.60 37.16 -6.64
C TRP G 232 -5.49 38.17 -7.35
N GLN G 233 -4.86 39.19 -7.94
CA GLN G 233 -5.58 40.18 -8.72
C GLN G 233 -4.86 40.38 -10.05
N VAL G 234 -5.64 40.48 -11.14
CA VAL G 234 -5.08 40.84 -12.44
C VAL G 234 -5.05 42.36 -12.53
N LYS G 235 -6.19 42.97 -12.86
CA LYS G 235 -6.31 44.43 -12.80
C LYS G 235 -6.64 44.84 -11.36
N SER G 236 -5.66 45.42 -10.68
CA SER G 236 -5.78 45.74 -9.27
C SER G 236 -6.51 47.07 -9.06
N GLY G 237 -6.64 47.48 -7.81
CA GLY G 237 -7.30 48.72 -7.49
C GLY G 237 -8.54 48.59 -6.61
N THR G 238 -8.76 47.40 -6.06
CA THR G 238 -9.90 47.15 -5.17
C THR G 238 -9.70 47.79 -3.79
N ILE G 239 -10.78 48.33 -3.23
CA ILE G 239 -10.75 49.01 -1.94
C ILE G 239 -11.58 48.22 -0.92
N PHE G 240 -10.93 47.82 0.18
CA PHE G 240 -11.57 47.17 1.31
C PHE G 240 -11.70 48.14 2.47
N ASP G 241 -12.81 48.05 3.19
CA ASP G 241 -13.06 48.95 4.30
C ASP G 241 -14.07 48.28 5.23
N ASN G 242 -14.27 48.90 6.40
CA ASN G 242 -15.42 48.62 7.26
C ASN G 242 -15.51 47.14 7.65
N ILE G 243 -14.42 46.63 8.18
CA ILE G 243 -14.36 45.22 8.56
C ILE G 243 -14.84 45.12 10.00
N LEU G 244 -15.93 44.39 10.21
CA LEU G 244 -16.50 44.19 11.54
C LEU G 244 -16.69 42.72 11.80
N ILE G 245 -16.24 42.26 12.97
CA ILE G 245 -16.55 40.92 13.44
C ILE G 245 -17.14 41.03 14.86
N THR G 246 -18.41 40.63 15.01
CA THR G 246 -19.13 40.85 16.26
C THR G 246 -20.08 39.68 16.52
N ASP G 247 -20.70 39.70 17.71
CA ASP G 247 -21.75 38.75 18.07
C ASP G 247 -23.16 39.31 17.95
N ASP G 248 -23.32 40.55 17.48
CA ASP G 248 -24.61 41.25 17.48
C ASP G 248 -25.08 41.58 16.07
N PRO G 249 -26.01 40.82 15.51
CA PRO G 249 -26.49 41.13 14.15
C PRO G 249 -27.09 42.52 14.02
N GLU G 250 -27.68 43.09 15.08
CA GLU G 250 -28.28 44.42 14.97
C GLU G 250 -27.20 45.50 14.97
N TYR G 251 -26.16 45.32 15.77
CA TYR G 251 -25.07 46.28 15.73
C TYR G 251 -24.37 46.25 14.38
N ALA G 252 -24.21 45.06 13.80
CA ALA G 252 -23.55 44.98 12.51
C ALA G 252 -24.37 45.67 11.42
N LYS G 253 -25.70 45.53 11.46
CA LYS G 253 -26.49 46.24 10.47
C LYS G 253 -26.46 47.73 10.72
N GLU G 254 -26.52 48.12 11.98
CA GLU G 254 -26.42 49.52 12.34
C GLU G 254 -25.06 50.09 11.96
N PHE G 255 -24.00 49.33 12.22
CA PHE G 255 -22.64 49.80 11.98
C PHE G 255 -22.35 50.01 10.50
N ILE G 256 -22.76 49.08 9.65
CA ILE G 256 -22.45 49.27 8.24
C ILE G 256 -23.32 50.37 7.66
N ASP G 257 -24.62 50.40 7.99
CA ASP G 257 -25.50 51.44 7.48
C ASP G 257 -24.96 52.83 7.82
N LYS G 258 -24.46 52.98 9.05
CA LYS G 258 -23.61 54.06 9.56
C LYS G 258 -22.61 54.56 8.53
N GLN G 259 -21.56 53.75 8.37
CA GLN G 259 -20.39 54.06 7.56
C GLN G 259 -20.72 54.23 6.08
N LEU G 260 -21.80 53.62 5.59
CA LEU G 260 -22.15 53.80 4.18
C LEU G 260 -23.18 54.91 3.97
N GLU G 261 -23.53 55.65 5.03
CA GLU G 261 -24.56 56.67 4.96
C GLU G 261 -24.24 57.74 3.92
N ALA G 262 -23.02 58.29 3.98
CA ALA G 262 -22.61 59.34 3.05
C ALA G 262 -22.37 58.82 1.64
N LEU G 263 -21.79 57.62 1.52
CA LEU G 263 -21.34 57.12 0.22
C LEU G 263 -22.51 56.71 -0.66
N ARG G 264 -23.48 55.98 -0.11
CA ARG G 264 -24.60 55.46 -0.90
C ARG G 264 -25.22 56.47 -1.85
N PRO G 265 -25.54 57.70 -1.45
CA PRO G 265 -26.10 58.64 -2.43
C PRO G 265 -25.10 59.04 -3.50
N ILE G 266 -23.85 59.29 -3.09
CA ILE G 266 -22.77 59.60 -4.03
C ILE G 266 -22.63 58.53 -5.10
N GLU G 267 -22.65 57.26 -4.71
CA GLU G 267 -22.52 56.22 -5.73
C GLU G 267 -23.77 56.09 -6.59
N LYS G 268 -24.96 56.31 -6.01
CA LYS G 268 -26.18 56.21 -6.82
C LYS G 268 -26.23 57.23 -7.96
N VAL G 269 -25.73 58.45 -7.76
CA VAL G 269 -25.76 59.43 -8.85
C VAL G 269 -25.01 58.87 -10.04
N GLU G 270 -23.84 58.28 -9.78
CA GLU G 270 -23.04 57.69 -10.85
C GLU G 270 -23.63 56.40 -11.37
N SER G 271 -24.33 55.63 -10.51
CA SER G 271 -24.95 54.38 -10.91
C SER G 271 -26.00 54.57 -12.01
N ASP G 272 -26.52 55.77 -12.14
CA ASP G 272 -27.63 56.05 -13.04
C ASP G 272 -27.24 56.92 -14.24
N SER H 22 11.04 44.15 -11.20
CA SER H 22 11.81 42.92 -11.34
C SER H 22 12.25 42.74 -12.80
N GLU H 23 12.95 41.64 -13.10
CA GLU H 23 13.48 41.37 -14.44
C GLU H 23 12.75 40.20 -15.08
N PRO H 24 12.20 40.36 -16.30
CA PRO H 24 11.32 39.34 -16.87
C PRO H 24 12.11 38.10 -17.23
N THR H 25 11.61 36.94 -16.87
CA THR H 25 12.22 35.70 -17.35
C THR H 25 11.80 35.44 -18.79
N ILE H 26 12.78 35.16 -19.64
CA ILE H 26 12.55 34.87 -21.04
C ILE H 26 12.82 33.37 -21.23
N TYR H 27 11.74 32.60 -21.26
CA TYR H 27 11.86 31.16 -21.50
C TYR H 27 12.23 30.88 -22.94
N LEU H 28 11.85 31.77 -23.86
CA LEU H 28 12.14 31.61 -25.28
C LEU H 28 11.97 32.94 -25.99
N LYS H 29 12.90 33.24 -26.90
CA LYS H 29 12.81 34.38 -27.81
C LYS H 29 13.42 33.98 -29.15
N GLU H 30 12.59 34.00 -30.21
CA GLU H 30 13.04 33.63 -31.54
C GLU H 30 12.44 34.59 -32.57
N THR H 31 13.31 35.34 -33.26
CA THR H 31 12.85 36.29 -34.28
C THR H 31 13.47 36.02 -35.64
N PHE H 32 14.31 35.00 -35.77
CA PHE H 32 14.86 34.57 -37.07
C PHE H 32 15.61 35.68 -37.79
N ASP H 33 16.31 36.53 -37.05
CA ASP H 33 16.93 37.71 -37.64
C ASP H 33 18.46 37.69 -37.61
N ASP H 34 19.07 36.58 -37.20
CA ASP H 34 20.51 36.48 -37.24
C ASP H 34 21.00 35.51 -38.33
N GLY H 35 20.61 35.75 -39.58
CA GLY H 35 21.10 34.94 -40.69
C GLY H 35 20.70 33.48 -40.55
N ASP H 36 21.64 32.60 -40.88
CA ASP H 36 21.42 31.17 -40.88
C ASP H 36 21.44 30.58 -39.49
N ALA H 37 21.49 31.42 -38.45
CA ALA H 37 21.71 30.91 -37.10
C ALA H 37 20.56 30.04 -36.64
N TRP H 38 19.33 30.34 -37.10
CA TRP H 38 18.16 29.56 -36.70
C TRP H 38 18.28 28.11 -37.12
N LYS H 39 19.00 27.83 -38.21
CA LYS H 39 18.96 26.48 -38.79
C LYS H 39 19.56 25.44 -37.88
N GLU H 40 20.02 25.78 -36.69
CA GLU H 40 20.51 24.76 -35.78
C GLU H 40 20.18 25.12 -34.34
N ARG H 41 19.14 25.91 -34.15
CA ARG H 41 18.29 25.84 -32.98
C ARG H 41 17.13 24.89 -33.29
N TRP H 42 16.60 24.97 -34.49
CA TRP H 42 15.45 24.16 -34.88
C TRP H 42 15.89 22.87 -35.54
N VAL H 43 15.21 21.77 -35.19
CA VAL H 43 15.46 20.44 -35.74
C VAL H 43 14.30 20.04 -36.63
N GLN H 44 14.59 19.67 -37.88
CA GLN H 44 13.57 19.16 -38.78
C GLN H 44 13.36 17.67 -38.52
N SER H 45 12.13 17.29 -38.17
CA SER H 45 11.84 15.91 -37.80
C SER H 45 12.08 14.96 -38.97
N LYS H 46 12.50 13.74 -38.63
CA LYS H 46 12.72 12.64 -39.58
C LYS H 46 11.68 11.54 -39.48
N HIS H 47 10.56 11.80 -38.80
CA HIS H 47 9.53 10.78 -38.63
C HIS H 47 8.89 10.38 -39.95
N LYS H 48 8.87 11.29 -40.93
CA LYS H 48 8.38 11.01 -42.27
C LYS H 48 9.40 11.51 -43.28
N ASP H 49 9.37 10.95 -44.50
CA ASP H 49 10.27 11.41 -45.56
C ASP H 49 9.79 12.65 -46.27
N ASP H 50 8.52 13.00 -46.16
CA ASP H 50 7.97 14.03 -47.04
C ASP H 50 7.42 15.21 -46.28
N TYR H 51 8.05 15.56 -45.16
CA TYR H 51 7.68 16.78 -44.46
C TYR H 51 8.04 17.97 -45.34
N GLY H 52 7.21 19.01 -45.31
CA GLY H 52 7.49 20.18 -46.12
C GLY H 52 8.80 20.85 -45.74
N GLU H 53 9.30 21.68 -46.65
CA GLU H 53 10.56 22.39 -46.45
C GLU H 53 10.30 23.78 -45.87
N TRP H 54 11.19 24.21 -44.99
CA TRP H 54 11.09 25.53 -44.40
C TRP H 54 12.18 26.45 -44.94
N GLN H 55 11.95 27.75 -44.83
CA GLN H 55 12.87 28.75 -45.32
C GLN H 55 12.53 30.10 -44.68
N LEU H 56 13.56 30.93 -44.48
CA LEU H 56 13.35 32.27 -43.96
C LEU H 56 12.95 33.20 -45.09
N SER H 57 12.11 34.19 -44.76
CA SER H 57 11.63 35.09 -45.79
C SER H 57 11.05 36.33 -45.14
N HIS H 58 11.11 37.47 -45.83
CA HIS H 58 10.41 38.65 -45.37
C HIS H 58 9.09 38.91 -46.09
N GLY H 59 8.85 38.24 -47.23
CA GLY H 59 7.63 38.32 -48.00
C GLY H 59 7.57 39.46 -49.00
N LYS H 60 6.80 39.22 -50.07
CA LYS H 60 5.66 40.11 -50.26
C LYS H 60 5.71 41.52 -49.57
N LEU H 61 4.89 41.79 -48.53
CA LEU H 61 4.72 43.11 -47.92
C LEU H 61 5.63 43.16 -46.71
N PHE H 62 6.62 44.04 -46.73
CA PHE H 62 7.49 44.13 -45.58
C PHE H 62 7.98 45.55 -45.35
N ALA H 63 8.49 45.80 -44.14
CA ALA H 63 9.03 47.09 -43.74
C ALA H 63 10.54 47.16 -43.85
N ASP H 64 11.23 46.20 -43.26
CA ASP H 64 12.67 46.09 -43.27
C ASP H 64 13.03 44.76 -43.93
N GLU H 65 13.78 44.82 -45.02
CA GLU H 65 14.21 43.63 -45.73
C GLU H 65 15.17 42.75 -44.95
N ASN H 66 15.53 43.11 -43.72
CA ASN H 66 16.35 42.26 -42.88
C ASN H 66 15.55 41.58 -41.79
N ASP H 67 14.28 41.98 -41.62
CA ASP H 67 13.35 41.32 -40.72
C ASP H 67 12.83 40.05 -41.39
N MET H 68 13.29 38.89 -40.92
CA MET H 68 12.93 37.61 -41.53
C MET H 68 12.06 36.76 -40.61
N GLY H 69 11.10 36.06 -41.22
CA GLY H 69 10.27 35.11 -40.52
C GLY H 69 10.41 33.72 -41.11
N LEU H 70 9.76 32.76 -40.45
CA LEU H 70 9.80 31.37 -40.84
C LEU H 70 8.63 31.02 -41.75
N LYS H 71 8.94 30.42 -42.91
CA LYS H 71 8.00 30.25 -44.00
C LYS H 71 7.95 28.80 -44.45
N THR H 72 6.74 28.32 -44.71
CA THR H 72 6.50 27.02 -45.32
C THR H 72 6.64 27.19 -46.83
N MET H 73 7.36 26.28 -47.49
CA MET H 73 7.71 26.44 -48.89
C MET H 73 6.94 25.56 -49.86
N GLN H 74 6.32 24.48 -49.40
CA GLN H 74 5.72 23.50 -50.30
C GLN H 74 4.24 23.32 -50.01
N ASP H 75 3.44 23.34 -51.07
CA ASP H 75 2.00 23.13 -50.93
C ASP H 75 1.68 21.68 -50.59
N ALA H 76 0.58 21.50 -49.86
CA ALA H 76 0.03 20.17 -49.57
C ALA H 76 1.08 19.28 -48.90
N ARG H 77 1.55 19.73 -47.75
CA ARG H 77 2.57 18.99 -47.02
C ARG H 77 2.26 19.04 -45.52
N PHE H 78 2.74 18.00 -44.81
CA PHE H 78 2.83 18.03 -43.36
C PHE H 78 4.14 18.69 -42.98
N TYR H 79 4.10 19.45 -41.89
CA TYR H 79 5.28 20.10 -41.35
C TYR H 79 5.55 19.65 -39.92
N SER H 80 6.84 19.66 -39.57
CA SER H 80 7.29 19.16 -38.26
C SER H 80 8.67 19.77 -38.00
N LEU H 81 8.68 20.84 -37.22
CA LEU H 81 9.91 21.55 -36.89
C LEU H 81 9.80 21.98 -35.43
N SER H 82 10.82 21.70 -34.62
CA SER H 82 10.74 21.95 -33.20
C SER H 82 12.09 22.49 -32.70
N ARG H 83 12.12 22.91 -31.44
CA ARG H 83 13.25 23.66 -30.92
C ARG H 83 13.20 23.65 -29.40
N LYS H 84 14.36 23.69 -28.77
CA LYS H 84 14.40 23.76 -27.32
C LYS H 84 14.22 25.20 -26.87
N PHE H 85 13.64 25.36 -25.68
CA PHE H 85 13.55 26.69 -25.08
C PHE H 85 14.94 27.20 -24.79
N ASP H 86 15.06 28.52 -24.73
CA ASP H 86 16.26 29.06 -24.12
C ASP H 86 16.32 28.61 -22.66
N LYS H 87 15.16 28.53 -21.99
CA LYS H 87 15.17 28.32 -20.54
C LYS H 87 13.87 27.60 -20.16
N VAL H 88 13.98 26.55 -19.33
CA VAL H 88 12.83 25.68 -19.03
C VAL H 88 11.83 26.37 -18.09
N VAL H 89 10.54 26.05 -18.26
CA VAL H 89 9.48 26.76 -17.54
C VAL H 89 9.15 26.07 -16.22
N ASP H 90 9.01 26.88 -15.17
CA ASP H 90 8.23 26.48 -13.99
C ASP H 90 7.47 27.74 -13.57
N ASN H 91 6.20 27.79 -13.95
CA ASN H 91 5.43 29.02 -13.79
C ASN H 91 4.69 29.10 -12.46
N LYS H 92 5.09 28.29 -11.48
CA LYS H 92 4.48 28.31 -10.15
C LYS H 92 4.45 29.73 -9.59
N ASP H 93 3.23 30.21 -9.31
CA ASP H 93 2.97 31.52 -8.69
C ASP H 93 3.43 32.69 -9.56
N LYS H 94 3.55 32.50 -10.88
CA LYS H 94 3.87 33.54 -11.84
C LYS H 94 2.96 33.38 -13.06
N PRO H 95 2.79 34.45 -13.83
CA PRO H 95 2.09 34.32 -15.12
C PRO H 95 2.94 33.59 -16.12
N LEU H 96 2.28 33.08 -17.16
CA LEU H 96 2.95 32.49 -18.31
C LEU H 96 2.40 33.13 -19.56
N VAL H 97 3.25 33.80 -20.33
CA VAL H 97 2.82 34.54 -21.51
C VAL H 97 3.44 33.87 -22.73
N ILE H 98 2.59 33.49 -23.68
CA ILE H 98 3.02 32.91 -24.95
C ILE H 98 2.43 33.72 -26.10
N VAL H 99 3.28 34.20 -26.99
CA VAL H 99 2.81 34.99 -28.11
C VAL H 99 3.73 34.78 -29.30
N TYR H 100 3.15 34.86 -30.49
CA TYR H 100 3.92 34.81 -31.73
C TYR H 100 3.04 35.37 -32.81
N THR H 101 3.64 35.64 -33.98
CA THR H 101 2.91 36.28 -35.05
C THR H 101 2.83 35.36 -36.26
N VAL H 102 1.68 35.42 -36.93
CA VAL H 102 1.38 34.69 -38.15
C VAL H 102 0.93 35.66 -39.23
N LYS H 103 1.46 35.47 -40.43
CA LYS H 103 1.03 36.18 -41.63
C LYS H 103 0.74 35.10 -42.66
N HIS H 104 -0.53 34.93 -43.01
CA HIS H 104 -0.88 34.05 -44.13
C HIS H 104 -0.91 34.90 -45.40
N GLU H 105 0.27 35.39 -45.77
CA GLU H 105 0.41 36.30 -46.89
C GLU H 105 0.00 35.64 -48.20
N GLN H 106 -0.03 34.30 -48.24
CA GLN H 106 -0.41 33.56 -49.43
C GLN H 106 -1.90 33.51 -49.69
N ASP H 107 -2.71 34.07 -48.80
CA ASP H 107 -4.17 33.92 -48.83
C ASP H 107 -4.55 32.45 -48.68
N ILE H 108 -4.47 31.94 -47.45
CA ILE H 108 -4.59 30.50 -47.20
C ILE H 108 -6.02 30.03 -47.42
N ASP H 109 -6.16 28.82 -47.97
CA ASP H 109 -7.44 28.15 -48.09
C ASP H 109 -7.70 27.22 -46.91
N CYS H 110 -6.75 26.33 -46.63
CA CYS H 110 -6.81 25.37 -45.54
C CYS H 110 -5.39 25.14 -45.05
N GLY H 111 -5.14 25.39 -43.76
CA GLY H 111 -3.83 25.16 -43.19
C GLY H 111 -3.73 25.51 -41.71
N GLY H 112 -2.80 24.87 -41.00
CA GLY H 112 -2.56 25.22 -39.61
C GLY H 112 -1.59 26.39 -39.46
N GLY H 113 -1.68 27.05 -38.32
CA GLY H 113 -0.79 28.15 -38.02
C GLY H 113 -0.50 28.21 -36.54
N TYR H 114 -0.65 27.07 -35.87
CA TYR H 114 -0.57 26.96 -34.43
C TYR H 114 0.76 26.33 -33.99
N ILE H 115 1.11 26.56 -32.73
CA ILE H 115 2.31 25.98 -32.14
C ILE H 115 1.91 24.94 -31.11
N LYS H 116 2.86 24.04 -30.83
CA LYS H 116 2.74 23.03 -29.79
C LYS H 116 3.86 23.26 -28.78
N LEU H 117 3.50 23.31 -27.50
CA LEU H 117 4.47 23.47 -26.41
C LEU H 117 4.60 22.16 -25.67
N MET H 118 5.83 21.67 -25.49
CA MET H 118 6.06 20.32 -24.97
C MET H 118 7.06 20.32 -23.82
N LEU H 119 7.14 19.17 -23.13
CA LEU H 119 8.10 18.96 -22.06
C LEU H 119 9.53 18.90 -22.63
N GLU H 120 10.51 19.27 -21.77
CA GLU H 120 11.92 19.50 -22.10
C GLU H 120 12.64 18.24 -22.56
N ASN H 121 12.06 17.07 -22.25
CA ASN H 121 12.50 15.70 -22.57
C ASN H 121 11.65 15.06 -23.67
N THR H 122 11.13 15.91 -24.54
CA THR H 122 10.55 15.53 -25.82
C THR H 122 11.64 15.23 -26.85
N ASP H 123 11.44 14.14 -27.61
CA ASP H 123 12.35 13.74 -28.69
C ASP H 123 12.05 14.57 -29.94
N LEU H 124 12.86 15.60 -30.20
CA LEU H 124 12.56 16.50 -31.32
C LEU H 124 12.84 15.85 -32.66
N GLU H 125 13.77 14.90 -32.70
CA GLU H 125 14.17 14.29 -33.96
C GLU H 125 13.10 13.36 -34.52
N ASP H 126 12.13 12.96 -33.71
CA ASP H 126 11.01 12.18 -34.21
C ASP H 126 9.68 12.92 -34.01
N PHE H 127 9.74 14.23 -33.73
CA PHE H 127 8.54 15.02 -33.47
C PHE H 127 7.53 14.87 -34.61
N ASN H 128 6.27 14.67 -34.23
CA ASN H 128 5.23 14.46 -35.22
C ASN H 128 3.87 14.65 -34.55
N SER H 129 2.81 14.42 -35.34
CA SER H 129 1.44 14.62 -34.90
C SER H 129 1.13 13.90 -33.60
N ASP H 130 1.82 12.79 -33.34
CA ASP H 130 1.53 11.93 -32.20
C ASP H 130 2.45 12.14 -31.01
N THR H 131 3.54 12.89 -31.16
CA THR H 131 4.31 13.22 -29.97
C THR H 131 3.36 13.88 -28.96
N PRO H 132 3.45 13.53 -27.69
CA PRO H 132 2.63 14.20 -26.67
C PRO H 132 2.93 15.69 -26.64
N TYR H 133 1.89 16.49 -26.37
CA TYR H 133 2.07 17.93 -26.20
C TYR H 133 1.32 18.44 -24.97
N ARG H 134 1.83 19.54 -24.43
CA ARG H 134 1.21 20.19 -23.27
C ARG H 134 0.24 21.29 -23.66
N ILE H 135 0.63 22.19 -24.53
CA ILE H 135 -0.26 23.25 -24.99
C ILE H 135 -0.25 23.30 -26.51
N MET H 136 -1.43 23.41 -27.10
CA MET H 136 -1.56 23.67 -28.53
C MET H 136 -2.33 24.96 -28.70
N PHE H 137 -1.71 25.92 -29.38
CA PHE H 137 -2.31 27.24 -29.42
C PHE H 137 -1.99 27.92 -30.75
N GLY H 138 -3.00 28.52 -31.38
CA GLY H 138 -2.81 29.31 -32.56
C GLY H 138 -3.88 29.13 -33.61
N PRO H 139 -3.81 29.93 -34.67
CA PRO H 139 -4.90 29.95 -35.66
C PRO H 139 -4.89 28.68 -36.50
N ASP H 140 -6.07 28.35 -37.01
CA ASP H 140 -6.26 27.22 -37.91
C ASP H 140 -7.38 27.61 -38.88
N ILE H 141 -7.09 27.63 -40.19
CA ILE H 141 -8.06 28.04 -41.20
C ILE H 141 -8.33 26.88 -42.16
N CYS H 142 -9.62 26.62 -42.44
CA CYS H 142 -9.96 25.64 -43.47
C CYS H 142 -11.36 25.92 -43.99
N GLY H 143 -11.48 26.43 -45.20
CA GLY H 143 -12.79 26.64 -45.76
C GLY H 143 -13.46 27.84 -45.13
N PRO H 144 -14.72 28.09 -45.52
CA PRO H 144 -15.44 29.26 -44.99
C PRO H 144 -15.84 29.10 -43.53
N GLU H 145 -15.72 27.90 -42.94
CA GLU H 145 -16.28 27.69 -41.63
C GLU H 145 -15.27 27.46 -40.51
N LYS H 146 -14.07 26.93 -40.81
CA LYS H 146 -13.02 26.80 -39.80
C LYS H 146 -12.18 28.09 -39.85
N ARG H 147 -12.32 28.89 -38.79
CA ARG H 147 -11.72 30.20 -38.46
C ARG H 147 -11.40 30.14 -36.97
N ALA H 148 -10.56 29.19 -36.51
CA ALA H 148 -10.44 28.92 -35.06
C ALA H 148 -9.04 29.17 -34.50
N VAL H 149 -8.99 29.61 -33.24
CA VAL H 149 -7.74 29.67 -32.47
C VAL H 149 -7.70 28.47 -31.54
N HIS H 150 -6.89 27.45 -31.85
CA HIS H 150 -6.75 26.34 -30.93
C HIS H 150 -6.19 26.87 -29.63
N SER H 151 -6.64 26.27 -28.54
CA SER H 151 -6.39 26.80 -27.21
C SER H 151 -6.50 25.62 -26.26
N ILE H 152 -5.70 24.60 -26.55
CA ILE H 152 -5.81 23.28 -25.95
C ILE H 152 -4.82 23.18 -24.80
N LEU H 153 -5.29 22.74 -23.64
CA LEU H 153 -4.48 22.65 -22.42
C LEU H 153 -4.30 21.17 -22.05
N TRP H 154 -3.62 20.93 -20.93
CA TRP H 154 -3.29 19.59 -20.46
C TRP H 154 -3.74 19.40 -19.03
N HIS H 155 -4.27 18.22 -18.71
CA HIS H 155 -4.59 17.90 -17.33
C HIS H 155 -4.63 16.39 -17.14
N ASP H 156 -3.84 15.89 -16.18
CA ASP H 156 -3.92 14.49 -15.72
C ASP H 156 -3.75 13.51 -16.87
N GLY H 157 -2.79 13.78 -17.73
CA GLY H 157 -2.48 12.87 -18.80
C GLY H 157 -3.25 13.08 -20.08
N LYS H 158 -4.07 14.14 -20.18
CA LYS H 158 -4.93 14.35 -21.34
C LYS H 158 -5.02 15.83 -21.68
N ASN H 159 -5.23 16.09 -22.98
CA ASN H 159 -5.44 17.41 -23.52
C ASN H 159 -6.92 17.72 -23.56
N TYR H 160 -7.23 18.99 -23.48
CA TYR H 160 -8.61 19.42 -23.43
C TYR H 160 -8.71 20.68 -24.27
N GLU H 161 -9.66 20.70 -25.19
CA GLU H 161 -9.88 21.86 -26.02
C GLU H 161 -10.63 22.95 -25.25
N LYS H 162 -10.29 24.21 -25.58
CA LYS H 162 -11.02 25.35 -25.04
C LYS H 162 -12.48 25.30 -25.36
N ARG H 163 -13.19 26.24 -24.82
CA ARG H 163 -14.30 25.42 -24.59
C ARG H 163 -15.28 25.83 -25.69
N LYS H 164 -15.23 27.15 -26.01
CA LYS H 164 -15.60 27.85 -27.25
C LYS H 164 -14.32 28.58 -27.69
N ASN H 165 -13.75 28.22 -28.86
CA ASN H 165 -12.48 28.77 -29.32
C ASN H 165 -12.58 30.21 -29.82
N ALA H 166 -11.48 30.95 -29.66
CA ALA H 166 -11.35 32.29 -30.24
C ALA H 166 -11.35 32.21 -31.77
N ILE H 167 -11.61 33.34 -32.39
CA ILE H 167 -11.75 33.43 -33.84
C ILE H 167 -10.42 33.83 -34.46
N ALA H 168 -10.03 33.12 -35.51
CA ALA H 168 -8.78 33.37 -36.21
C ALA H 168 -8.98 34.35 -37.34
N MET H 169 -7.91 35.09 -37.68
CA MET H 169 -7.90 36.00 -38.81
C MET H 169 -7.43 35.27 -40.06
N ALA H 170 -8.11 35.52 -41.17
CA ALA H 170 -7.79 34.81 -42.41
C ALA H 170 -7.29 35.74 -43.50
N ASP H 171 -7.01 36.99 -43.18
CA ASP H 171 -6.54 37.93 -44.18
C ASP H 171 -5.07 37.67 -44.48
N ILE H 172 -4.42 38.59 -45.18
CA ILE H 172 -3.07 38.38 -45.69
C ILE H 172 -2.01 39.12 -44.86
N PHE H 173 -2.35 39.56 -43.66
CA PHE H 173 -1.48 40.43 -42.88
C PHE H 173 -1.04 39.74 -41.60
N THR H 174 -0.17 40.43 -40.86
CA THR H 174 0.47 39.88 -39.67
C THR H 174 -0.47 39.98 -38.46
N HIS H 175 -0.55 38.89 -37.69
CA HIS H 175 -1.38 38.88 -36.48
C HIS H 175 -0.63 38.19 -35.33
N ALA H 176 -0.63 38.85 -34.16
CA ALA H 176 0.00 38.33 -32.94
C ALA H 176 -1.06 37.65 -32.07
N TYR H 177 -0.89 36.35 -31.86
CA TYR H 177 -1.77 35.56 -31.02
C TYR H 177 -1.08 35.31 -29.69
N LYS H 178 -1.77 35.59 -28.59
CA LYS H 178 -1.14 35.56 -27.27
C LYS H 178 -2.03 34.87 -26.26
N LEU H 179 -1.43 33.95 -25.51
CA LEU H 179 -2.12 33.22 -24.47
C LEU H 179 -1.40 33.44 -23.15
N ILE H 180 -2.14 33.90 -22.14
CA ILE H 180 -1.60 34.13 -20.81
C ILE H 180 -2.32 33.21 -19.83
N ILE H 181 -1.55 32.49 -19.03
CA ILE H 181 -2.08 31.61 -18.00
C ILE H 181 -1.61 32.16 -16.66
N PHE H 182 -2.56 32.43 -15.77
CA PHE H 182 -2.24 33.06 -14.51
C PHE H 182 -2.25 32.03 -13.37
N PRO H 183 -1.53 32.29 -12.27
CA PRO H 183 -1.44 31.28 -11.20
C PRO H 183 -2.69 31.17 -10.31
N ASN H 184 -3.74 31.96 -10.57
CA ASN H 184 -5.03 31.77 -9.93
C ASN H 184 -5.96 30.90 -10.76
N ASN H 185 -5.41 30.11 -11.70
CA ASN H 185 -6.15 29.20 -12.58
C ASN H 185 -7.03 29.97 -13.56
N SER H 186 -6.54 31.11 -14.03
CA SER H 186 -7.24 31.90 -15.02
C SER H 186 -6.33 32.16 -16.22
N TYR H 187 -6.95 32.65 -17.28
CA TYR H 187 -6.26 32.83 -18.55
C TYR H 187 -6.78 34.09 -19.23
N GLU H 188 -6.00 34.54 -20.20
CA GLU H 188 -6.37 35.55 -21.18
C GLU H 188 -5.95 35.03 -22.55
N ILE H 189 -6.70 35.40 -23.58
CA ILE H 189 -6.29 35.16 -24.96
C ILE H 189 -6.39 36.45 -25.76
N TRP H 190 -5.32 36.82 -26.44
CA TRP H 190 -5.30 38.05 -27.23
C TRP H 190 -5.07 37.79 -28.71
N VAL H 191 -5.77 38.54 -29.57
CA VAL H 191 -5.45 38.62 -30.98
C VAL H 191 -5.10 40.06 -31.30
N ASN H 192 -3.83 40.31 -31.61
CA ASN H 192 -3.26 41.65 -31.72
C ASN H 192 -3.48 42.30 -30.36
N ASN H 193 -4.08 43.50 -30.28
CA ASN H 193 -4.27 44.20 -29.03
C ASN H 193 -5.71 44.09 -28.52
N ASP H 194 -6.43 43.06 -28.95
CA ASP H 194 -7.80 42.82 -28.52
C ASP H 194 -7.84 41.59 -27.63
N LYS H 195 -8.34 41.73 -26.41
CA LYS H 195 -8.44 40.62 -25.47
C LYS H 195 -9.72 39.85 -25.83
N GLU H 196 -9.58 38.78 -26.61
CA GLU H 196 -10.75 38.08 -27.12
C GLU H 196 -11.41 37.12 -26.13
N ALA H 197 -10.71 36.71 -25.07
CA ALA H 197 -11.26 35.76 -24.10
C ALA H 197 -10.49 35.87 -22.79
N TYR H 198 -11.16 35.50 -21.69
CA TYR H 198 -10.55 35.48 -20.37
C TYR H 198 -11.54 34.89 -19.37
N GLY H 199 -11.03 34.42 -18.25
CA GLY H 199 -11.84 33.78 -17.24
C GLY H 199 -11.02 32.71 -16.54
N ARG H 200 -11.71 31.74 -15.96
CA ARG H 200 -11.06 30.65 -15.22
C ARG H 200 -10.89 29.44 -16.11
N LEU H 201 -9.77 28.74 -15.92
CA LEU H 201 -9.59 27.48 -16.64
C LEU H 201 -10.75 26.54 -16.36
N GLU H 202 -11.16 26.44 -15.09
CA GLU H 202 -12.20 25.50 -14.69
C GLU H 202 -13.54 25.82 -15.31
N ASP H 203 -13.77 27.07 -15.70
CA ASP H 203 -15.06 27.39 -16.31
C ASP H 203 -15.01 27.20 -17.81
N ASP H 204 -13.95 27.67 -18.43
CA ASP H 204 -13.88 27.74 -19.87
C ASP H 204 -13.28 26.49 -20.50
N TRP H 205 -12.82 25.55 -19.69
CA TRP H 205 -12.47 24.21 -20.15
C TRP H 205 -13.30 23.19 -19.37
N THR H 206 -13.20 21.92 -19.78
CA THR H 206 -13.80 20.80 -19.06
C THR H 206 -12.70 19.85 -18.57
N MET H 207 -11.66 20.41 -17.98
CA MET H 207 -10.58 19.56 -17.48
C MET H 207 -10.93 18.84 -16.17
N THR H 208 -11.83 19.39 -15.37
CA THR H 208 -12.15 18.92 -14.02
C THR H 208 -13.60 18.47 -13.92
N GLU H 209 -13.96 18.02 -12.72
CA GLU H 209 -15.34 17.69 -12.40
C GLU H 209 -16.25 18.89 -12.68
N PRO H 210 -17.51 18.66 -13.12
CA PRO H 210 -18.28 19.77 -13.74
C PRO H 210 -18.48 21.00 -12.87
N GLY H 211 -18.88 20.83 -11.61
CA GLY H 211 -18.99 21.95 -10.73
C GLY H 211 -17.60 22.45 -10.41
N SER H 212 -17.23 22.50 -9.15
CA SER H 212 -15.98 23.16 -8.85
C SER H 212 -15.57 22.67 -7.46
N GLY H 213 -14.27 22.40 -7.34
CA GLY H 213 -13.61 21.74 -6.22
C GLY H 213 -12.12 21.93 -6.47
N PRO H 214 -11.23 21.31 -5.67
CA PRO H 214 -9.82 21.72 -5.75
C PRO H 214 -8.94 21.05 -6.82
N VAL H 215 -8.45 21.83 -7.77
CA VAL H 215 -7.36 21.38 -8.64
C VAL H 215 -6.32 22.49 -8.59
N PRO H 216 -5.63 22.66 -7.46
CA PRO H 216 -4.95 23.95 -7.22
C PRO H 216 -3.94 24.33 -8.28
N GLU H 217 -3.19 23.37 -8.84
CA GLU H 217 -2.10 23.68 -9.76
C GLU H 217 -2.43 23.32 -11.21
N LEU H 218 -3.72 23.37 -11.55
CA LEU H 218 -4.14 23.20 -12.93
C LEU H 218 -3.38 24.13 -13.86
N TYR H 219 -3.09 25.36 -13.41
CA TYR H 219 -2.39 26.37 -14.20
C TYR H 219 -0.94 26.04 -14.47
N ARG H 220 -0.36 25.06 -13.77
CA ARG H 220 1.09 24.90 -13.74
C ARG H 220 1.55 23.98 -14.87
N TYR H 221 2.60 24.40 -15.58
CA TYR H 221 3.21 23.62 -16.67
C TYR H 221 4.71 23.44 -16.40
N LYS H 222 5.02 22.81 -15.27
CA LYS H 222 6.40 22.65 -14.85
C LYS H 222 7.11 21.73 -15.84
N GLY H 223 8.28 22.15 -16.28
CA GLY H 223 9.09 21.40 -17.23
C GLY H 223 8.87 21.72 -18.69
N LEU H 224 7.98 22.67 -19.00
CA LEU H 224 7.76 23.06 -20.39
C LEU H 224 9.04 23.63 -21.01
N GLY H 225 9.50 23.01 -22.10
CA GLY H 225 10.80 23.37 -22.63
C GLY H 225 11.01 23.24 -24.12
N ALA H 226 9.96 22.96 -24.88
CA ALA H 226 10.14 22.81 -26.31
C ALA H 226 8.95 23.39 -27.04
N ILE H 227 9.21 23.99 -28.19
CA ILE H 227 8.18 24.50 -29.08
C ILE H 227 8.31 23.78 -30.41
N GLY H 228 7.18 23.46 -31.02
CA GLY H 228 7.19 22.75 -32.27
C GLY H 228 6.06 23.22 -33.16
N PHE H 229 6.32 23.19 -34.47
CA PHE H 229 5.33 23.42 -35.51
C PHE H 229 4.98 22.06 -36.11
N GLU H 230 3.77 21.62 -35.88
CA GLU H 230 3.26 20.36 -36.40
C GLU H 230 2.02 20.77 -37.19
N LEU H 231 2.14 20.84 -38.51
CA LEU H 231 1.15 21.53 -39.32
C LEU H 231 0.84 20.76 -40.59
N TRP H 232 -0.38 20.97 -41.08
CA TRP H 232 -0.73 20.62 -42.44
C TRP H 232 -1.10 21.91 -43.14
N GLN H 233 -0.64 22.07 -44.37
CA GLN H 233 -1.02 23.24 -45.14
C GLN H 233 -1.38 22.79 -46.54
N VAL H 234 -2.44 23.37 -47.11
CA VAL H 234 -2.70 23.16 -48.53
C VAL H 234 -1.95 24.24 -49.29
N LYS H 235 -2.51 25.44 -49.34
CA LYS H 235 -1.84 26.59 -49.94
C LYS H 235 -0.79 27.10 -48.96
N SER H 236 0.49 26.81 -49.25
CA SER H 236 1.54 27.12 -48.28
C SER H 236 2.02 28.56 -48.43
N GLY H 237 3.00 28.94 -47.61
CA GLY H 237 3.58 30.26 -47.70
C GLY H 237 3.45 31.14 -46.47
N THR H 238 2.99 30.55 -45.36
CA THR H 238 2.79 31.30 -44.13
C THR H 238 4.12 31.73 -43.50
N ILE H 239 4.15 32.94 -42.94
CA ILE H 239 5.34 33.50 -42.32
C ILE H 239 5.06 33.57 -40.82
N PHE H 240 5.88 32.88 -40.02
CA PHE H 240 5.82 32.95 -38.56
C PHE H 240 6.99 33.77 -38.04
N ASP H 241 6.76 34.55 -36.99
CA ASP H 241 7.82 35.40 -36.46
C ASP H 241 7.53 35.71 -35.00
N ASN H 242 8.51 36.31 -34.33
CA ASN H 242 8.31 36.99 -33.03
C ASN H 242 7.75 36.08 -31.94
N ILE H 243 8.47 34.98 -31.70
CA ILE H 243 8.05 33.98 -30.73
C ILE H 243 8.64 34.39 -29.38
N LEU H 244 7.77 34.71 -28.42
CA LEU H 244 8.20 35.06 -27.07
C LEU H 244 7.39 34.29 -26.05
N ILE H 245 8.08 33.62 -25.13
CA ILE H 245 7.48 32.97 -23.98
C ILE H 245 8.18 33.50 -22.74
N THR H 246 7.43 34.19 -21.88
CA THR H 246 7.99 34.91 -20.76
C THR H 246 7.02 34.86 -19.58
N ASP H 247 7.49 35.33 -18.43
CA ASP H 247 6.67 35.44 -17.24
C ASP H 247 6.15 36.85 -17.04
N ASP H 248 6.42 37.76 -17.96
CA ASP H 248 6.07 39.17 -17.78
C ASP H 248 5.04 39.59 -18.83
N PRO H 249 3.75 39.66 -18.45
CA PRO H 249 2.70 40.10 -19.39
C PRO H 249 2.95 41.50 -19.90
N GLU H 250 3.66 42.29 -19.11
CA GLU H 250 3.96 43.68 -19.42
C GLU H 250 5.05 43.78 -20.48
N TYR H 251 6.09 42.96 -20.35
CA TYR H 251 7.15 42.92 -21.34
C TYR H 251 6.67 42.33 -22.65
N ALA H 252 5.79 41.33 -22.59
CA ALA H 252 5.30 40.70 -23.81
C ALA H 252 4.53 41.69 -24.67
N LYS H 253 3.77 42.57 -24.05
CA LYS H 253 3.08 43.58 -24.83
C LYS H 253 4.05 44.59 -25.47
N GLU H 254 5.16 44.96 -24.78
CA GLU H 254 6.10 45.88 -25.39
C GLU H 254 6.65 45.26 -26.64
N PHE H 255 7.08 44.02 -26.45
CA PHE H 255 7.97 43.35 -27.36
C PHE H 255 7.32 43.19 -28.69
N ILE H 256 6.04 42.82 -28.66
CA ILE H 256 5.28 42.67 -29.89
C ILE H 256 5.04 44.04 -30.51
N ASP H 257 4.61 45.01 -29.70
CA ASP H 257 4.35 46.35 -30.24
C ASP H 257 5.60 46.90 -30.91
N LYS H 258 6.76 46.64 -30.31
CA LYS H 258 8.03 47.10 -30.87
C LYS H 258 8.35 46.37 -32.17
N GLN H 259 8.31 45.03 -32.17
CA GLN H 259 8.68 44.31 -33.38
C GLN H 259 7.76 44.63 -34.54
N LEU H 260 6.49 44.94 -34.28
CA LEU H 260 5.55 45.23 -35.35
C LEU H 260 5.43 46.73 -35.62
N GLU H 261 6.27 47.54 -34.96
CA GLU H 261 6.21 49.00 -35.07
C GLU H 261 6.35 49.45 -36.51
N ALA H 262 7.39 48.96 -37.21
CA ALA H 262 7.64 49.36 -38.60
C ALA H 262 6.59 48.78 -39.54
N LEU H 263 6.17 47.54 -39.28
CA LEU H 263 5.29 46.79 -40.17
C LEU H 263 3.85 47.30 -40.13
N ARG H 264 3.27 47.45 -38.94
CA ARG H 264 1.85 47.81 -38.82
C ARG H 264 1.40 48.93 -39.75
N PRO H 265 2.12 50.05 -39.90
CA PRO H 265 1.62 51.11 -40.79
C PRO H 265 1.61 50.68 -42.24
N ILE H 266 2.67 50.03 -42.70
CA ILE H 266 2.73 49.53 -44.07
C ILE H 266 1.54 48.65 -44.38
N GLU H 267 1.24 47.70 -43.50
CA GLU H 267 0.11 46.83 -43.76
C GLU H 267 -1.20 47.63 -43.72
N LYS H 268 -1.30 48.63 -42.83
CA LYS H 268 -2.48 49.49 -42.76
C LYS H 268 -2.74 50.22 -44.07
N VAL H 269 -1.69 50.68 -44.76
CA VAL H 269 -1.92 51.38 -46.03
C VAL H 269 -2.52 50.42 -47.05
N GLU H 270 -2.01 49.19 -47.10
CA GLU H 270 -2.45 48.21 -48.08
C GLU H 270 -3.83 47.65 -47.76
N SER H 271 -4.24 47.60 -46.49
CA SER H 271 -5.60 47.15 -46.22
C SER H 271 -6.64 48.06 -46.86
N ASP H 272 -6.27 49.30 -47.14
CA ASP H 272 -7.20 50.29 -47.66
C ASP H 272 -6.83 50.68 -49.09
#